data_6V49
#
_entry.id   6V49
#
_cell.length_a   108.667
_cell.length_b   101.380
_cell.length_c   163.270
_cell.angle_alpha   90.000
_cell.angle_beta   90.740
_cell.angle_gamma   90.000
#
_symmetry.space_group_name_H-M   'C 1 2 1'
#
loop_
_entity.id
_entity.type
_entity.pdbx_description
1 polymer 'Hemagglutinin HA1 chain'
2 polymer 'Hemagglutinin HA2 chain'
3 branched 2-acetamido-2-deoxy-beta-D-glucopyranose-(1-4)-2-acetamido-2-deoxy-beta-D-glucopyranose
4 non-polymer 2-acetamido-2-deoxy-beta-D-glucopyranose
#
loop_
_entity_poly.entity_id
_entity_poly.type
_entity_poly.pdbx_seq_one_letter_code
_entity_poly.pdbx_strand_id
1 'polypeptide(L)'
;GDKICLGHHAVANGTKVNTLTERGVEVVNATETVEITGIDKVCTKGKKAVDLGSCGILGTIIGPPQCDLHLEFKADLIIE
RRNSSDICYPGRFTNEEALRQIIRESGGIDKESMGFRYSGIRTDGATSACKRSSSSFYSEMKWLSSSMNNQVFPQLNQTY
RNTRKEPALIVWGVHHSSSLDEQNKLYGTGNKLITVGSSKYQQSFSPSPGARPKVNGQAGRIDFHWMLLDPGDTVTFTFN
GAFIAPDRATFLRSNAPSGIEYNGKSLGIQSDAQIDESCEGECFYSGGTINSPLPFQNIDSRAVGKCPRYVKQSSLPLAL
GMKNVPEKIRTR
;
A,C,E
2 'polypeptide(L)'
;GLFGAIAGFIENGWEGLIDGWYGFRHQNAQGQGTAADYKSTQAAIDQITGKLNRLIEKTNKQFELIDNEFTEVEQQIGNV
INWTRDSLTEIWSYNAELLVAMENQHTIDLADSEMNKLYERVRRQLRENAEEDGTGCFEIFHRCDDQCMESIRNNTYNHT
EYRQEALQNRIMIN
;
B,D,F
#
# COMPACT_ATOMS: atom_id res chain seq x y z
N GLY A 1 52.29 29.92 -28.07
CA GLY A 1 52.47 28.78 -27.15
C GLY A 1 51.54 27.63 -27.52
N ASP A 2 52.10 26.43 -27.50
CA ASP A 2 51.42 25.17 -27.62
C ASP A 2 50.60 24.89 -26.37
N LYS A 3 49.43 24.26 -26.59
CA LYS A 3 48.38 24.08 -25.63
C LYS A 3 47.54 22.85 -25.96
N ILE A 4 47.02 22.18 -24.92
CA ILE A 4 46.06 21.09 -25.07
C ILE A 4 44.87 21.27 -24.11
N CYS A 5 43.64 21.05 -24.59
CA CYS A 5 42.45 21.32 -23.81
C CYS A 5 41.61 20.03 -23.67
N LEU A 6 40.92 19.85 -22.54
CA LEU A 6 40.03 18.71 -22.36
C LEU A 6 38.61 19.23 -22.37
N GLY A 7 37.68 18.47 -22.94
CA GLY A 7 36.39 19.04 -23.29
C GLY A 7 35.40 17.89 -23.47
N HIS A 8 34.11 18.24 -23.55
CA HIS A 8 33.08 17.24 -23.64
C HIS A 8 32.05 17.76 -24.64
N HIS A 9 31.20 16.85 -25.14
CA HIS A 9 30.31 17.32 -26.16
C HIS A 9 29.17 18.21 -25.61
N ALA A 10 28.46 18.81 -26.55
CA ALA A 10 27.29 19.63 -26.30
C ALA A 10 26.47 19.71 -27.59
N VAL A 11 25.21 20.07 -27.44
CA VAL A 11 24.34 20.22 -28.60
C VAL A 11 23.67 21.59 -28.52
N ALA A 12 23.14 22.05 -29.66
CA ALA A 12 22.53 23.37 -29.78
C ALA A 12 21.40 23.44 -28.77
N ASN A 13 20.50 22.42 -28.81
CA ASN A 13 19.35 22.37 -27.92
C ASN A 13 19.22 20.97 -27.31
N GLY A 14 19.15 20.92 -25.98
CA GLY A 14 18.96 19.63 -25.29
C GLY A 14 17.55 19.39 -24.73
N THR A 15 17.39 18.36 -23.89
CA THR A 15 16.08 18.08 -23.31
C THR A 15 16.14 18.35 -21.82
N LYS A 16 15.12 18.98 -21.28
CA LYS A 16 15.04 19.25 -19.86
C LYS A 16 14.62 17.97 -19.13
N VAL A 17 15.23 17.75 -17.95
CA VAL A 17 14.96 16.62 -17.08
C VAL A 17 15.00 17.10 -15.65
N ASN A 18 14.51 16.28 -14.72
CA ASN A 18 14.56 16.72 -13.35
C ASN A 18 15.65 15.97 -12.58
N THR A 19 16.27 16.66 -11.65
CA THR A 19 17.10 15.88 -10.76
C THR A 19 16.47 15.87 -9.37
N LEU A 20 17.29 15.65 -8.35
CA LEU A 20 16.89 15.81 -6.97
C LEU A 20 16.87 17.31 -6.63
N THR A 21 18.05 17.94 -6.54
CA THR A 21 18.17 19.38 -6.43
C THR A 21 17.17 20.10 -7.34
N GLU A 22 17.32 20.01 -8.67
CA GLU A 22 16.81 21.05 -9.57
C GLU A 22 15.78 20.49 -10.56
N ARG A 23 15.08 21.42 -11.24
CA ARG A 23 14.03 21.09 -12.20
C ARG A 23 14.38 21.75 -13.54
N GLY A 24 14.22 21.03 -14.65
CA GLY A 24 14.42 21.59 -15.97
C GLY A 24 15.90 21.73 -16.36
N VAL A 25 16.76 20.85 -15.80
CA VAL A 25 18.17 20.85 -16.21
C VAL A 25 18.30 20.12 -17.55
N GLU A 26 19.08 20.77 -18.44
CA GLU A 26 19.20 20.40 -19.85
C GLU A 26 20.30 19.36 -20.02
N VAL A 27 19.95 18.27 -20.69
CA VAL A 27 20.98 17.27 -20.92
C VAL A 27 21.09 17.01 -22.44
N VAL A 28 22.18 16.40 -22.85
CA VAL A 28 22.40 16.17 -24.26
C VAL A 28 21.29 15.30 -24.80
N ASN A 29 20.82 14.35 -23.99
CA ASN A 29 19.88 13.37 -24.47
C ASN A 29 19.09 12.74 -23.31
N ALA A 30 17.84 12.38 -23.62
CA ALA A 30 16.90 11.82 -22.66
C ALA A 30 15.96 10.81 -23.32
N THR A 31 15.31 10.01 -22.49
CA THR A 31 14.30 9.12 -23.04
C THR A 31 13.13 9.01 -22.07
N GLU A 32 11.96 8.80 -22.67
CA GLU A 32 10.72 8.69 -21.93
C GLU A 32 10.68 7.38 -21.16
N THR A 33 9.93 7.42 -20.07
CA THR A 33 9.85 6.41 -19.05
C THR A 33 8.41 5.91 -18.88
N VAL A 34 7.44 6.68 -19.41
CA VAL A 34 6.05 6.44 -19.12
C VAL A 34 5.34 6.17 -20.42
N GLU A 35 4.81 4.97 -20.59
CA GLU A 35 4.05 4.62 -21.80
C GLU A 35 2.69 5.29 -21.71
N ILE A 36 2.25 5.93 -22.81
CA ILE A 36 0.99 6.65 -22.83
C ILE A 36 0.09 6.14 -23.96
N THR A 37 0.58 5.21 -24.78
CA THR A 37 -0.25 4.75 -25.88
C THR A 37 -0.40 3.22 -25.80
N GLY A 38 -1.63 2.74 -26.02
CA GLY A 38 -1.89 1.31 -25.99
C GLY A 38 -2.13 0.75 -27.39
N ILE A 39 -2.19 -0.57 -27.52
CA ILE A 39 -2.63 -1.15 -28.78
C ILE A 39 -4.14 -1.32 -28.70
N ASP A 40 -4.90 -0.81 -29.68
CA ASP A 40 -6.35 -0.88 -29.55
C ASP A 40 -6.86 -2.24 -30.07
N LYS A 41 -6.10 -3.31 -29.79
CA LYS A 41 -6.46 -4.68 -30.11
C LYS A 41 -6.24 -5.53 -28.86
N VAL A 42 -6.92 -6.69 -28.79
CA VAL A 42 -6.53 -7.70 -27.82
C VAL A 42 -5.53 -8.62 -28.51
N CYS A 43 -4.31 -8.64 -27.98
CA CYS A 43 -3.20 -9.30 -28.64
C CYS A 43 -3.08 -10.72 -28.09
N THR A 44 -3.46 -11.69 -28.92
CA THR A 44 -3.75 -13.03 -28.43
C THR A 44 -2.81 -14.07 -29.05
N LYS A 45 -1.83 -13.61 -29.83
CA LYS A 45 -0.84 -14.51 -30.44
C LYS A 45 -0.14 -15.25 -29.30
N GLY A 46 -0.03 -16.58 -29.45
CA GLY A 46 0.72 -17.40 -28.52
C GLY A 46 -0.05 -17.82 -27.27
N LYS A 47 -1.37 -17.60 -27.23
CA LYS A 47 -2.21 -17.99 -26.11
C LYS A 47 -3.54 -18.52 -26.64
N LYS A 48 -4.25 -19.26 -25.80
CA LYS A 48 -5.58 -19.72 -26.12
C LYS A 48 -6.60 -18.74 -25.54
N ALA A 49 -7.39 -18.12 -26.40
CA ALA A 49 -8.28 -17.04 -26.03
C ALA A 49 -9.72 -17.38 -26.40
N VAL A 50 -10.67 -17.01 -25.53
CA VAL A 50 -12.04 -17.12 -25.99
C VAL A 50 -12.75 -15.78 -25.81
N ASP A 51 -13.39 -15.32 -26.88
CA ASP A 51 -14.20 -14.12 -26.85
C ASP A 51 -15.62 -14.55 -26.49
N LEU A 52 -16.04 -14.30 -25.24
CA LEU A 52 -17.31 -14.76 -24.72
C LEU A 52 -18.45 -14.01 -25.38
N GLY A 53 -18.18 -13.01 -26.22
CA GLY A 53 -19.24 -12.28 -26.92
C GLY A 53 -20.34 -11.81 -25.97
N SER A 54 -21.60 -12.03 -26.37
CA SER A 54 -22.76 -11.66 -25.57
C SER A 54 -23.00 -12.62 -24.40
N CYS A 55 -22.15 -13.64 -24.23
CA CYS A 55 -22.31 -14.62 -23.17
C CYS A 55 -21.62 -14.13 -21.91
N GLY A 56 -22.40 -13.74 -20.89
CA GLY A 56 -21.84 -13.46 -19.59
C GLY A 56 -21.08 -14.65 -19.02
N ILE A 57 -19.97 -14.37 -18.33
CA ILE A 57 -19.08 -15.42 -17.86
C ILE A 57 -19.79 -16.38 -16.89
N LEU A 58 -20.85 -15.95 -16.19
CA LEU A 58 -21.59 -16.82 -15.28
C LEU A 58 -22.54 -17.75 -16.07
N GLY A 59 -23.07 -17.26 -17.20
CA GLY A 59 -23.76 -18.06 -18.20
C GLY A 59 -23.03 -19.35 -18.60
N THR A 60 -21.70 -19.34 -18.68
CA THR A 60 -21.01 -20.55 -19.07
C THR A 60 -21.34 -21.68 -18.09
N ILE A 61 -21.83 -21.34 -16.90
CA ILE A 61 -22.02 -22.34 -15.86
C ILE A 61 -23.41 -22.95 -16.01
N ILE A 62 -24.40 -22.12 -16.27
CA ILE A 62 -25.77 -22.60 -16.21
C ILE A 62 -26.33 -22.81 -17.61
N GLY A 63 -25.79 -22.07 -18.59
CA GLY A 63 -26.02 -22.37 -20.00
C GLY A 63 -27.30 -21.77 -20.57
N PRO A 64 -27.47 -20.42 -20.56
CA PRO A 64 -28.51 -19.76 -21.35
C PRO A 64 -28.10 -19.92 -22.80
N PRO A 65 -29.02 -19.77 -23.79
CA PRO A 65 -28.72 -20.00 -25.21
C PRO A 65 -27.42 -19.35 -25.71
N GLN A 66 -27.28 -18.04 -25.43
CA GLN A 66 -26.16 -17.25 -25.95
C GLN A 66 -24.83 -17.85 -25.53
N CYS A 67 -24.81 -18.82 -24.61
CA CYS A 67 -23.56 -19.36 -24.09
C CYS A 67 -23.34 -20.79 -24.59
N ASP A 68 -24.13 -21.26 -25.55
CA ASP A 68 -24.08 -22.67 -25.97
C ASP A 68 -22.65 -23.15 -26.29
N LEU A 69 -21.86 -22.33 -26.99
CA LEU A 69 -20.57 -22.80 -27.45
C LEU A 69 -19.50 -22.68 -26.36
N HIS A 70 -19.90 -22.26 -25.14
CA HIS A 70 -18.92 -21.93 -24.13
C HIS A 70 -19.09 -22.78 -22.87
N LEU A 71 -19.74 -23.94 -22.97
CA LEU A 71 -20.13 -24.64 -21.75
C LEU A 71 -18.94 -25.41 -21.19
N GLU A 72 -17.91 -25.57 -22.02
CA GLU A 72 -16.78 -26.40 -21.66
C GLU A 72 -15.52 -25.78 -22.23
N PHE A 73 -15.40 -24.46 -22.14
CA PHE A 73 -14.32 -23.75 -22.81
C PHE A 73 -13.00 -24.05 -22.12
N LYS A 74 -11.95 -23.93 -22.92
CA LYS A 74 -10.58 -24.01 -22.46
C LYS A 74 -9.91 -22.71 -22.92
N ALA A 75 -9.41 -21.93 -21.95
CA ALA A 75 -8.92 -20.59 -22.30
C ALA A 75 -7.78 -20.18 -21.38
N ASP A 76 -6.78 -19.53 -21.99
CA ASP A 76 -5.67 -18.92 -21.29
C ASP A 76 -6.06 -17.50 -20.96
N LEU A 77 -6.84 -16.88 -21.84
CA LEU A 77 -7.28 -15.51 -21.71
C LEU A 77 -8.79 -15.50 -21.99
N ILE A 78 -9.58 -14.99 -21.03
CA ILE A 78 -11.02 -14.93 -21.21
C ILE A 78 -11.44 -13.46 -21.40
N ILE A 79 -12.08 -13.13 -22.52
CA ILE A 79 -12.52 -11.77 -22.80
C ILE A 79 -14.03 -11.64 -22.52
N GLU A 80 -14.42 -11.11 -21.35
CA GLU A 80 -15.77 -10.63 -21.14
C GLU A 80 -16.04 -9.43 -22.05
N ARG A 81 -17.28 -9.27 -22.52
CA ARG A 81 -17.67 -8.06 -23.25
C ARG A 81 -18.64 -7.24 -22.40
N ARG A 82 -18.81 -5.97 -22.79
CA ARG A 82 -19.60 -4.98 -22.08
C ARG A 82 -21.08 -5.36 -22.07
N ASN A 83 -21.60 -5.94 -23.16
CA ASN A 83 -23.04 -6.11 -23.22
C ASN A 83 -23.55 -7.41 -22.56
N SER A 84 -22.67 -8.40 -22.36
CA SER A 84 -22.93 -9.75 -21.86
C SER A 84 -24.14 -9.88 -20.93
N SER A 85 -24.79 -11.05 -20.96
CA SER A 85 -25.76 -11.47 -19.95
C SER A 85 -25.49 -12.90 -19.49
N ASP A 86 -25.61 -13.12 -18.17
CA ASP A 86 -25.49 -14.46 -17.66
C ASP A 86 -26.81 -15.23 -17.81
N ILE A 87 -27.89 -14.54 -18.21
CA ILE A 87 -29.21 -15.10 -18.01
C ILE A 87 -30.02 -15.08 -19.31
N CYS A 88 -31.16 -15.79 -19.28
CA CYS A 88 -32.24 -15.62 -20.22
C CYS A 88 -33.53 -15.36 -19.43
N TYR A 89 -33.88 -16.28 -18.53
CA TYR A 89 -34.93 -16.00 -17.57
C TYR A 89 -34.34 -15.10 -16.49
N PRO A 90 -34.92 -13.91 -16.20
CA PRO A 90 -34.24 -12.88 -15.40
C PRO A 90 -33.85 -13.34 -14.00
N GLY A 91 -32.69 -12.84 -13.49
CA GLY A 91 -32.22 -13.19 -12.16
C GLY A 91 -30.76 -12.84 -11.84
N ARG A 92 -30.34 -13.16 -10.62
CA ARG A 92 -29.04 -12.79 -10.09
C ARG A 92 -28.42 -14.01 -9.47
N PHE A 93 -27.09 -13.98 -9.38
CA PHE A 93 -26.35 -14.83 -8.46
C PHE A 93 -26.13 -14.11 -7.12
N THR A 94 -26.32 -14.82 -6.00
CA THR A 94 -25.75 -14.38 -4.74
C THR A 94 -24.22 -14.53 -4.81
N ASN A 95 -23.51 -13.50 -4.32
CA ASN A 95 -22.06 -13.54 -4.30
C ASN A 95 -21.52 -13.58 -5.74
N GLU A 96 -22.12 -12.77 -6.62
CA GLU A 96 -21.88 -12.89 -8.03
C GLU A 96 -20.43 -12.54 -8.39
N GLU A 97 -19.90 -11.54 -7.71
CA GLU A 97 -18.59 -11.10 -8.10
C GLU A 97 -17.55 -12.15 -7.72
N ALA A 98 -17.73 -12.78 -6.56
CA ALA A 98 -16.77 -13.78 -6.11
C ALA A 98 -16.59 -14.86 -7.18
N LEU A 99 -17.73 -15.41 -7.65
CA LEU A 99 -17.78 -16.43 -8.68
C LEU A 99 -17.13 -15.96 -9.99
N ARG A 100 -17.47 -14.76 -10.46
CA ARG A 100 -16.81 -14.22 -11.64
C ARG A 100 -15.30 -14.35 -11.51
N GLN A 101 -14.81 -14.16 -10.28
CA GLN A 101 -13.36 -14.17 -10.10
C GLN A 101 -12.91 -15.62 -10.21
N ILE A 102 -13.75 -16.54 -9.77
CA ILE A 102 -13.40 -17.94 -9.76
C ILE A 102 -13.27 -18.44 -11.21
N ILE A 103 -14.24 -18.06 -12.05
CA ILE A 103 -14.26 -18.51 -13.44
C ILE A 103 -13.09 -17.88 -14.20
N ARG A 104 -12.88 -16.57 -14.00
CA ARG A 104 -11.82 -15.82 -14.67
C ARG A 104 -10.44 -16.49 -14.59
N GLU A 105 -10.10 -17.10 -13.46
CA GLU A 105 -8.80 -17.74 -13.30
C GLU A 105 -8.87 -19.25 -13.57
N SER A 106 -10.07 -19.76 -13.90
CA SER A 106 -10.33 -21.19 -13.89
C SER A 106 -9.47 -21.94 -14.90
N GLY A 107 -9.20 -21.29 -16.05
CA GLY A 107 -8.53 -21.94 -17.18
C GLY A 107 -9.55 -22.63 -18.08
N GLY A 108 -10.83 -22.33 -17.80
CA GLY A 108 -11.94 -22.95 -18.48
C GLY A 108 -12.63 -23.90 -17.53
N ILE A 109 -13.76 -24.42 -18.00
CA ILE A 109 -14.63 -25.23 -17.18
C ILE A 109 -14.91 -26.56 -17.85
N ASP A 110 -15.20 -27.55 -17.01
CA ASP A 110 -15.43 -28.91 -17.47
C ASP A 110 -16.66 -29.36 -16.70
N LYS A 111 -17.60 -30.01 -17.41
CA LYS A 111 -18.88 -30.41 -16.85
C LYS A 111 -18.94 -31.92 -16.68
N GLU A 112 -19.76 -32.36 -15.71
CA GLU A 112 -19.94 -33.76 -15.39
C GLU A 112 -21.32 -33.85 -14.75
N SER A 113 -22.05 -34.87 -15.16
CA SER A 113 -23.43 -35.07 -14.74
C SER A 113 -23.46 -35.39 -13.25
N MET A 114 -24.57 -35.03 -12.60
CA MET A 114 -24.71 -35.34 -11.18
C MET A 114 -25.64 -36.54 -10.93
N GLY A 115 -26.17 -37.11 -12.03
CA GLY A 115 -27.03 -38.28 -11.97
C GLY A 115 -28.26 -38.07 -11.08
N PHE A 116 -28.92 -36.91 -11.21
CA PHE A 116 -30.25 -36.79 -10.64
C PHE A 116 -31.25 -37.28 -11.67
N ARG A 117 -32.12 -38.23 -11.29
CA ARG A 117 -33.31 -38.55 -12.08
C ARG A 117 -34.56 -38.32 -11.24
N TYR A 118 -35.69 -38.08 -11.93
CA TYR A 118 -36.97 -37.76 -11.31
C TYR A 118 -38.04 -38.72 -11.80
N SER A 119 -39.29 -38.56 -11.34
CA SER A 119 -40.34 -39.43 -11.83
C SER A 119 -41.74 -38.87 -11.55
N GLY A 120 -41.90 -38.21 -10.40
CA GLY A 120 -43.23 -37.72 -10.05
C GLY A 120 -43.68 -36.60 -10.98
N ILE A 121 -42.73 -35.85 -11.53
CA ILE A 121 -42.94 -34.45 -11.86
C ILE A 121 -42.61 -34.20 -13.32
N ARG A 122 -42.86 -32.98 -13.78
CA ARG A 122 -42.30 -32.48 -15.04
C ARG A 122 -40.93 -31.85 -14.77
N THR A 123 -39.97 -32.20 -15.64
CA THR A 123 -38.61 -31.76 -15.45
C THR A 123 -38.16 -31.08 -16.74
N ASP A 124 -39.07 -30.39 -17.40
CA ASP A 124 -38.78 -29.89 -18.74
C ASP A 124 -39.45 -28.55 -18.95
N GLY A 125 -39.73 -27.84 -17.86
CA GLY A 125 -40.17 -26.45 -17.94
C GLY A 125 -39.35 -25.67 -18.98
N ALA A 126 -40.04 -24.85 -19.78
CA ALA A 126 -39.39 -24.05 -20.80
C ALA A 126 -40.06 -22.67 -20.86
N THR A 127 -39.25 -21.65 -21.25
CA THR A 127 -39.71 -20.27 -21.28
C THR A 127 -39.41 -19.64 -22.63
N SER A 128 -40.17 -18.60 -22.98
CA SER A 128 -39.95 -17.80 -24.17
C SER A 128 -38.72 -16.90 -24.01
N ALA A 129 -38.26 -16.68 -22.77
CA ALA A 129 -37.10 -15.84 -22.50
C ALA A 129 -35.80 -16.55 -22.89
N CYS A 130 -35.85 -17.89 -22.95
CA CYS A 130 -34.71 -18.70 -23.36
C CYS A 130 -35.00 -19.36 -24.71
N LYS A 131 -35.22 -18.54 -25.74
CA LYS A 131 -35.40 -19.00 -27.12
C LYS A 131 -34.10 -19.59 -27.67
N ARG A 132 -34.19 -20.82 -28.17
CA ARG A 132 -33.05 -21.44 -28.84
C ARG A 132 -33.46 -21.99 -30.20
N SER A 133 -34.74 -21.82 -30.55
CA SER A 133 -35.41 -22.46 -31.67
C SER A 133 -36.89 -22.24 -31.47
N SER A 134 -37.43 -22.88 -30.42
CA SER A 134 -38.79 -22.63 -29.97
C SER A 134 -38.78 -21.95 -28.62
N SER A 135 -38.63 -22.76 -27.58
CA SER A 135 -38.53 -22.32 -26.20
C SER A 135 -37.69 -23.39 -25.53
N SER A 136 -36.68 -22.97 -24.76
CA SER A 136 -36.00 -23.96 -23.93
C SER A 136 -35.60 -23.37 -22.57
N PHE A 137 -34.51 -23.88 -21.97
CA PHE A 137 -34.14 -23.45 -20.62
C PHE A 137 -32.62 -23.31 -20.45
N TYR A 138 -32.19 -23.27 -19.20
CA TYR A 138 -30.76 -23.33 -18.94
C TYR A 138 -30.30 -24.74 -19.22
N SER A 139 -29.67 -24.90 -20.39
CA SER A 139 -28.98 -26.10 -20.84
C SER A 139 -28.48 -26.98 -19.69
N GLU A 140 -27.99 -26.38 -18.59
CA GLU A 140 -27.29 -27.16 -17.58
C GLU A 140 -28.18 -27.44 -16.36
N MET A 141 -29.41 -26.91 -16.37
CA MET A 141 -30.33 -27.26 -15.30
C MET A 141 -31.70 -27.67 -15.81
N LYS A 142 -32.60 -27.88 -14.85
CA LYS A 142 -33.91 -28.45 -15.12
C LYS A 142 -34.93 -27.75 -14.23
N TRP A 143 -35.94 -27.16 -14.87
CA TRP A 143 -37.00 -26.51 -14.13
C TRP A 143 -38.05 -27.55 -13.68
N LEU A 144 -37.99 -27.94 -12.40
CA LEU A 144 -38.87 -28.93 -11.80
C LEU A 144 -40.23 -28.30 -11.53
N SER A 145 -41.19 -28.59 -12.40
CA SER A 145 -42.56 -28.08 -12.30
C SER A 145 -43.53 -29.16 -11.81
N SER A 146 -44.73 -28.70 -11.43
CA SER A 146 -45.80 -29.56 -10.96
C SER A 146 -46.24 -30.43 -12.14
N SER A 147 -46.51 -31.70 -11.86
CA SER A 147 -46.71 -32.67 -12.93
C SER A 147 -48.03 -32.49 -13.70
N MET A 148 -49.01 -31.84 -13.08
CA MET A 148 -50.34 -31.82 -13.66
C MET A 148 -50.69 -30.39 -14.04
N ASN A 149 -51.11 -29.59 -13.04
CA ASN A 149 -51.44 -28.20 -13.26
C ASN A 149 -51.55 -27.49 -11.93
N ASN A 150 -52.43 -27.96 -11.05
CA ASN A 150 -52.48 -27.33 -9.73
C ASN A 150 -52.22 -28.36 -8.64
N GLN A 151 -51.28 -29.27 -8.88
CA GLN A 151 -50.94 -30.34 -7.96
C GLN A 151 -49.92 -29.88 -6.92
N VAL A 152 -50.18 -30.17 -5.64
CA VAL A 152 -49.19 -29.91 -4.60
C VAL A 152 -47.93 -30.73 -4.93
N PHE A 153 -46.79 -30.32 -4.39
CA PHE A 153 -45.51 -30.79 -4.91
C PHE A 153 -44.78 -31.64 -3.87
N PRO A 154 -44.36 -32.85 -4.27
CA PRO A 154 -43.66 -33.81 -3.40
C PRO A 154 -42.48 -33.28 -2.58
N GLN A 155 -42.29 -33.88 -1.40
CA GLN A 155 -41.28 -33.46 -0.44
C GLN A 155 -39.97 -34.21 -0.74
N LEU A 156 -39.30 -33.84 -1.85
CA LEU A 156 -38.24 -34.62 -2.48
C LEU A 156 -36.85 -34.36 -1.90
N ASN A 157 -36.02 -35.41 -1.92
CA ASN A 157 -34.60 -35.32 -1.60
C ASN A 157 -33.80 -35.65 -2.87
N GLN A 158 -32.56 -35.13 -2.94
CA GLN A 158 -31.59 -35.43 -3.98
C GLN A 158 -30.21 -35.30 -3.34
N THR A 159 -29.30 -36.20 -3.69
CA THR A 159 -28.00 -36.18 -3.05
C THR A 159 -26.92 -36.42 -4.10
N TYR A 160 -25.76 -35.73 -3.97
CA TYR A 160 -24.65 -35.82 -4.90
C TYR A 160 -23.32 -35.71 -4.15
N ARG A 161 -22.49 -36.76 -4.22
CA ARG A 161 -21.19 -36.76 -3.56
C ARG A 161 -20.13 -36.43 -4.60
N ASN A 162 -19.22 -35.52 -4.22
CA ASN A 162 -18.13 -35.10 -5.08
C ASN A 162 -17.13 -36.23 -5.22
N THR A 163 -17.13 -36.83 -6.41
CA THR A 163 -16.28 -37.97 -6.65
C THR A 163 -14.82 -37.53 -6.74
N ARG A 164 -14.57 -36.40 -7.43
CA ARG A 164 -13.26 -36.04 -7.92
C ARG A 164 -12.35 -35.66 -6.75
N LYS A 165 -11.08 -35.38 -7.07
CA LYS A 165 -10.14 -34.88 -6.07
C LYS A 165 -9.98 -33.36 -6.20
N GLU A 166 -10.82 -32.73 -7.03
CA GLU A 166 -10.92 -31.28 -7.16
C GLU A 166 -12.22 -30.82 -6.51
N PRO A 167 -12.39 -29.50 -6.21
CA PRO A 167 -13.69 -28.96 -5.79
C PRO A 167 -14.69 -28.98 -6.95
N ALA A 168 -15.96 -29.23 -6.62
CA ALA A 168 -17.05 -29.18 -7.58
C ALA A 168 -17.86 -27.89 -7.41
N LEU A 169 -18.22 -27.22 -8.51
CA LEU A 169 -19.06 -26.02 -8.43
C LEU A 169 -20.52 -26.34 -8.74
N ILE A 170 -21.34 -26.30 -7.70
CA ILE A 170 -22.75 -26.67 -7.81
C ILE A 170 -23.58 -25.39 -7.73
N VAL A 171 -24.57 -25.24 -8.60
CA VAL A 171 -25.44 -24.07 -8.55
C VAL A 171 -26.89 -24.49 -8.68
N TRP A 172 -27.77 -23.83 -7.92
CA TRP A 172 -29.18 -24.15 -7.99
C TRP A 172 -29.93 -22.83 -7.97
N GLY A 173 -31.20 -22.90 -8.34
CA GLY A 173 -32.02 -21.70 -8.44
C GLY A 173 -33.32 -21.84 -7.63
N VAL A 174 -33.83 -20.68 -7.17
CA VAL A 174 -35.12 -20.54 -6.52
C VAL A 174 -36.01 -19.68 -7.42
N HIS A 175 -37.22 -20.18 -7.68
CA HIS A 175 -38.10 -19.57 -8.67
C HIS A 175 -39.16 -18.67 -8.03
N HIS A 176 -38.91 -17.36 -8.16
CA HIS A 176 -39.82 -16.34 -7.65
C HIS A 176 -40.87 -16.02 -8.73
N SER A 177 -42.03 -16.66 -8.64
CA SER A 177 -43.09 -16.52 -9.64
C SER A 177 -43.72 -15.13 -9.57
N SER A 178 -44.42 -14.77 -10.66
CA SER A 178 -44.97 -13.43 -10.86
C SER A 178 -46.17 -13.13 -9.95
N SER A 179 -46.92 -14.18 -9.57
CA SER A 179 -48.11 -14.10 -8.75
C SER A 179 -48.19 -15.36 -7.87
N LEU A 180 -48.96 -15.29 -6.77
CA LEU A 180 -49.17 -16.43 -5.88
C LEU A 180 -50.14 -17.39 -6.52
N ASP A 181 -50.85 -16.93 -7.57
CA ASP A 181 -51.67 -17.84 -8.36
C ASP A 181 -50.76 -18.77 -9.16
N GLU A 182 -49.75 -18.18 -9.81
CA GLU A 182 -48.86 -18.93 -10.69
C GLU A 182 -47.97 -19.85 -9.87
N GLN A 183 -47.51 -19.39 -8.70
CA GLN A 183 -46.68 -20.22 -7.84
C GLN A 183 -47.44 -21.51 -7.54
N ASN A 184 -48.58 -21.42 -6.85
CA ASN A 184 -49.28 -22.64 -6.49
C ASN A 184 -49.97 -23.27 -7.70
N LYS A 185 -50.02 -22.54 -8.83
CA LYS A 185 -50.39 -23.18 -10.08
C LYS A 185 -49.26 -24.06 -10.61
N LEU A 186 -48.01 -23.62 -10.46
CA LEU A 186 -46.91 -24.38 -11.04
C LEU A 186 -46.35 -25.35 -10.00
N TYR A 187 -46.73 -25.19 -8.73
CA TYR A 187 -46.21 -26.05 -7.69
C TYR A 187 -47.34 -26.42 -6.73
N GLY A 188 -47.01 -26.61 -5.44
CA GLY A 188 -48.00 -26.82 -4.39
C GLY A 188 -48.43 -25.54 -3.67
N THR A 189 -49.37 -25.66 -2.73
CA THR A 189 -50.02 -24.48 -2.20
C THR A 189 -49.37 -24.02 -0.89
N GLY A 190 -49.16 -24.94 0.06
CA GLY A 190 -48.55 -24.61 1.34
C GLY A 190 -47.13 -24.08 1.14
N ASN A 191 -46.67 -23.26 2.09
CA ASN A 191 -45.33 -22.68 2.10
C ASN A 191 -44.30 -23.66 1.57
N LYS A 192 -43.35 -23.15 0.76
CA LYS A 192 -42.36 -24.01 0.12
C LYS A 192 -40.96 -23.66 0.58
N LEU A 193 -40.18 -24.73 0.80
CA LEU A 193 -38.89 -24.59 1.47
C LEU A 193 -37.85 -25.41 0.72
N ILE A 194 -36.63 -24.86 0.67
CA ILE A 194 -35.51 -25.52 0.03
C ILE A 194 -34.35 -25.54 1.02
N THR A 195 -33.92 -26.75 1.41
CA THR A 195 -32.79 -26.88 2.32
C THR A 195 -31.62 -27.52 1.59
N VAL A 196 -30.46 -26.87 1.70
CA VAL A 196 -29.26 -27.30 0.99
C VAL A 196 -28.13 -27.53 1.98
N GLY A 197 -27.67 -28.78 2.07
CA GLY A 197 -26.73 -29.19 3.10
C GLY A 197 -25.42 -29.72 2.53
N SER A 198 -24.33 -29.11 2.95
CA SER A 198 -23.00 -29.64 2.77
C SER A 198 -22.50 -30.15 4.12
N SER A 199 -21.28 -30.69 4.16
CA SER A 199 -20.54 -30.81 5.41
C SER A 199 -20.42 -29.42 6.03
N LYS A 200 -19.91 -28.47 5.23
CA LYS A 200 -19.63 -27.10 5.62
C LYS A 200 -20.87 -26.23 5.47
N TYR A 201 -21.31 -25.96 4.23
CA TYR A 201 -22.52 -25.18 3.94
C TYR A 201 -23.77 -25.84 4.55
N GLN A 202 -24.80 -25.04 4.87
CA GLN A 202 -25.96 -25.57 5.59
C GLN A 202 -27.26 -24.77 5.46
N GLN A 203 -27.23 -23.60 4.78
CA GLN A 203 -28.33 -22.65 4.87
C GLN A 203 -29.56 -23.07 4.04
N SER A 204 -30.64 -22.29 4.15
CA SER A 204 -31.90 -22.58 3.45
C SER A 204 -32.41 -21.35 2.70
N PHE A 205 -33.57 -21.50 2.06
CA PHE A 205 -34.18 -20.53 1.16
C PHE A 205 -35.64 -20.93 0.99
N SER A 206 -36.49 -19.93 0.76
CA SER A 206 -37.88 -20.13 0.37
C SER A 206 -38.28 -19.09 -0.68
N PRO A 207 -39.39 -19.30 -1.43
CA PRO A 207 -39.74 -18.44 -2.57
C PRO A 207 -40.67 -17.29 -2.22
N SER A 208 -40.33 -16.12 -2.79
CA SER A 208 -41.11 -14.91 -2.62
C SER A 208 -41.94 -14.66 -3.88
N PRO A 209 -43.21 -15.13 -3.94
CA PRO A 209 -44.09 -14.79 -5.06
C PRO A 209 -44.48 -13.32 -5.00
N GLY A 210 -44.95 -12.78 -6.12
CA GLY A 210 -45.18 -11.34 -6.27
C GLY A 210 -44.65 -10.82 -7.61
N ALA A 211 -45.35 -9.81 -8.13
CA ALA A 211 -45.08 -9.25 -9.45
C ALA A 211 -43.89 -8.29 -9.37
N ARG A 212 -42.97 -8.49 -10.31
CA ARG A 212 -41.82 -7.62 -10.53
C ARG A 212 -41.90 -7.01 -11.92
N PRO A 213 -41.21 -5.86 -12.18
CA PRO A 213 -41.12 -5.28 -13.52
C PRO A 213 -40.68 -6.36 -14.48
N LYS A 214 -41.30 -6.38 -15.66
CA LYS A 214 -40.99 -7.41 -16.64
C LYS A 214 -39.55 -7.24 -17.13
N VAL A 215 -38.78 -8.34 -17.15
CA VAL A 215 -37.44 -8.39 -17.72
C VAL A 215 -37.34 -9.60 -18.68
N ASN A 216 -37.12 -9.31 -19.98
CA ASN A 216 -37.34 -10.25 -21.07
C ASN A 216 -38.79 -10.78 -20.99
N GLY A 217 -39.72 -9.84 -20.71
CA GLY A 217 -41.14 -10.19 -20.61
C GLY A 217 -41.45 -11.26 -19.56
N GLN A 218 -40.64 -11.34 -18.50
CA GLN A 218 -40.94 -12.20 -17.36
C GLN A 218 -40.95 -11.38 -16.08
N ALA A 219 -42.06 -11.47 -15.33
CA ALA A 219 -42.20 -10.86 -14.02
C ALA A 219 -41.50 -11.72 -12.96
N GLY A 220 -41.32 -13.02 -13.27
CA GLY A 220 -40.60 -13.90 -12.38
C GLY A 220 -39.08 -13.65 -12.31
N ARG A 221 -38.43 -14.32 -11.36
CA ARG A 221 -37.00 -14.27 -11.20
C ARG A 221 -36.49 -15.62 -10.71
N ILE A 222 -35.18 -15.86 -10.88
CA ILE A 222 -34.48 -16.91 -10.17
C ILE A 222 -33.28 -16.33 -9.41
N ASP A 223 -33.27 -16.56 -8.08
CA ASP A 223 -32.08 -16.44 -7.25
C ASP A 223 -31.17 -17.62 -7.59
N PHE A 224 -29.98 -17.33 -8.09
CA PHE A 224 -29.03 -18.40 -8.28
C PHE A 224 -28.07 -18.42 -7.09
N HIS A 225 -27.83 -19.61 -6.56
CA HIS A 225 -27.01 -19.82 -5.38
C HIS A 225 -25.99 -20.89 -5.69
N TRP A 226 -24.79 -20.75 -5.11
CA TRP A 226 -23.72 -21.64 -5.49
C TRP A 226 -22.83 -21.99 -4.29
N MET A 227 -22.12 -23.10 -4.44
CA MET A 227 -21.29 -23.65 -3.37
C MET A 227 -20.09 -24.31 -4.06
N LEU A 228 -18.94 -24.31 -3.39
CA LEU A 228 -17.86 -25.17 -3.82
C LEU A 228 -17.84 -26.38 -2.88
N LEU A 229 -18.11 -27.58 -3.43
CA LEU A 229 -18.17 -28.79 -2.65
C LEU A 229 -16.82 -29.48 -2.66
N ASP A 230 -16.26 -29.70 -1.46
CA ASP A 230 -14.88 -30.16 -1.29
C ASP A 230 -14.75 -31.61 -1.75
N PRO A 231 -13.55 -32.05 -2.18
CA PRO A 231 -13.32 -33.48 -2.45
C PRO A 231 -13.75 -34.37 -1.29
N GLY A 232 -14.64 -35.34 -1.59
CA GLY A 232 -15.09 -36.29 -0.58
C GLY A 232 -16.45 -35.94 -0.02
N ASP A 233 -16.69 -34.63 0.13
CA ASP A 233 -17.91 -34.11 0.74
C ASP A 233 -19.13 -34.35 -0.16
N THR A 234 -20.30 -34.25 0.44
CA THR A 234 -21.56 -34.50 -0.26
C THR A 234 -22.52 -33.34 0.01
N VAL A 235 -23.52 -33.15 -0.86
CA VAL A 235 -24.48 -32.08 -0.74
C VAL A 235 -25.89 -32.65 -0.90
N THR A 236 -26.82 -32.23 -0.05
CA THR A 236 -28.20 -32.72 -0.09
C THR A 236 -29.18 -31.57 -0.33
N PHE A 237 -29.97 -31.72 -1.38
CA PHE A 237 -31.03 -30.78 -1.68
C PHE A 237 -32.35 -31.38 -1.22
N THR A 238 -33.03 -30.66 -0.33
CA THR A 238 -34.37 -31.07 0.07
C THR A 238 -35.35 -29.91 -0.16
N PHE A 239 -36.42 -30.19 -0.91
CA PHE A 239 -37.20 -29.17 -1.59
C PHE A 239 -38.59 -29.71 -1.94
N ASN A 240 -39.60 -28.81 -2.01
CA ASN A 240 -41.01 -29.13 -2.18
C ASN A 240 -41.68 -28.22 -3.21
N GLY A 241 -40.88 -27.63 -4.10
CA GLY A 241 -41.34 -26.75 -5.17
C GLY A 241 -40.38 -25.58 -5.41
N ALA A 242 -40.69 -24.80 -6.46
CA ALA A 242 -39.96 -23.57 -6.77
C ALA A 242 -38.46 -23.85 -6.97
N PHE A 243 -38.10 -25.07 -7.36
CA PHE A 243 -36.70 -25.49 -7.40
C PHE A 243 -36.19 -25.65 -8.82
N ILE A 244 -35.12 -24.93 -9.14
CA ILE A 244 -34.48 -25.07 -10.44
C ILE A 244 -33.23 -25.86 -10.16
N ALA A 245 -33.18 -27.07 -10.71
CA ALA A 245 -32.24 -28.04 -10.20
C ALA A 245 -30.95 -28.06 -11.05
N PRO A 246 -29.78 -28.30 -10.42
CA PRO A 246 -28.57 -28.53 -11.19
C PRO A 246 -28.68 -29.87 -11.93
N ASP A 247 -28.15 -29.92 -13.15
CA ASP A 247 -28.05 -31.17 -13.86
C ASP A 247 -26.59 -31.63 -13.98
N ARG A 248 -25.71 -30.70 -14.39
CA ARG A 248 -24.30 -31.01 -14.35
C ARG A 248 -23.55 -30.09 -13.38
N ALA A 249 -22.51 -30.62 -12.75
CA ALA A 249 -21.63 -29.89 -11.86
C ALA A 249 -20.53 -29.25 -12.68
N THR A 250 -19.86 -28.22 -12.11
CA THR A 250 -18.73 -27.62 -12.80
C THR A 250 -17.42 -27.94 -12.08
N PHE A 251 -16.40 -28.24 -12.87
CA PHE A 251 -15.03 -28.30 -12.40
C PHE A 251 -14.17 -27.31 -13.18
N LEU A 252 -13.11 -26.85 -12.50
CA LEU A 252 -12.21 -25.81 -12.99
C LEU A 252 -10.99 -26.51 -13.56
N ARG A 253 -10.68 -26.23 -14.82
CA ARG A 253 -9.64 -27.03 -15.45
C ARG A 253 -8.32 -26.79 -14.73
N SER A 254 -8.26 -25.73 -13.90
CA SER A 254 -7.01 -25.37 -13.24
C SER A 254 -6.61 -26.41 -12.19
N ASN A 255 -7.57 -27.21 -11.71
CA ASN A 255 -7.31 -28.22 -10.69
C ASN A 255 -7.27 -29.65 -11.25
N ALA A 256 -7.26 -29.82 -12.58
CA ALA A 256 -7.32 -31.16 -13.15
C ALA A 256 -5.95 -31.82 -13.13
N PRO A 257 -5.89 -33.19 -13.17
CA PRO A 257 -4.61 -33.92 -13.17
C PRO A 257 -3.92 -33.90 -14.54
N SER A 258 -2.60 -33.65 -14.53
CA SER A 258 -1.83 -33.51 -15.76
C SER A 258 -2.25 -34.57 -16.77
N GLY A 259 -2.97 -34.09 -17.78
CA GLY A 259 -3.74 -34.83 -18.75
C GLY A 259 -4.45 -33.80 -19.62
N ILE A 260 -5.40 -34.22 -20.47
CA ILE A 260 -6.11 -33.25 -21.28
C ILE A 260 -7.21 -32.60 -20.45
N GLU A 261 -7.53 -31.34 -20.80
CA GLU A 261 -8.44 -30.52 -20.03
C GLU A 261 -7.73 -30.00 -18.77
N TYR A 262 -6.52 -29.46 -18.93
CA TYR A 262 -5.78 -28.91 -17.80
C TYR A 262 -5.77 -27.38 -17.85
N ASN A 263 -5.07 -26.84 -18.85
CA ASN A 263 -4.86 -25.40 -18.99
C ASN A 263 -3.90 -24.81 -17.94
N GLY A 264 -4.36 -24.66 -16.69
CA GLY A 264 -3.62 -23.87 -15.71
C GLY A 264 -4.26 -22.49 -15.59
N LYS A 265 -3.99 -21.80 -14.47
CA LYS A 265 -4.64 -20.51 -14.21
C LYS A 265 -4.69 -19.67 -15.48
N SER A 266 -5.88 -19.13 -15.76
CA SER A 266 -6.10 -18.21 -16.86
C SER A 266 -6.14 -16.78 -16.32
N LEU A 267 -6.26 -15.83 -17.24
CA LEU A 267 -6.36 -14.43 -16.91
C LEU A 267 -7.65 -13.93 -17.53
N GLY A 268 -8.56 -13.44 -16.67
CA GLY A 268 -9.80 -12.88 -17.17
C GLY A 268 -9.68 -11.38 -17.38
N ILE A 269 -10.09 -10.86 -18.54
CA ILE A 269 -10.05 -9.42 -18.77
C ILE A 269 -11.43 -8.99 -19.24
N GLN A 270 -11.70 -7.68 -19.23
CA GLN A 270 -12.94 -7.13 -19.75
C GLN A 270 -12.58 -6.07 -20.78
N SER A 271 -13.11 -6.18 -22.01
CA SER A 271 -12.53 -5.40 -23.09
C SER A 271 -13.51 -5.07 -24.21
N ASP A 272 -13.23 -3.94 -24.87
CA ASP A 272 -14.06 -3.32 -25.88
C ASP A 272 -13.49 -3.60 -27.28
N ALA A 273 -12.20 -3.94 -27.31
CA ALA A 273 -11.38 -3.96 -28.52
C ALA A 273 -11.56 -5.27 -29.28
N GLN A 274 -11.34 -5.20 -30.61
CA GLN A 274 -11.27 -6.38 -31.45
C GLN A 274 -10.08 -7.25 -31.06
N ILE A 275 -10.22 -8.56 -31.27
CA ILE A 275 -9.17 -9.53 -31.02
C ILE A 275 -8.22 -9.46 -32.22
N ASP A 276 -6.93 -9.74 -31.99
CA ASP A 276 -5.96 -9.81 -33.07
C ASP A 276 -4.95 -10.92 -32.77
N GLU A 277 -5.02 -12.01 -33.55
CA GLU A 277 -4.24 -13.22 -33.32
C GLU A 277 -2.80 -12.94 -33.73
N SER A 278 -2.58 -11.70 -34.17
CA SER A 278 -1.47 -11.30 -35.00
C SER A 278 -0.46 -10.48 -34.20
N CYS A 279 -0.83 -10.08 -32.97
CA CYS A 279 0.09 -9.38 -32.10
C CYS A 279 0.15 -10.05 -30.73
N GLU A 280 1.20 -9.77 -29.96
CA GLU A 280 1.37 -10.36 -28.64
C GLU A 280 1.10 -9.29 -27.59
N GLY A 281 0.97 -9.71 -26.33
CA GLY A 281 0.88 -8.85 -25.15
C GLY A 281 0.62 -9.70 -23.91
N GLU A 282 1.01 -9.23 -22.71
CA GLU A 282 0.71 -9.90 -21.45
C GLU A 282 -0.01 -8.94 -20.51
N CYS A 283 -0.40 -7.77 -21.02
CA CYS A 283 -1.04 -6.76 -20.18
C CYS A 283 -2.26 -6.25 -20.96
N PHE A 284 -3.42 -6.24 -20.26
CA PHE A 284 -4.64 -5.86 -20.93
C PHE A 284 -5.44 -4.84 -20.11
N TYR A 285 -6.33 -4.16 -20.83
CA TYR A 285 -7.28 -3.24 -20.24
C TYR A 285 -8.47 -3.09 -21.20
N SER A 286 -9.43 -2.25 -20.82
CA SER A 286 -10.65 -2.15 -21.60
C SER A 286 -10.38 -1.70 -23.03
N GLY A 287 -9.41 -0.79 -23.21
CA GLY A 287 -9.02 -0.27 -24.51
C GLY A 287 -8.14 -1.24 -25.31
N GLY A 288 -7.67 -2.33 -24.71
CA GLY A 288 -6.90 -3.32 -25.46
C GLY A 288 -5.70 -3.81 -24.66
N THR A 289 -4.52 -3.65 -25.28
CA THR A 289 -3.27 -4.26 -24.86
C THR A 289 -2.20 -3.17 -24.63
N ILE A 290 -1.47 -3.33 -23.52
CA ILE A 290 -0.26 -2.58 -23.29
C ILE A 290 0.94 -3.51 -23.51
N ASN A 291 1.61 -3.36 -24.66
CA ASN A 291 2.86 -4.02 -24.96
C ASN A 291 3.92 -2.95 -25.16
N SER A 292 4.80 -2.74 -24.17
CA SER A 292 5.73 -1.61 -24.20
C SER A 292 7.04 -1.93 -23.48
N PRO A 293 8.20 -1.46 -24.00
CA PRO A 293 9.44 -1.56 -23.24
C PRO A 293 9.52 -0.69 -21.98
N LEU A 294 8.76 0.41 -21.88
CA LEU A 294 9.04 1.34 -20.79
C LEU A 294 8.60 0.73 -19.46
N PRO A 295 9.08 1.20 -18.29
CA PRO A 295 8.67 0.62 -17.00
C PRO A 295 7.43 1.19 -16.31
N PHE A 296 6.93 2.32 -16.81
CA PHE A 296 5.69 2.81 -16.22
C PHE A 296 4.61 3.03 -17.27
N GLN A 297 3.36 3.18 -16.81
CA GLN A 297 2.26 3.46 -17.73
C GLN A 297 1.28 4.37 -17.02
N ASN A 298 0.63 5.21 -17.83
CA ASN A 298 -0.32 6.22 -17.39
C ASN A 298 -1.63 5.99 -18.16
N ILE A 299 -1.81 4.77 -18.69
CA ILE A 299 -2.91 4.50 -19.59
C ILE A 299 -4.19 4.16 -18.80
N ASP A 300 -4.10 3.23 -17.85
CA ASP A 300 -5.25 2.69 -17.14
C ASP A 300 -4.78 2.04 -15.84
N SER A 301 -5.13 2.60 -14.70
CA SER A 301 -4.69 2.03 -13.41
C SER A 301 -5.25 0.63 -13.16
N ARG A 302 -6.14 0.14 -14.03
CA ARG A 302 -6.74 -1.16 -13.72
C ARG A 302 -6.27 -2.21 -14.71
N ALA A 303 -5.31 -1.85 -15.54
CA ALA A 303 -4.71 -2.80 -16.47
C ALA A 303 -4.46 -4.11 -15.73
N VAL A 304 -4.59 -5.26 -16.40
CA VAL A 304 -4.32 -6.49 -15.65
C VAL A 304 -3.37 -7.32 -16.45
N GLY A 305 -2.78 -8.32 -15.76
CA GLY A 305 -1.74 -9.15 -16.35
C GLY A 305 -0.35 -8.84 -15.76
N LYS A 306 0.67 -8.91 -16.60
CA LYS A 306 2.02 -8.49 -16.24
C LYS A 306 2.28 -7.13 -16.88
N CYS A 307 2.38 -6.10 -16.04
CA CYS A 307 2.15 -4.74 -16.51
C CYS A 307 3.21 -3.77 -16.02
N PRO A 308 3.59 -2.77 -16.84
CA PRO A 308 4.35 -1.64 -16.32
C PRO A 308 3.58 -1.18 -15.09
N ARG A 309 4.28 -0.61 -14.13
CA ARG A 309 3.63 -0.02 -12.97
C ARG A 309 2.87 1.27 -13.36
N TYR A 310 1.72 1.48 -12.75
CA TYR A 310 0.87 2.58 -13.14
C TYR A 310 1.30 3.82 -12.39
N VAL A 311 1.34 5.00 -13.05
CA VAL A 311 1.70 6.19 -12.32
C VAL A 311 0.81 7.35 -12.76
N LYS A 312 0.65 8.37 -11.93
CA LYS A 312 -0.30 9.42 -12.24
C LYS A 312 0.28 10.37 -13.28
N GLN A 313 1.60 10.37 -13.47
CA GLN A 313 2.29 11.38 -14.26
C GLN A 313 2.30 10.95 -15.72
N SER A 314 2.31 11.91 -16.64
CA SER A 314 2.23 11.50 -18.04
C SER A 314 3.62 11.30 -18.65
N SER A 315 4.59 12.00 -18.08
CA SER A 315 5.96 11.94 -18.55
C SER A 315 6.90 11.98 -17.35
N LEU A 316 7.91 11.09 -17.35
CA LEU A 316 9.04 11.22 -16.43
C LEU A 316 10.38 11.08 -17.17
N PRO A 317 10.90 12.14 -17.82
CA PRO A 317 12.11 12.02 -18.66
C PRO A 317 13.39 11.56 -17.93
N LEU A 318 14.08 10.56 -18.52
CA LEU A 318 15.31 9.99 -17.96
C LEU A 318 16.52 10.47 -18.79
N ALA A 319 17.53 11.02 -18.13
CA ALA A 319 18.75 11.50 -18.81
C ALA A 319 19.52 10.32 -19.37
N LEU A 320 19.87 10.35 -20.67
CA LEU A 320 20.75 9.37 -21.27
C LEU A 320 22.09 10.00 -21.69
N GLY A 321 22.45 11.15 -21.09
CA GLY A 321 23.63 11.91 -21.45
C GLY A 321 23.88 13.00 -20.44
N MET A 322 25.00 13.74 -20.57
CA MET A 322 25.47 14.64 -19.53
C MET A 322 24.71 15.97 -19.63
N LYS A 323 24.96 16.85 -18.67
CA LYS A 323 24.41 18.19 -18.64
C LYS A 323 24.88 18.94 -19.89
N ASN A 324 23.97 19.70 -20.52
CA ASN A 324 24.24 20.43 -21.75
C ASN A 324 24.76 21.83 -21.42
N VAL A 325 25.98 22.16 -21.88
CA VAL A 325 26.47 23.52 -21.64
C VAL A 325 26.97 24.06 -22.96
N PRO A 326 26.23 24.97 -23.61
CA PRO A 326 26.60 25.42 -24.95
C PRO A 326 27.97 26.05 -25.02
N GLU A 327 28.52 26.12 -26.24
CA GLU A 327 29.82 26.71 -26.48
C GLU A 327 29.73 28.25 -26.47
N LYS A 328 30.55 28.91 -25.63
CA LYS A 328 30.69 30.35 -25.51
C LYS A 328 31.58 30.92 -26.63
N ILE A 329 31.85 32.25 -26.64
CA ILE A 329 32.90 32.88 -27.46
C ILE A 329 33.95 33.58 -26.59
N ALA B 5 42.05 30.90 -30.46
CA ALA B 5 42.07 30.66 -28.95
C ALA B 5 41.08 29.54 -28.60
N ILE B 6 41.53 28.59 -27.80
CA ILE B 6 40.74 27.44 -27.50
C ILE B 6 40.49 27.41 -25.99
N ALA B 7 39.47 26.63 -25.57
CA ALA B 7 39.09 26.64 -24.18
C ALA B 7 38.53 25.27 -23.83
N GLY B 8 38.70 24.87 -22.55
CA GLY B 8 38.36 23.52 -22.12
C GLY B 8 36.96 23.45 -21.51
N PHE B 9 36.71 22.41 -20.71
CA PHE B 9 35.39 22.14 -20.19
C PHE B 9 35.01 23.07 -19.05
N ILE B 10 35.96 23.73 -18.40
CA ILE B 10 35.53 24.55 -17.27
C ILE B 10 34.71 25.70 -17.85
N GLU B 11 35.13 26.26 -18.97
CA GLU B 11 34.37 27.27 -19.70
C GLU B 11 33.03 26.70 -20.21
N ASN B 12 33.07 25.62 -21.01
CA ASN B 12 31.85 25.30 -21.74
C ASN B 12 31.96 23.94 -22.42
N GLY B 13 30.97 23.70 -23.27
CA GLY B 13 30.94 22.43 -23.99
C GLY B 13 31.44 22.66 -25.41
N TRP B 14 31.64 21.56 -26.16
CA TRP B 14 32.08 21.67 -27.54
C TRP B 14 31.00 21.14 -28.47
N GLU B 15 30.30 22.04 -29.16
CA GLU B 15 29.21 21.62 -30.06
C GLU B 15 29.73 20.75 -31.19
N GLY B 16 30.99 20.98 -31.57
CA GLY B 16 31.59 20.39 -32.76
C GLY B 16 32.18 19.02 -32.45
N LEU B 17 32.31 18.61 -31.17
CA LEU B 17 32.79 17.25 -30.91
C LEU B 17 31.60 16.30 -31.14
N ILE B 18 31.50 15.63 -32.30
CA ILE B 18 30.28 14.85 -32.54
C ILE B 18 30.58 13.35 -32.47
N ASP B 19 31.77 13.03 -32.02
CA ASP B 19 32.45 11.78 -32.31
C ASP B 19 32.64 10.99 -31.01
N GLY B 20 32.24 11.59 -29.88
CA GLY B 20 32.55 11.06 -28.57
C GLY B 20 31.97 11.99 -27.52
N TRP B 21 32.04 11.59 -26.25
CA TRP B 21 31.54 12.43 -25.18
C TRP B 21 32.61 13.43 -24.70
N TYR B 22 33.88 12.94 -24.67
CA TYR B 22 35.04 13.69 -24.23
C TYR B 22 36.13 13.67 -25.30
N GLY B 23 37.05 14.64 -25.22
CA GLY B 23 38.00 14.80 -26.30
C GLY B 23 39.08 15.80 -25.89
N PHE B 24 40.13 15.88 -26.73
CA PHE B 24 41.23 16.79 -26.65
C PHE B 24 41.17 17.78 -27.81
N ARG B 25 41.40 19.06 -27.51
CA ARG B 25 41.54 20.05 -28.56
C ARG B 25 42.93 20.64 -28.37
N HIS B 26 43.77 20.72 -29.44
CA HIS B 26 45.13 21.24 -29.28
C HIS B 26 45.45 22.36 -30.26
N GLN B 27 46.52 23.08 -29.91
CA GLN B 27 47.08 24.11 -30.77
C GLN B 27 48.59 23.96 -30.72
N ASN B 28 49.24 24.03 -31.90
CA ASN B 28 50.71 23.98 -32.01
C ASN B 28 51.13 24.70 -33.30
N ALA B 29 52.40 24.62 -33.70
CA ALA B 29 52.77 25.34 -34.92
C ALA B 29 52.06 24.75 -36.16
N GLN B 30 51.75 23.43 -36.15
CA GLN B 30 51.15 22.77 -37.31
C GLN B 30 49.65 23.06 -37.43
N GLY B 31 49.04 23.62 -36.37
CA GLY B 31 47.66 24.01 -36.49
C GLY B 31 46.84 23.56 -35.28
N GLN B 32 45.54 23.38 -35.49
CA GLN B 32 44.63 23.25 -34.39
C GLN B 32 43.77 22.02 -34.68
N GLY B 33 43.61 21.10 -33.70
CA GLY B 33 42.71 19.95 -33.94
C GLY B 33 41.94 19.48 -32.70
N THR B 34 40.89 18.66 -32.95
CA THR B 34 40.05 18.06 -31.92
C THR B 34 39.92 16.57 -32.17
N ALA B 35 40.04 15.71 -31.18
CA ALA B 35 39.86 14.27 -31.41
C ALA B 35 39.15 13.69 -30.19
N ALA B 36 38.11 12.87 -30.40
CA ALA B 36 37.40 12.21 -29.32
C ALA B 36 38.32 11.25 -28.56
N ASP B 37 38.09 11.12 -27.27
CA ASP B 37 38.78 10.09 -26.51
C ASP B 37 37.85 8.88 -26.38
N TYR B 38 38.23 7.76 -27.03
CA TYR B 38 37.34 6.62 -27.17
C TYR B 38 37.06 5.99 -25.80
N LYS B 39 38.15 5.72 -25.03
CA LYS B 39 38.07 4.93 -23.83
C LYS B 39 37.14 5.59 -22.83
N SER B 40 37.30 6.90 -22.60
CA SER B 40 36.46 7.49 -21.56
C SER B 40 35.01 7.66 -22.04
N THR B 41 34.83 7.84 -23.35
CA THR B 41 33.52 7.85 -23.93
C THR B 41 32.81 6.53 -23.62
N GLN B 42 33.38 5.39 -23.99
CA GLN B 42 32.76 4.08 -23.74
C GLN B 42 32.49 3.89 -22.25
N ALA B 43 33.47 4.24 -21.43
CA ALA B 43 33.29 4.14 -19.99
C ALA B 43 31.97 4.78 -19.58
N ALA B 44 31.68 5.98 -20.13
CA ALA B 44 30.48 6.72 -19.75
C ALA B 44 29.25 6.04 -20.32
N ILE B 45 29.34 5.68 -21.61
CA ILE B 45 28.27 5.08 -22.37
C ILE B 45 27.91 3.74 -21.75
N ASP B 46 28.90 3.05 -21.15
CA ASP B 46 28.67 1.72 -20.59
C ASP B 46 27.79 1.80 -19.33
N GLN B 47 27.88 2.89 -18.56
CA GLN B 47 27.00 3.06 -17.42
C GLN B 47 25.66 3.68 -17.84
N ILE B 48 25.22 3.41 -19.07
CA ILE B 48 23.97 3.95 -19.59
C ILE B 48 23.24 2.81 -20.29
N THR B 49 22.26 2.27 -19.55
CA THR B 49 21.43 1.10 -19.76
C THR B 49 20.34 1.15 -18.68
N GLY B 50 20.13 2.37 -18.16
CA GLY B 50 19.16 2.64 -17.12
C GLY B 50 17.80 2.09 -17.52
N LYS B 51 17.45 2.20 -18.82
CA LYS B 51 16.07 2.01 -19.21
C LYS B 51 15.53 0.63 -18.82
N LEU B 52 16.31 -0.44 -19.09
CA LEU B 52 15.86 -1.77 -18.70
C LEU B 52 16.28 -2.14 -17.27
N ASN B 53 17.08 -1.28 -16.61
CA ASN B 53 17.43 -1.45 -15.20
C ASN B 53 16.36 -0.76 -14.37
N ARG B 54 15.80 0.33 -14.89
CA ARG B 54 14.59 0.91 -14.37
C ARG B 54 13.41 -0.06 -14.60
N LEU B 55 13.54 -0.91 -15.63
CA LEU B 55 12.57 -1.89 -16.09
C LEU B 55 12.78 -3.25 -15.38
N ILE B 56 13.99 -3.52 -14.88
CA ILE B 56 14.31 -4.82 -14.29
C ILE B 56 13.54 -4.98 -12.98
N GLU B 57 12.96 -3.87 -12.50
CA GLU B 57 11.97 -3.93 -11.43
C GLU B 57 10.58 -4.23 -11.99
N LYS B 58 10.42 -4.25 -13.33
CA LYS B 58 9.12 -4.57 -13.88
C LYS B 58 8.83 -6.05 -13.64
N THR B 59 7.64 -6.25 -13.06
CA THR B 59 7.26 -7.34 -12.19
C THR B 59 7.30 -8.69 -12.89
N ASN B 60 7.72 -9.69 -12.10
CA ASN B 60 7.40 -11.09 -12.31
C ASN B 60 5.93 -11.32 -11.97
N LYS B 61 5.37 -10.43 -11.13
CA LYS B 61 4.10 -10.65 -10.44
C LYS B 61 2.91 -10.26 -11.33
N GLN B 62 1.96 -11.20 -11.38
CA GLN B 62 0.75 -11.01 -12.16
C GLN B 62 -0.37 -10.54 -11.22
N PHE B 63 -1.10 -9.51 -11.68
CA PHE B 63 -2.29 -9.05 -10.97
C PHE B 63 -3.58 -9.37 -11.74
N GLU B 64 -4.63 -9.67 -10.95
CA GLU B 64 -5.98 -9.96 -11.42
C GLU B 64 -6.92 -8.81 -11.05
N LEU B 65 -8.06 -8.76 -11.75
CA LEU B 65 -9.16 -7.87 -11.44
C LEU B 65 -9.73 -8.19 -10.05
N ILE B 66 -10.10 -7.11 -9.37
CA ILE B 66 -10.46 -7.11 -7.96
C ILE B 66 -11.85 -6.44 -7.90
N ASP B 67 -12.18 -5.69 -8.95
CA ASP B 67 -13.48 -5.09 -9.15
C ASP B 67 -13.85 -5.24 -10.62
N ASN B 68 -14.87 -4.49 -11.04
CA ASN B 68 -15.68 -4.79 -12.20
C ASN B 68 -16.10 -3.47 -12.84
N GLU B 69 -15.72 -3.33 -14.11
CA GLU B 69 -15.96 -2.13 -14.91
C GLU B 69 -17.36 -2.19 -15.55
N PHE B 70 -17.95 -3.40 -15.65
CA PHE B 70 -19.19 -3.69 -16.36
C PHE B 70 -20.39 -3.77 -15.40
N THR B 71 -20.23 -4.56 -14.32
CA THR B 71 -21.20 -4.71 -13.24
C THR B 71 -20.59 -4.25 -11.93
N GLU B 72 -20.77 -2.96 -11.58
CA GLU B 72 -20.23 -2.34 -10.38
C GLU B 72 -20.39 -3.25 -9.17
N VAL B 73 -19.30 -3.39 -8.37
CA VAL B 73 -19.29 -4.16 -7.14
C VAL B 73 -20.07 -3.38 -6.07
N GLU B 74 -20.58 -4.10 -5.05
CA GLU B 74 -21.23 -3.50 -3.89
C GLU B 74 -20.39 -2.33 -3.33
N GLN B 75 -21.10 -1.29 -2.88
CA GLN B 75 -20.55 0.03 -2.56
C GLN B 75 -19.44 -0.02 -1.52
N GLN B 76 -19.64 -0.76 -0.41
CA GLN B 76 -18.69 -0.65 0.69
C GLN B 76 -17.33 -1.21 0.29
N ILE B 77 -17.31 -2.44 -0.27
CA ILE B 77 -16.04 -3.04 -0.66
C ILE B 77 -15.44 -2.34 -1.88
N GLY B 78 -16.30 -1.77 -2.74
CA GLY B 78 -15.88 -0.96 -3.86
C GLY B 78 -15.17 0.29 -3.38
N ASN B 79 -15.60 0.84 -2.25
CA ASN B 79 -14.95 2.03 -1.72
C ASN B 79 -13.60 1.67 -1.14
N VAL B 80 -13.52 0.53 -0.43
CA VAL B 80 -12.27 0.08 0.16
C VAL B 80 -11.25 -0.19 -0.95
N ILE B 81 -11.67 -0.94 -1.99
CA ILE B 81 -10.81 -1.25 -3.11
C ILE B 81 -10.27 0.05 -3.73
N ASN B 82 -11.19 0.92 -4.18
CA ASN B 82 -10.87 2.19 -4.81
C ASN B 82 -9.87 3.01 -3.97
N TRP B 83 -10.12 3.09 -2.67
CA TRP B 83 -9.28 3.79 -1.73
C TRP B 83 -7.87 3.18 -1.68
N THR B 84 -7.80 1.83 -1.54
CA THR B 84 -6.54 1.12 -1.55
C THR B 84 -5.80 1.41 -2.87
N ARG B 85 -6.50 1.22 -4.01
CA ARG B 85 -5.88 1.48 -5.30
C ARG B 85 -5.27 2.89 -5.37
N ASP B 86 -6.04 3.94 -5.06
CA ASP B 86 -5.53 5.29 -5.20
C ASP B 86 -4.33 5.48 -4.25
N SER B 87 -4.35 4.78 -3.12
CA SER B 87 -3.26 4.80 -2.18
C SER B 87 -1.95 4.21 -2.75
N LEU B 88 -2.07 3.05 -3.44
CA LEU B 88 -0.92 2.43 -4.06
C LEU B 88 -0.44 3.32 -5.22
N THR B 89 -1.36 3.99 -5.91
CA THR B 89 -1.01 4.88 -7.00
C THR B 89 -0.17 6.06 -6.48
N GLU B 90 -0.58 6.73 -5.40
CA GLU B 90 0.20 7.78 -4.79
C GLU B 90 1.64 7.27 -4.56
N ILE B 91 1.75 6.05 -3.99
CA ILE B 91 3.04 5.48 -3.67
C ILE B 91 3.91 5.20 -4.91
N TRP B 92 3.36 4.48 -5.91
CA TRP B 92 4.19 4.19 -7.06
C TRP B 92 4.52 5.48 -7.80
N SER B 93 3.61 6.44 -7.85
CA SER B 93 3.87 7.67 -8.55
C SER B 93 5.06 8.34 -7.86
N TYR B 94 5.03 8.31 -6.54
CA TYR B 94 6.12 8.95 -5.83
C TYR B 94 7.42 8.15 -6.04
N ASN B 95 7.37 6.80 -6.03
CA ASN B 95 8.57 6.02 -6.24
C ASN B 95 9.13 6.30 -7.62
N ALA B 96 8.25 6.33 -8.64
CA ALA B 96 8.69 6.52 -10.01
C ALA B 96 9.44 7.86 -10.11
N GLU B 97 8.90 8.92 -9.50
CA GLU B 97 9.46 10.23 -9.76
C GLU B 97 10.82 10.34 -9.06
N LEU B 98 10.94 9.74 -7.87
CA LEU B 98 12.14 9.69 -7.10
C LEU B 98 13.18 8.82 -7.80
N LEU B 99 12.80 7.69 -8.36
CA LEU B 99 13.80 6.86 -8.99
C LEU B 99 14.42 7.61 -10.18
N VAL B 100 13.56 8.26 -10.98
CA VAL B 100 14.00 8.93 -12.18
C VAL B 100 14.93 10.05 -11.76
N ALA B 101 14.58 10.73 -10.69
CA ALA B 101 15.28 11.96 -10.44
C ALA B 101 16.67 11.57 -9.88
N MET B 102 16.72 10.49 -9.07
CA MET B 102 17.97 9.98 -8.54
C MET B 102 18.86 9.49 -9.69
N GLU B 103 18.27 8.76 -10.63
CA GLU B 103 19.08 8.30 -11.74
C GLU B 103 19.62 9.53 -12.48
N ASN B 104 18.81 10.58 -12.65
CA ASN B 104 19.21 11.75 -13.37
C ASN B 104 20.39 12.43 -12.68
N GLN B 105 20.36 12.54 -11.36
CA GLN B 105 21.46 13.13 -10.64
C GLN B 105 22.75 12.33 -10.82
N HIS B 106 22.60 11.02 -10.69
CA HIS B 106 23.74 10.13 -10.87
C HIS B 106 24.33 10.33 -12.27
N THR B 107 23.48 10.41 -13.30
CA THR B 107 23.97 10.47 -14.66
C THR B 107 24.77 11.76 -14.89
N ILE B 108 24.24 12.88 -14.43
CA ILE B 108 24.91 14.15 -14.52
C ILE B 108 26.24 14.16 -13.75
N ASP B 109 26.22 13.67 -12.51
CA ASP B 109 27.40 13.71 -11.65
C ASP B 109 28.52 12.84 -12.23
N LEU B 110 28.13 11.72 -12.78
CA LEU B 110 29.12 10.77 -13.17
C LEU B 110 29.76 11.23 -14.49
N ALA B 111 29.02 12.04 -15.27
CA ALA B 111 29.57 12.55 -16.50
C ALA B 111 30.71 13.53 -16.14
N ASP B 112 30.48 14.43 -15.19
CA ASP B 112 31.47 15.37 -14.68
C ASP B 112 32.67 14.62 -14.14
N SER B 113 32.36 13.60 -13.34
CA SER B 113 33.36 12.74 -12.77
C SER B 113 34.32 12.23 -13.85
N GLU B 114 33.79 11.71 -14.98
CA GLU B 114 34.69 11.13 -15.97
C GLU B 114 35.58 12.18 -16.62
N MET B 115 34.98 13.32 -16.93
CA MET B 115 35.65 14.45 -17.54
C MET B 115 36.78 14.88 -16.62
N ASN B 116 36.49 14.86 -15.33
CA ASN B 116 37.42 15.39 -14.37
C ASN B 116 38.60 14.45 -14.24
N LYS B 117 38.32 13.15 -14.31
CA LYS B 117 39.33 12.10 -14.22
C LYS B 117 40.24 12.15 -15.46
N LEU B 118 39.70 12.40 -16.65
CA LEU B 118 40.55 12.46 -17.83
C LEU B 118 41.51 13.64 -17.66
N TYR B 119 40.98 14.76 -17.19
CA TYR B 119 41.70 15.99 -16.96
C TYR B 119 42.83 15.75 -15.97
N GLU B 120 42.52 15.08 -14.86
CA GLU B 120 43.52 14.84 -13.82
C GLU B 120 44.62 13.95 -14.37
N ARG B 121 44.26 13.03 -15.25
CA ARG B 121 45.19 12.05 -15.76
C ARG B 121 46.17 12.81 -16.65
N VAL B 122 45.67 13.70 -17.53
CA VAL B 122 46.57 14.41 -18.41
C VAL B 122 47.48 15.29 -17.57
N ARG B 123 46.94 16.05 -16.61
CA ARG B 123 47.74 16.88 -15.73
C ARG B 123 48.89 16.06 -15.16
N ARG B 124 48.60 14.84 -14.74
CA ARG B 124 49.69 14.09 -14.14
C ARG B 124 50.66 13.59 -15.20
N GLN B 125 50.26 13.36 -16.44
CA GLN B 125 51.24 12.96 -17.44
C GLN B 125 52.24 14.11 -17.64
N LEU B 126 51.77 15.35 -17.65
CA LEU B 126 52.52 16.50 -18.11
C LEU B 126 53.50 16.96 -17.03
N ARG B 127 53.28 16.52 -15.78
CA ARG B 127 54.22 16.84 -14.70
C ARG B 127 54.58 18.33 -14.65
N GLU B 128 55.85 18.66 -14.66
CA GLU B 128 56.29 20.05 -14.55
C GLU B 128 56.42 20.69 -15.92
N ASN B 129 55.86 20.07 -16.98
CA ASN B 129 56.13 20.56 -18.33
C ASN B 129 55.05 21.53 -18.76
N ALA B 130 54.01 21.73 -17.93
CA ALA B 130 52.83 22.47 -18.41
C ALA B 130 52.13 23.12 -17.24
N GLU B 131 51.28 24.11 -17.48
CA GLU B 131 50.57 24.76 -16.36
C GLU B 131 49.07 24.82 -16.72
N GLU B 132 48.18 24.59 -15.77
CA GLU B 132 46.76 24.73 -16.04
C GLU B 132 46.38 26.17 -16.33
N ASP B 133 45.59 26.41 -17.38
CA ASP B 133 45.19 27.77 -17.72
C ASP B 133 43.91 28.19 -16.99
N GLY B 134 43.18 27.26 -16.37
CA GLY B 134 42.00 27.65 -15.61
C GLY B 134 40.67 27.51 -16.39
N THR B 135 40.77 27.06 -17.64
CA THR B 135 39.63 26.85 -18.47
C THR B 135 39.51 25.38 -18.84
N GLY B 136 40.44 24.54 -18.38
CA GLY B 136 40.42 23.13 -18.71
C GLY B 136 41.49 22.78 -19.75
N CYS B 137 42.41 23.73 -20.05
CA CYS B 137 43.59 23.50 -20.89
C CYS B 137 44.91 23.49 -20.08
N PHE B 138 45.95 22.92 -20.68
CA PHE B 138 47.32 23.03 -20.19
C PHE B 138 48.11 23.91 -21.16
N GLU B 139 48.77 24.98 -20.68
CA GLU B 139 49.82 25.61 -21.49
C GLU B 139 51.07 24.74 -21.40
N ILE B 140 51.49 24.24 -22.55
CA ILE B 140 52.66 23.37 -22.64
C ILE B 140 53.93 24.20 -22.86
N PHE B 141 54.94 24.07 -21.98
CA PHE B 141 56.04 24.99 -22.09
C PHE B 141 57.20 24.44 -22.94
N HIS B 142 56.90 23.66 -23.98
CA HIS B 142 57.90 23.26 -24.96
C HIS B 142 57.18 22.99 -26.28
N ARG B 143 57.89 22.99 -27.42
CA ARG B 143 57.27 22.60 -28.69
C ARG B 143 56.64 21.21 -28.57
N CYS B 144 55.37 21.11 -29.03
CA CYS B 144 54.63 19.86 -29.00
C CYS B 144 53.94 19.71 -30.35
N ASP B 145 54.66 19.05 -31.25
CA ASP B 145 54.23 18.82 -32.63
C ASP B 145 53.10 17.77 -32.60
N ASP B 146 52.55 17.48 -33.77
CA ASP B 146 51.40 16.60 -33.85
C ASP B 146 51.71 15.28 -33.18
N GLN B 147 52.95 14.80 -33.25
CA GLN B 147 53.17 13.45 -32.75
C GLN B 147 53.22 13.46 -31.23
N CYS B 148 53.76 14.56 -30.68
CA CYS B 148 53.88 14.79 -29.25
C CYS B 148 52.46 14.93 -28.65
N MET B 149 51.57 15.70 -29.33
CA MET B 149 50.17 15.79 -28.99
C MET B 149 49.52 14.40 -28.95
N GLU B 150 49.60 13.65 -30.05
CA GLU B 150 49.14 12.25 -30.09
C GLU B 150 49.60 11.48 -28.85
N SER B 151 50.88 11.63 -28.46
CA SER B 151 51.44 10.90 -27.33
C SER B 151 50.77 11.32 -26.00
N ILE B 152 50.39 12.60 -25.89
CA ILE B 152 49.56 13.00 -24.77
C ILE B 152 48.21 12.27 -24.85
N ARG B 153 47.54 12.31 -25.99
CA ARG B 153 46.24 11.65 -26.09
C ARG B 153 46.35 10.15 -25.78
N ASN B 154 47.34 9.42 -26.31
CA ASN B 154 47.30 7.98 -26.07
C ASN B 154 48.12 7.56 -24.84
N ASN B 155 48.50 8.50 -23.95
CA ASN B 155 49.03 8.17 -22.65
C ASN B 155 50.45 7.59 -22.77
N THR B 156 51.23 8.11 -23.73
CA THR B 156 52.59 7.68 -24.06
C THR B 156 53.62 8.75 -23.68
N TYR B 157 53.19 10.03 -23.56
CA TYR B 157 54.11 11.15 -23.39
C TYR B 157 55.08 10.88 -22.25
N ASN B 158 56.36 11.14 -22.43
CA ASN B 158 57.36 10.91 -21.40
C ASN B 158 57.92 12.27 -20.98
N HIS B 159 57.46 12.75 -19.83
CA HIS B 159 57.71 14.13 -19.43
C HIS B 159 59.22 14.40 -19.37
N THR B 160 60.03 13.39 -18.99
CA THR B 160 61.44 13.65 -18.75
C THR B 160 62.12 14.05 -20.06
N GLU B 161 61.53 13.67 -21.18
CA GLU B 161 62.11 13.95 -22.48
C GLU B 161 62.07 15.47 -22.78
N TYR B 162 61.22 16.23 -22.09
CA TYR B 162 61.07 17.64 -22.42
C TYR B 162 61.27 18.48 -21.16
N ARG B 163 61.54 17.82 -20.04
CA ARG B 163 61.56 18.53 -18.78
C ARG B 163 62.48 19.75 -18.82
N GLN B 164 63.75 19.56 -19.20
CA GLN B 164 64.79 20.60 -19.14
C GLN B 164 64.33 21.82 -19.95
N GLU B 165 63.87 21.63 -21.19
CA GLU B 165 63.37 22.72 -22.01
C GLU B 165 62.16 23.38 -21.33
N ALA B 166 61.29 22.59 -20.70
CA ALA B 166 60.05 23.12 -20.18
C ALA B 166 60.32 23.98 -18.94
N LEU B 167 61.18 23.45 -18.06
CA LEU B 167 61.57 24.14 -16.83
C LEU B 167 62.18 25.51 -17.16
N GLN B 168 63.09 25.54 -18.14
CA GLN B 168 63.73 26.76 -18.60
C GLN B 168 62.65 27.73 -19.06
N ASN B 169 61.72 27.26 -19.87
CA ASN B 169 60.71 28.18 -20.38
C ASN B 169 59.77 28.61 -19.28
N ARG B 170 59.60 27.80 -18.23
CA ARG B 170 58.70 28.27 -17.17
C ARG B 170 59.32 29.40 -16.33
N ILE B 171 60.64 29.43 -16.15
CA ILE B 171 61.24 30.18 -15.03
C ILE B 171 61.74 31.61 -15.36
N GLY C 1 54.52 37.80 5.10
CA GLY C 1 53.93 37.12 3.93
C GLY C 1 52.45 37.48 3.76
N ASP C 2 52.11 38.01 2.57
CA ASP C 2 50.76 38.22 2.13
C ASP C 2 50.04 36.90 1.86
N LYS C 3 48.73 36.85 2.20
CA LYS C 3 47.98 35.61 2.21
C LYS C 3 46.48 35.85 2.02
N ILE C 4 45.82 34.92 1.29
CA ILE C 4 44.39 34.92 1.15
C ILE C 4 43.80 33.55 1.50
N CYS C 5 42.70 33.53 2.28
CA CYS C 5 42.12 32.28 2.71
C CYS C 5 40.68 32.20 2.19
N LEU C 6 40.20 30.97 1.91
CA LEU C 6 38.81 30.74 1.58
C LEU C 6 38.15 30.06 2.76
N GLY C 7 36.89 30.42 3.06
CA GLY C 7 36.25 29.92 4.27
C GLY C 7 34.75 30.01 4.16
N HIS C 8 34.01 29.46 5.13
CA HIS C 8 32.57 29.45 5.06
C HIS C 8 32.00 29.78 6.42
N HIS C 9 30.71 30.14 6.50
CA HIS C 9 30.27 30.59 7.80
C HIS C 9 30.11 29.46 8.81
N ALA C 10 29.96 29.87 10.06
CA ALA C 10 29.60 29.00 11.14
C ALA C 10 28.81 29.79 12.19
N VAL C 11 28.09 29.05 13.03
CA VAL C 11 27.47 29.70 14.17
C VAL C 11 27.95 28.96 15.43
N ALA C 12 27.74 29.59 16.61
CA ALA C 12 28.13 28.94 17.84
C ALA C 12 27.33 27.65 17.99
N ASN C 13 25.99 27.75 17.83
CA ASN C 13 25.10 26.61 18.00
C ASN C 13 24.17 26.38 16.83
N GLY C 14 24.28 25.18 16.26
CA GLY C 14 23.40 24.82 15.16
C GLY C 14 22.33 23.81 15.54
N THR C 15 21.66 23.24 14.54
CA THR C 15 20.62 22.26 14.78
C THR C 15 21.09 20.91 14.29
N LYS C 16 20.76 19.86 15.02
CA LYS C 16 21.07 18.50 14.59
C LYS C 16 20.03 18.06 13.57
N VAL C 17 20.49 17.32 12.54
CA VAL C 17 19.66 16.73 11.51
C VAL C 17 20.24 15.36 11.17
N ASN C 18 19.48 14.56 10.44
CA ASN C 18 19.99 13.26 10.11
C ASN C 18 20.34 13.22 8.63
N THR C 19 21.37 12.48 8.31
CA THR C 19 21.60 12.26 6.89
C THR C 19 21.37 10.79 6.60
N LEU C 20 21.95 10.30 5.51
CA LEU C 20 21.97 8.87 5.21
C LEU C 20 23.02 8.18 6.07
N THR C 21 24.31 8.44 5.83
CA THR C 21 25.37 8.02 6.74
C THR C 21 24.99 8.20 8.20
N GLU C 22 24.85 9.46 8.67
CA GLU C 22 25.08 9.77 10.07
C GLU C 22 23.82 10.37 10.71
N ARG C 23 23.81 10.39 12.05
CA ARG C 23 22.71 10.92 12.85
C ARG C 23 23.23 12.04 13.74
N GLY C 24 22.47 13.13 13.84
CA GLY C 24 22.78 14.22 14.75
C GLY C 24 23.87 15.16 14.21
N VAL C 25 24.00 15.24 12.88
CA VAL C 25 24.94 16.18 12.28
C VAL C 25 24.37 17.60 12.34
N GLU C 26 25.28 18.51 12.73
CA GLU C 26 25.00 19.89 13.07
C GLU C 26 25.03 20.76 11.83
N VAL C 27 23.96 21.53 11.62
CA VAL C 27 24.01 22.38 10.45
C VAL C 27 23.70 23.82 10.89
N VAL C 28 24.08 24.78 10.05
CA VAL C 28 23.88 26.17 10.37
C VAL C 28 22.39 26.42 10.60
N ASN C 29 21.54 25.74 9.83
CA ASN C 29 20.13 26.06 9.90
C ASN C 29 19.25 24.87 9.43
N ALA C 30 18.05 24.76 10.02
CA ALA C 30 17.12 23.68 9.70
C ALA C 30 15.67 24.15 9.85
N THR C 31 14.74 23.39 9.28
CA THR C 31 13.34 23.70 9.52
C THR C 31 12.54 22.42 9.62
N GLU C 32 11.44 22.51 10.40
CA GLU C 32 10.57 21.38 10.66
C GLU C 32 9.74 21.11 9.42
N THR C 33 9.36 19.83 9.31
CA THR C 33 8.78 19.21 8.15
C THR C 33 7.41 18.59 8.52
N VAL C 34 7.13 18.44 9.81
CA VAL C 34 6.01 17.65 10.26
C VAL C 34 5.13 18.57 11.08
N GLU C 35 3.90 18.82 10.59
CA GLU C 35 2.96 19.65 11.32
C GLU C 35 2.43 18.84 12.51
N ILE C 36 2.34 19.46 13.68
CA ILE C 36 1.88 18.75 14.87
C ILE C 36 0.71 19.49 15.53
N THR C 37 0.34 20.67 15.00
CA THR C 37 -0.73 21.41 15.64
C THR C 37 -1.85 21.70 14.63
N GLY C 38 -3.10 21.55 15.05
CA GLY C 38 -4.21 21.81 14.15
C GLY C 38 -4.97 23.08 14.53
N ILE C 39 -5.91 23.51 13.69
CA ILE C 39 -6.80 24.59 14.11
C ILE C 39 -8.02 23.91 14.76
N ASP C 40 -8.37 24.33 15.98
CA ASP C 40 -9.50 23.66 16.63
C ASP C 40 -10.85 24.25 16.16
N LYS C 41 -10.95 24.58 14.86
CA LYS C 41 -12.17 25.07 14.24
C LYS C 41 -12.39 24.28 12.96
N VAL C 42 -13.65 24.25 12.47
CA VAL C 42 -13.86 23.84 11.10
C VAL C 42 -13.84 25.10 10.25
N CYS C 43 -12.85 25.16 9.36
CA CYS C 43 -12.55 26.34 8.58
C CYS C 43 -13.33 26.28 7.26
N THR C 44 -14.37 27.10 7.15
CA THR C 44 -15.38 26.92 6.13
C THR C 44 -15.47 28.13 5.22
N LYS C 45 -14.55 29.10 5.38
CA LYS C 45 -14.51 30.28 4.53
C LYS C 45 -14.34 29.81 3.09
N GLY C 46 -15.20 30.35 2.20
CA GLY C 46 -15.11 30.11 0.76
C GLY C 46 -15.68 28.77 0.29
N LYS C 47 -16.49 28.12 1.13
CA LYS C 47 -17.14 26.86 0.79
C LYS C 47 -18.57 26.89 1.35
N LYS C 48 -19.45 26.05 0.78
CA LYS C 48 -20.80 25.94 1.31
C LYS C 48 -20.86 24.77 2.29
N ALA C 49 -21.19 25.07 3.55
CA ALA C 49 -21.08 24.07 4.61
C ALA C 49 -22.41 23.89 5.33
N VAL C 50 -22.75 22.66 5.71
CA VAL C 50 -23.89 22.52 6.60
C VAL C 50 -23.47 21.73 7.83
N ASP C 51 -23.84 22.25 8.99
CA ASP C 51 -23.64 21.54 10.26
C ASP C 51 -24.92 20.75 10.53
N LEU C 52 -24.88 19.43 10.33
CA LEU C 52 -26.04 18.57 10.46
C LEU C 52 -26.48 18.46 11.91
N GLY C 53 -25.75 19.06 12.86
CA GLY C 53 -26.19 19.05 14.25
C GLY C 53 -26.53 17.64 14.73
N SER C 54 -27.65 17.50 15.44
CA SER C 54 -28.11 16.23 15.95
C SER C 54 -28.78 15.37 14.86
N CYS C 55 -28.78 15.85 13.60
CA CYS C 55 -29.39 15.11 12.51
C CYS C 55 -28.38 14.16 11.89
N GLY C 56 -28.55 12.85 12.12
CA GLY C 56 -27.74 11.86 11.42
C GLY C 56 -27.90 11.97 9.91
N ILE C 57 -26.79 11.74 9.20
CA ILE C 57 -26.76 12.00 7.77
C ILE C 57 -27.76 11.12 7.00
N LEU C 58 -28.15 9.96 7.54
CA LEU C 58 -29.16 9.10 6.91
C LEU C 58 -30.58 9.65 7.14
N GLY C 59 -30.80 10.28 8.29
CA GLY C 59 -31.97 11.10 8.58
C GLY C 59 -32.35 12.08 7.46
N THR C 60 -31.35 12.67 6.79
CA THR C 60 -31.70 13.60 5.73
C THR C 60 -32.59 12.93 4.68
N ILE C 61 -32.52 11.61 4.61
CA ILE C 61 -33.16 10.89 3.52
C ILE C 61 -34.60 10.59 3.92
N ILE C 62 -34.82 10.18 5.17
CA ILE C 62 -36.13 9.68 5.53
C ILE C 62 -36.90 10.71 6.35
N GLY C 63 -36.17 11.60 7.02
CA GLY C 63 -36.76 12.80 7.62
C GLY C 63 -37.37 12.59 9.01
N PRO C 64 -36.61 12.14 10.04
CA PRO C 64 -37.05 12.25 11.43
C PRO C 64 -37.06 13.75 11.76
N PRO C 65 -37.79 14.18 12.82
CA PRO C 65 -37.95 15.62 13.12
C PRO C 65 -36.63 16.41 13.15
N GLN C 66 -35.62 15.88 13.85
CA GLN C 66 -34.35 16.58 14.05
C GLN C 66 -33.70 16.94 12.72
N CYS C 67 -34.21 16.41 11.61
CA CYS C 67 -33.57 16.63 10.31
C CYS C 67 -34.41 17.56 9.44
N ASP C 68 -35.42 18.23 10.00
CA ASP C 68 -36.38 18.99 9.19
C ASP C 68 -35.70 19.97 8.23
N LEU C 69 -34.66 20.67 8.69
CA LEU C 69 -34.10 21.72 7.84
C LEU C 69 -33.10 21.17 6.83
N HIS C 70 -32.94 19.85 6.79
CA HIS C 70 -31.84 19.26 6.04
C HIS C 70 -32.34 18.31 4.95
N LEU C 71 -33.61 18.42 4.54
CA LEU C 71 -34.18 17.39 3.69
C LEU C 71 -33.75 17.62 2.25
N GLU C 72 -33.24 18.82 1.97
CA GLU C 72 -32.89 19.16 0.60
C GLU C 72 -31.64 20.02 0.58
N PHE C 73 -30.66 19.67 1.42
CA PHE C 73 -29.52 20.53 1.66
C PHE C 73 -28.63 20.58 0.42
N LYS C 74 -27.89 21.68 0.30
CA LYS C 74 -26.83 21.85 -0.67
C LYS C 74 -25.53 22.13 0.10
N ALA C 75 -24.49 21.31 -0.12
CA ALA C 75 -23.30 21.44 0.72
C ALA C 75 -22.03 21.05 -0.04
N ASP C 76 -20.98 21.84 0.18
CA ASP C 76 -19.63 21.53 -0.29
C ASP C 76 -18.92 20.71 0.78
N LEU C 77 -19.27 20.98 2.03
CA LEU C 77 -18.69 20.30 3.17
C LEU C 77 -19.85 19.91 4.11
N ILE C 78 -19.97 18.61 4.45
CA ILE C 78 -20.99 18.17 5.38
C ILE C 78 -20.37 17.78 6.72
N ILE C 79 -20.80 18.40 7.82
CA ILE C 79 -20.27 18.09 9.14
C ILE C 79 -21.23 17.18 9.93
N GLU C 80 -21.00 15.88 9.95
CA GLU C 80 -21.65 15.00 10.92
C GLU C 80 -21.17 15.36 12.34
N ARG C 81 -22.04 15.23 13.34
CA ARG C 81 -21.66 15.41 14.73
C ARG C 81 -21.70 14.08 15.47
N ARG C 82 -21.03 14.02 16.62
CA ARG C 82 -20.86 12.81 17.41
C ARG C 82 -22.18 12.26 17.92
N ASN C 83 -23.12 13.13 18.32
CA ASN C 83 -24.30 12.60 18.98
C ASN C 83 -25.41 12.15 18.02
N SER C 84 -25.42 12.64 16.76
CA SER C 84 -26.41 12.46 15.72
C SER C 84 -27.24 11.16 15.82
N SER C 85 -28.49 11.21 15.34
CA SER C 85 -29.28 10.01 15.07
C SER C 85 -29.97 10.11 13.72
N ASP C 86 -30.04 8.97 13.02
CA ASP C 86 -30.80 8.92 11.78
C ASP C 86 -32.28 8.70 12.06
N ILE C 87 -32.66 8.42 13.32
CA ILE C 87 -33.98 7.88 13.57
C ILE C 87 -34.74 8.68 14.61
N CYS C 88 -36.03 8.36 14.71
CA CYS C 88 -36.87 8.70 15.86
C CYS C 88 -37.50 7.40 16.40
N TYR C 89 -38.23 6.69 15.52
CA TYR C 89 -38.66 5.35 15.88
C TYR C 89 -37.45 4.44 15.69
N PRO C 90 -37.05 3.63 16.71
CA PRO C 90 -35.75 2.93 16.70
C PRO C 90 -35.55 1.98 15.52
N GLY C 91 -34.31 1.88 15.02
CA GLY C 91 -33.98 0.96 13.92
C GLY C 91 -32.63 1.24 13.22
N ARG C 92 -32.35 0.41 12.20
CA ARG C 92 -31.07 0.40 11.51
C ARG C 92 -31.33 0.44 10.02
N PHE C 93 -30.33 0.92 9.27
CA PHE C 93 -30.23 0.66 7.86
C PHE C 93 -29.41 -0.61 7.60
N THR C 94 -29.86 -1.49 6.69
CA THR C 94 -28.96 -2.45 6.09
C THR C 94 -27.96 -1.71 5.21
N ASN C 95 -26.68 -2.12 5.27
CA ASN C 95 -25.63 -1.56 4.45
C ASN C 95 -25.46 -0.08 4.82
N GLU C 96 -25.49 0.20 6.13
CA GLU C 96 -25.63 1.58 6.59
C GLU C 96 -24.42 2.41 6.22
N GLU C 97 -23.25 1.76 6.28
CA GLU C 97 -22.05 2.52 6.04
C GLU C 97 -21.98 2.93 4.58
N ALA C 98 -22.36 2.02 3.69
CA ALA C 98 -22.26 2.28 2.26
C ALA C 98 -23.01 3.58 1.90
N LEU C 99 -24.27 3.67 2.37
CA LEU C 99 -25.12 4.83 2.18
C LEU C 99 -24.52 6.11 2.78
N ARG C 100 -24.01 6.03 4.04
CA ARG C 100 -23.38 7.21 4.61
C ARG C 100 -22.32 7.75 3.63
N GLN C 101 -21.67 6.83 2.92
CA GLN C 101 -20.57 7.25 2.07
C GLN C 101 -21.20 7.94 0.88
N ILE C 102 -22.38 7.44 0.45
CA ILE C 102 -23.02 7.99 -0.74
C ILE C 102 -23.46 9.42 -0.47
N ILE C 103 -24.06 9.66 0.71
CA ILE C 103 -24.58 10.98 1.02
C ILE C 103 -23.42 11.96 1.22
N ARG C 104 -22.39 11.52 1.94
CA ARG C 104 -21.23 12.38 2.24
C ARG C 104 -20.65 13.07 1.00
N GLU C 105 -20.59 12.37 -0.15
CA GLU C 105 -20.04 12.93 -1.37
C GLU C 105 -21.12 13.53 -2.28
N SER C 106 -22.40 13.48 -1.85
CA SER C 106 -23.53 13.72 -2.73
C SER C 106 -23.54 15.14 -3.29
N GLY C 107 -23.07 16.10 -2.47
CA GLY C 107 -23.16 17.53 -2.78
C GLY C 107 -24.49 18.09 -2.29
N GLY C 108 -25.21 17.27 -1.53
CA GLY C 108 -26.54 17.56 -1.09
C GLY C 108 -27.54 16.67 -1.82
N ILE C 109 -28.79 16.73 -1.34
CA ILE C 109 -29.83 15.86 -1.83
C ILE C 109 -31.02 16.68 -2.31
N ASP C 110 -31.75 16.08 -3.24
CA ASP C 110 -32.90 16.72 -3.84
C ASP C 110 -34.00 15.66 -3.82
N LYS C 111 -35.24 16.06 -3.49
CA LYS C 111 -36.36 15.14 -3.36
C LYS C 111 -37.33 15.25 -4.55
N GLU C 112 -38.04 14.15 -4.81
CA GLU C 112 -39.03 14.10 -5.86
C GLU C 112 -40.09 13.09 -5.44
N SER C 113 -41.34 13.50 -5.56
CA SER C 113 -42.49 12.70 -5.18
C SER C 113 -42.57 11.45 -6.07
N MET C 114 -43.08 10.36 -5.50
CA MET C 114 -43.17 9.13 -6.26
C MET C 114 -44.63 8.82 -6.66
N GLY C 115 -45.56 9.70 -6.25
CA GLY C 115 -46.97 9.55 -6.57
C GLY C 115 -47.56 8.20 -6.16
N PHE C 116 -47.31 7.77 -4.91
CA PHE C 116 -48.12 6.70 -4.37
C PHE C 116 -49.33 7.31 -3.70
N ARG C 117 -50.53 6.87 -4.08
CA ARG C 117 -51.77 7.24 -3.37
C ARG C 117 -52.46 5.95 -2.91
N TYR C 118 -53.19 6.06 -1.79
CA TYR C 118 -53.87 4.93 -1.16
C TYR C 118 -55.34 5.28 -0.93
N SER C 119 -56.11 4.35 -0.36
CA SER C 119 -57.52 4.60 -0.06
C SER C 119 -58.10 3.58 0.92
N GLY C 120 -57.65 2.33 0.83
CA GLY C 120 -58.18 1.28 1.69
C GLY C 120 -57.85 1.52 3.17
N ILE C 121 -56.71 2.15 3.39
CA ILE C 121 -55.97 1.98 4.63
C ILE C 121 -55.77 3.33 5.31
N ARG C 122 -55.21 3.31 6.52
CA ARG C 122 -54.64 4.50 7.14
C ARG C 122 -53.18 4.66 6.70
N THR C 123 -52.80 5.87 6.31
CA THR C 123 -51.48 6.11 5.78
C THR C 123 -50.87 7.29 6.54
N ASP C 124 -51.13 7.33 7.84
CA ASP C 124 -50.82 8.51 8.63
C ASP C 124 -50.47 8.09 10.05
N GLY C 125 -50.08 6.81 10.22
CA GLY C 125 -49.57 6.34 11.50
C GLY C 125 -48.54 7.31 12.07
N ALA C 126 -48.59 7.51 13.39
CA ALA C 126 -47.70 8.42 14.07
C ALA C 126 -47.26 7.82 15.40
N THR C 127 -46.07 8.23 15.89
CA THR C 127 -45.51 7.73 17.14
C THR C 127 -45.07 8.88 18.04
N SER C 128 -44.99 8.60 19.35
CA SER C 128 -44.50 9.54 20.34
C SER C 128 -42.99 9.73 20.22
N ALA C 129 -42.30 8.78 19.57
CA ALA C 129 -40.85 8.85 19.42
C ALA C 129 -40.45 9.88 18.36
N CYS C 130 -41.40 10.24 17.48
CA CYS C 130 -41.20 11.26 16.45
C CYS C 130 -42.04 12.49 16.75
N LYS C 131 -41.77 13.14 17.89
CA LYS C 131 -42.47 14.36 18.27
C LYS C 131 -42.08 15.55 17.41
N ARG C 132 -43.06 16.22 16.81
CA ARG C 132 -42.79 17.45 16.08
C ARG C 132 -43.82 18.52 16.44
N SER C 133 -44.74 18.18 17.37
CA SER C 133 -45.85 18.99 17.80
C SER C 133 -46.61 18.20 18.84
N SER C 134 -47.34 17.19 18.36
CA SER C 134 -47.97 16.19 19.22
C SER C 134 -47.29 14.84 18.97
N SER C 135 -47.56 14.24 17.81
CA SER C 135 -46.91 13.02 17.36
C SER C 135 -46.85 13.10 15.84
N SER C 136 -45.71 12.76 15.21
CA SER C 136 -45.74 12.57 13.77
C SER C 136 -44.84 11.43 13.31
N PHE C 137 -44.31 11.49 12.06
CA PHE C 137 -43.53 10.38 11.53
C PHE C 137 -42.29 10.81 10.71
N TYR C 138 -41.73 9.86 9.98
CA TYR C 138 -40.69 10.20 9.04
C TYR C 138 -41.30 11.01 7.89
N SER C 139 -41.13 12.33 7.98
CA SER C 139 -41.47 13.31 6.97
C SER C 139 -41.54 12.73 5.55
N GLU C 140 -40.61 11.82 5.20
CA GLU C 140 -40.47 11.41 3.81
C GLU C 140 -41.14 10.06 3.51
N MET C 141 -41.71 9.44 4.55
CA MET C 141 -42.46 8.22 4.33
C MET C 141 -43.80 8.25 5.07
N LYS C 142 -44.46 7.09 5.01
CA LYS C 142 -45.84 6.96 5.48
C LYS C 142 -45.98 5.58 6.12
N TRP C 143 -46.47 5.56 7.36
CA TRP C 143 -46.66 4.31 8.08
C TRP C 143 -48.03 3.72 7.73
N LEU C 144 -48.06 2.70 6.85
CA LEU C 144 -49.28 2.10 6.34
C LEU C 144 -49.85 1.17 7.40
N SER C 145 -50.89 1.65 8.11
CA SER C 145 -51.56 0.93 9.18
C SER C 145 -52.91 0.36 8.75
N SER C 146 -53.41 -0.56 9.56
CA SER C 146 -54.70 -1.19 9.37
C SER C 146 -55.78 -0.13 9.53
N SER C 147 -56.78 -0.16 8.65
CA SER C 147 -57.71 0.95 8.52
C SER C 147 -58.71 1.04 9.69
N MET C 148 -58.91 -0.06 10.42
CA MET C 148 -59.94 -0.08 11.42
C MET C 148 -59.30 -0.21 12.81
N ASN C 149 -58.88 -1.44 13.16
CA ASN C 149 -58.18 -1.68 14.41
C ASN C 149 -57.57 -3.08 14.39
N ASN C 150 -58.36 -4.10 14.13
CA ASN C 150 -57.77 -5.44 14.03
C ASN C 150 -58.04 -6.06 12.67
N GLN C 151 -58.08 -5.23 11.62
CA GLN C 151 -58.47 -5.66 10.28
C GLN C 151 -57.31 -6.28 9.52
N VAL C 152 -57.53 -7.45 8.91
CA VAL C 152 -56.50 -8.04 8.06
C VAL C 152 -56.20 -7.05 6.92
N PHE C 153 -55.01 -7.17 6.33
CA PHE C 153 -54.45 -6.08 5.56
C PHE C 153 -54.33 -6.48 4.09
N PRO C 154 -54.90 -5.65 3.19
CA PRO C 154 -54.91 -5.90 1.75
C PRO C 154 -53.58 -6.26 1.10
N GLN C 155 -53.65 -7.07 0.04
CA GLN C 155 -52.50 -7.59 -0.67
C GLN C 155 -52.07 -6.61 -1.78
N LEU C 156 -51.51 -5.45 -1.38
CA LEU C 156 -51.35 -4.25 -2.22
C LEU C 156 -50.06 -4.24 -3.06
N ASN C 157 -50.16 -3.62 -4.24
CA ASN C 157 -49.01 -3.34 -5.11
C ASN C 157 -48.82 -1.82 -5.19
N GLN C 158 -47.58 -1.39 -5.46
CA GLN C 158 -47.21 0.00 -5.72
C GLN C 158 -46.04 -0.01 -6.68
N THR C 159 -46.07 0.89 -7.67
CA THR C 159 -45.00 0.87 -8.65
C THR C 159 -44.52 2.29 -8.96
N TYR C 160 -43.21 2.48 -9.16
CA TYR C 160 -42.59 3.78 -9.41
C TYR C 160 -41.45 3.63 -10.42
N ARG C 161 -41.56 4.30 -11.58
CA ARG C 161 -40.51 4.25 -12.59
C ARG C 161 -39.64 5.49 -12.50
N ASN C 162 -38.32 5.30 -12.52
CA ASN C 162 -37.36 6.40 -12.41
C ASN C 162 -37.38 7.27 -13.67
N THR C 163 -37.97 8.44 -13.54
CA THR C 163 -38.14 9.31 -14.70
C THR C 163 -36.78 9.90 -15.10
N ARG C 164 -35.98 10.33 -14.12
CA ARG C 164 -34.83 11.18 -14.36
C ARG C 164 -33.73 10.44 -15.13
N LYS C 165 -32.64 11.18 -15.45
CA LYS C 165 -31.48 10.56 -16.07
C LYS C 165 -30.39 10.31 -15.02
N GLU C 166 -30.71 10.54 -13.74
CA GLU C 166 -29.83 10.21 -12.62
C GLU C 166 -30.39 9.01 -11.89
N PRO C 167 -29.57 8.31 -11.06
CA PRO C 167 -30.09 7.24 -10.19
C PRO C 167 -30.98 7.82 -9.09
N ALA C 168 -32.04 7.09 -8.73
CA ALA C 168 -32.91 7.49 -7.65
C ALA C 168 -32.65 6.65 -6.39
N LEU C 169 -32.63 7.29 -5.21
CA LEU C 169 -32.40 6.57 -3.96
C LEU C 169 -33.70 6.33 -3.21
N ILE C 170 -34.13 5.08 -3.22
CA ILE C 170 -35.42 4.71 -2.67
C ILE C 170 -35.16 3.92 -1.40
N VAL C 171 -35.93 4.20 -0.35
CA VAL C 171 -35.77 3.51 0.92
C VAL C 171 -37.13 3.13 1.50
N TRP C 172 -37.23 1.96 2.10
CA TRP C 172 -38.49 1.51 2.68
C TRP C 172 -38.15 0.84 3.99
N GLY C 173 -39.18 0.65 4.81
CA GLY C 173 -39.00 0.07 6.13
C GLY C 173 -39.90 -1.13 6.38
N VAL C 174 -39.42 -2.05 7.25
CA VAL C 174 -40.17 -3.19 7.75
C VAL C 174 -40.38 -3.00 9.25
N HIS C 175 -41.64 -3.13 9.69
CA HIS C 175 -42.01 -2.82 11.06
C HIS C 175 -42.08 -4.06 11.93
N HIS C 176 -41.05 -4.21 12.78
CA HIS C 176 -40.97 -5.29 13.74
C HIS C 176 -41.64 -4.86 15.04
N SER C 177 -42.92 -5.24 15.20
CA SER C 177 -43.73 -4.81 16.33
C SER C 177 -43.24 -5.43 17.64
N SER C 178 -43.69 -4.83 18.76
CA SER C 178 -43.24 -5.20 20.10
C SER C 178 -43.78 -6.56 20.55
N SER C 179 -44.98 -6.92 20.06
CA SER C 179 -45.72 -8.12 20.41
C SER C 179 -46.52 -8.59 19.18
N LEU C 180 -46.91 -9.88 19.16
CA LEU C 180 -47.69 -10.41 18.04
C LEU C 180 -49.15 -9.98 18.21
N ASP C 181 -49.49 -9.47 19.41
CA ASP C 181 -50.77 -8.81 19.59
C ASP C 181 -50.83 -7.50 18.80
N GLU C 182 -49.76 -6.71 18.95
CA GLU C 182 -49.70 -5.38 18.34
C GLU C 182 -49.57 -5.52 16.83
N GLN C 183 -48.79 -6.52 16.37
CA GLN C 183 -48.63 -6.75 14.94
C GLN C 183 -50.01 -6.92 14.31
N ASN C 184 -50.71 -7.99 14.70
CA ASN C 184 -51.99 -8.24 14.05
C ASN C 184 -53.05 -7.27 14.56
N LYS C 185 -52.74 -6.47 15.60
CA LYS C 185 -53.58 -5.35 15.94
C LYS C 185 -53.40 -4.21 14.94
N LEU C 186 -52.18 -3.98 14.48
CA LEU C 186 -51.97 -2.85 13.59
C LEU C 186 -52.09 -3.30 12.14
N TYR C 187 -52.08 -4.62 11.90
CA TYR C 187 -52.14 -5.11 10.53
C TYR C 187 -53.10 -6.31 10.46
N GLY C 188 -52.82 -7.26 9.56
CA GLY C 188 -53.56 -8.51 9.46
C GLY C 188 -52.94 -9.66 10.27
N THR C 189 -53.61 -10.81 10.27
CA THR C 189 -53.25 -11.88 11.19
C THR C 189 -52.32 -12.89 10.52
N GLY C 190 -52.66 -13.36 9.32
CA GLY C 190 -51.82 -14.30 8.59
C GLY C 190 -50.46 -13.69 8.29
N ASN C 191 -49.45 -14.57 8.18
CA ASN C 191 -48.05 -14.18 7.97
C ASN C 191 -47.97 -13.08 6.93
N LYS C 192 -47.04 -12.13 7.13
CA LYS C 192 -46.95 -10.96 6.27
C LYS C 192 -45.62 -10.90 5.53
N LEU C 193 -45.69 -10.52 4.26
CA LEU C 193 -44.56 -10.62 3.35
C LEU C 193 -44.45 -9.34 2.53
N ILE C 194 -43.21 -8.94 2.24
CA ILE C 194 -42.92 -7.75 1.47
C ILE C 194 -41.94 -8.15 0.38
N THR C 195 -42.37 -7.97 -0.89
CA THR C 195 -41.49 -8.25 -2.01
C THR C 195 -41.19 -6.97 -2.75
N VAL C 196 -39.90 -6.74 -3.03
CA VAL C 196 -39.42 -5.51 -3.62
C VAL C 196 -38.60 -5.85 -4.87
N GLY C 197 -39.10 -5.40 -6.03
CA GLY C 197 -38.54 -5.81 -7.31
C GLY C 197 -38.02 -4.63 -8.14
N SER C 198 -36.75 -4.73 -8.53
CA SER C 198 -36.19 -3.88 -9.55
C SER C 198 -35.98 -4.73 -10.80
N SER C 199 -35.45 -4.12 -11.87
CA SER C 199 -34.80 -4.87 -12.93
C SER C 199 -33.69 -5.73 -12.31
N LYS C 200 -32.79 -5.07 -11.57
CA LYS C 200 -31.61 -5.64 -10.94
C LYS C 200 -31.96 -6.25 -9.58
N TYR C 201 -32.28 -5.43 -8.57
CA TYR C 201 -32.67 -5.87 -7.24
C TYR C 201 -33.94 -6.75 -7.29
N GLN C 202 -34.10 -7.67 -6.30
CA GLN C 202 -35.22 -8.62 -6.34
C GLN C 202 -35.63 -9.24 -5.00
N GLN C 203 -34.92 -8.93 -3.90
CA GLN C 203 -35.08 -9.69 -2.65
C GLN C 203 -36.36 -9.36 -1.89
N SER C 204 -36.62 -10.11 -0.81
CA SER C 204 -37.82 -9.98 -0.02
C SER C 204 -37.46 -9.88 1.47
N PHE C 205 -38.52 -9.74 2.29
CA PHE C 205 -38.44 -9.49 3.73
C PHE C 205 -39.81 -9.83 4.32
N SER C 206 -39.81 -10.27 5.58
CA SER C 206 -41.02 -10.45 6.38
C SER C 206 -40.77 -10.02 7.82
N PRO C 207 -41.82 -9.76 8.64
CA PRO C 207 -41.64 -9.12 9.95
C PRO C 207 -41.46 -10.09 11.12
N SER C 208 -40.51 -9.76 11.99
CA SER C 208 -40.23 -10.52 13.19
C SER C 208 -40.84 -9.82 14.40
N PRO C 209 -42.07 -10.17 14.81
CA PRO C 209 -42.63 -9.61 16.06
C PRO C 209 -41.87 -10.18 17.25
N GLY C 210 -42.00 -9.51 18.39
CA GLY C 210 -41.20 -9.85 19.56
C GLY C 210 -40.78 -8.60 20.31
N ALA C 211 -40.72 -8.71 21.64
CA ALA C 211 -40.36 -7.59 22.49
C ALA C 211 -38.84 -7.46 22.51
N ARG C 212 -38.39 -6.21 22.30
CA ARG C 212 -37.01 -5.80 22.38
C ARG C 212 -36.89 -4.74 23.48
N PRO C 213 -35.66 -4.50 24.02
CA PRO C 213 -35.44 -3.42 24.97
C PRO C 213 -35.99 -2.13 24.37
N LYS C 214 -36.68 -1.35 25.20
CA LYS C 214 -37.26 -0.09 24.75
C LYS C 214 -36.15 0.86 24.33
N VAL C 215 -36.29 1.45 23.14
CA VAL C 215 -35.42 2.52 22.66
C VAL C 215 -36.30 3.70 22.20
N ASN C 216 -36.15 4.86 22.88
CA ASN C 216 -37.11 5.96 22.84
C ASN C 216 -38.50 5.42 23.20
N GLY C 217 -38.54 4.55 24.23
CA GLY C 217 -39.79 3.97 24.70
C GLY C 217 -40.56 3.18 23.63
N GLN C 218 -39.85 2.62 22.65
CA GLN C 218 -40.46 1.73 21.67
C GLN C 218 -39.72 0.39 21.67
N ALA C 219 -40.47 -0.69 21.88
CA ALA C 219 -39.94 -2.05 21.82
C ALA C 219 -39.83 -2.51 20.37
N GLY C 220 -40.62 -1.89 19.49
CA GLY C 220 -40.55 -2.13 18.06
C GLY C 220 -39.26 -1.62 17.40
N ARG C 221 -39.10 -2.04 16.15
CA ARG C 221 -38.00 -1.57 15.31
C ARG C 221 -38.49 -1.41 13.87
N ILE C 222 -37.74 -0.63 13.09
CA ILE C 222 -37.82 -0.67 11.65
C ILE C 222 -36.45 -0.97 11.05
N ASP C 223 -36.39 -2.06 10.26
CA ASP C 223 -35.31 -2.33 9.32
C ASP C 223 -35.49 -1.36 8.15
N PHE C 224 -34.49 -0.52 7.92
CA PHE C 224 -34.56 0.32 6.75
C PHE C 224 -33.70 -0.32 5.66
N HIS C 225 -34.27 -0.39 4.46
CA HIS C 225 -33.63 -1.02 3.32
C HIS C 225 -33.64 -0.03 2.16
N TRP C 226 -32.59 -0.08 1.33
CA TRP C 226 -32.45 0.91 0.29
C TRP C 226 -31.88 0.32 -1.00
N MET C 227 -32.12 1.02 -2.10
CA MET C 227 -31.74 0.57 -3.42
C MET C 227 -31.40 1.82 -4.23
N LEU C 228 -30.48 1.70 -5.19
CA LEU C 228 -30.35 2.74 -6.20
C LEU C 228 -31.03 2.26 -7.48
N LEU C 229 -32.10 2.98 -7.91
CA LEU C 229 -32.86 2.62 -9.09
C LEU C 229 -32.32 3.36 -10.30
N ASP C 230 -31.89 2.61 -11.32
CA ASP C 230 -31.18 3.14 -12.49
C ASP C 230 -32.12 3.98 -13.34
N PRO C 231 -31.61 4.97 -14.10
CA PRO C 231 -32.44 5.67 -15.10
C PRO C 231 -33.17 4.71 -16.04
N GLY C 232 -34.50 4.84 -16.10
CA GLY C 232 -35.33 4.02 -16.97
C GLY C 232 -36.00 2.88 -16.23
N ASP C 233 -35.27 2.31 -15.27
CA ASP C 233 -35.73 1.15 -14.50
C ASP C 233 -36.91 1.50 -13.59
N THR C 234 -37.62 0.46 -13.14
CA THR C 234 -38.80 0.63 -12.31
C THR C 234 -38.69 -0.30 -11.10
N VAL C 235 -39.43 0.01 -10.02
CA VAL C 235 -39.36 -0.76 -8.78
C VAL C 235 -40.79 -1.05 -8.33
N THR C 236 -41.06 -2.30 -7.90
CA THR C 236 -42.39 -2.72 -7.47
C THR C 236 -42.38 -3.21 -6.02
N PHE C 237 -43.21 -2.56 -5.19
CA PHE C 237 -43.39 -2.98 -3.82
C PHE C 237 -44.70 -3.75 -3.71
N THR C 238 -44.59 -5.01 -3.25
CA THR C 238 -45.79 -5.81 -3.03
C THR C 238 -45.77 -6.33 -1.59
N PHE C 239 -46.85 -6.05 -0.86
CA PHE C 239 -46.83 -6.04 0.60
C PHE C 239 -48.25 -6.17 1.15
N ASN C 240 -48.36 -6.74 2.36
CA ASN C 240 -49.65 -7.07 2.99
C ASN C 240 -49.69 -6.67 4.46
N GLY C 241 -48.82 -5.73 4.85
CA GLY C 241 -48.71 -5.22 6.20
C GLY C 241 -47.25 -4.97 6.61
N ALA C 242 -47.08 -4.41 7.81
CA ALA C 242 -45.78 -4.17 8.40
C ALA C 242 -44.91 -3.29 7.50
N PHE C 243 -45.52 -2.47 6.62
CA PHE C 243 -44.78 -1.77 5.58
C PHE C 243 -44.70 -0.27 5.84
N ILE C 244 -43.46 0.27 5.89
CA ILE C 244 -43.27 1.69 6.00
C ILE C 244 -42.88 2.18 4.62
N ALA C 245 -43.72 3.01 4.02
CA ALA C 245 -43.62 3.21 2.58
C ALA C 245 -42.84 4.46 2.24
N PRO C 246 -42.06 4.47 1.14
CA PRO C 246 -41.43 5.72 0.68
C PRO C 246 -42.52 6.65 0.14
N ASP C 247 -42.36 7.96 0.33
CA ASP C 247 -43.22 8.95 -0.29
C ASP C 247 -42.45 9.75 -1.35
N ARG C 248 -41.24 10.21 -0.98
CA ARG C 248 -40.39 10.86 -1.96
C ARG C 248 -39.09 10.07 -2.15
N ALA C 249 -38.57 10.04 -3.38
CA ALA C 249 -37.28 9.46 -3.71
C ALA C 249 -36.20 10.49 -3.48
N THR C 250 -34.94 10.03 -3.37
CA THR C 250 -33.82 10.96 -3.27
C THR C 250 -32.98 10.93 -4.53
N PHE C 251 -32.52 12.12 -4.92
CA PHE C 251 -31.48 12.25 -5.92
C PHE C 251 -30.29 13.03 -5.33
N LEU C 252 -29.11 12.77 -5.90
CA LEU C 252 -27.85 13.35 -5.45
C LEU C 252 -27.53 14.53 -6.35
N ARG C 253 -27.29 15.70 -5.75
CA ARG C 253 -27.13 16.87 -6.57
C ARG C 253 -25.87 16.71 -7.42
N SER C 254 -25.03 15.73 -7.08
CA SER C 254 -23.77 15.57 -7.81
C SER C 254 -24.01 15.08 -9.25
N ASN C 255 -25.17 14.46 -9.52
CA ASN C 255 -25.49 13.95 -10.85
C ASN C 255 -26.50 14.82 -11.60
N ALA C 256 -26.78 16.04 -11.12
CA ALA C 256 -27.81 16.86 -11.75
C ALA C 256 -27.27 17.56 -13.00
N PRO C 257 -28.15 17.98 -13.95
CA PRO C 257 -27.75 18.70 -15.17
C PRO C 257 -27.41 20.16 -14.89
N SER C 258 -26.28 20.64 -15.45
CA SER C 258 -25.80 21.99 -15.21
C SER C 258 -26.96 22.98 -15.26
N GLY C 259 -27.30 23.45 -14.05
CA GLY C 259 -28.52 24.16 -13.68
C GLY C 259 -28.42 24.37 -12.17
N ILE C 260 -29.48 24.91 -11.53
CA ILE C 260 -29.38 25.06 -10.08
C ILE C 260 -29.71 23.72 -9.41
N GLU C 261 -29.16 23.54 -8.21
CA GLU C 261 -29.18 22.27 -7.51
C GLU C 261 -28.15 21.32 -8.13
N TYR C 262 -26.91 21.81 -8.34
CA TYR C 262 -25.85 20.98 -8.88
C TYR C 262 -24.83 20.63 -7.80
N ASN C 263 -24.08 21.63 -7.36
CA ASN C 263 -22.99 21.45 -6.39
C ASN C 263 -21.75 20.77 -6.98
N GLY C 264 -21.81 19.43 -7.18
CA GLY C 264 -20.61 18.68 -7.46
C GLY C 264 -20.09 18.00 -6.19
N LYS C 265 -19.31 16.93 -6.35
CA LYS C 265 -18.93 16.09 -5.21
C LYS C 265 -18.57 16.96 -3.99
N SER C 266 -19.14 16.61 -2.84
CA SER C 266 -18.86 17.26 -1.58
C SER C 266 -17.88 16.40 -0.77
N LEU C 267 -17.45 16.92 0.38
CA LEU C 267 -16.58 16.21 1.29
C LEU C 267 -17.31 16.09 2.62
N GLY C 268 -17.59 14.85 3.05
CA GLY C 268 -18.19 14.59 4.33
C GLY C 268 -17.13 14.40 5.42
N ILE C 269 -17.27 15.12 6.55
CA ILE C 269 -16.27 14.98 7.60
C ILE C 269 -17.04 14.75 8.87
N GLN C 270 -16.36 14.29 9.94
CA GLN C 270 -17.00 14.09 11.21
C GLN C 270 -16.20 14.85 12.25
N SER C 271 -16.84 15.74 13.02
CA SER C 271 -16.07 16.69 13.79
C SER C 271 -16.75 17.14 15.07
N ASP C 272 -15.90 17.54 16.02
CA ASP C 272 -16.25 17.93 17.37
C ASP C 272 -16.22 19.45 17.50
N ALA C 273 -15.48 20.11 16.58
CA ALA C 273 -15.10 21.51 16.69
C ALA C 273 -16.21 22.43 16.18
N GLN C 274 -16.23 23.66 16.72
CA GLN C 274 -17.12 24.70 16.22
C GLN C 274 -16.71 25.10 14.81
N ILE C 275 -17.72 25.61 14.07
CA ILE C 275 -17.52 26.11 12.71
C ILE C 275 -16.92 27.50 12.81
N ASP C 276 -16.11 27.89 11.82
CA ASP C 276 -15.55 29.24 11.76
C ASP C 276 -15.48 29.68 10.30
N GLU C 277 -16.37 30.61 9.93
CA GLU C 277 -16.56 31.05 8.55
C GLU C 277 -15.38 31.95 8.17
N SER C 278 -14.45 32.07 9.13
CA SER C 278 -13.48 33.13 9.18
C SER C 278 -12.07 32.60 8.86
N CYS C 279 -11.92 31.29 8.75
CA CYS C 279 -10.65 30.71 8.33
C CYS C 279 -10.88 29.70 7.20
N GLU C 280 -9.82 29.37 6.46
CA GLU C 280 -9.91 28.43 5.35
C GLU C 280 -9.24 27.14 5.77
N GLY C 281 -9.44 26.09 4.97
CA GLY C 281 -8.72 24.83 5.09
C GLY C 281 -9.25 23.84 4.08
N GLU C 282 -8.44 22.84 3.67
CA GLU C 282 -8.85 21.80 2.76
C GLU C 282 -8.67 20.44 3.42
N CYS C 283 -8.27 20.43 4.68
CA CYS C 283 -7.98 19.18 5.36
C CYS C 283 -8.67 19.22 6.71
N PHE C 284 -9.44 18.15 7.00
CA PHE C 284 -10.21 18.12 8.23
C PHE C 284 -10.00 16.81 8.99
N TYR C 285 -10.29 16.90 10.29
CA TYR C 285 -10.33 15.73 11.15
C TYR C 285 -11.29 16.04 12.31
N SER C 286 -11.38 15.09 13.24
CA SER C 286 -12.34 15.23 14.32
C SER C 286 -12.06 16.46 15.18
N GLY C 287 -10.78 16.79 15.37
CA GLY C 287 -10.37 17.97 16.13
C GLY C 287 -10.49 19.30 15.35
N GLY C 288 -10.80 19.24 14.05
CA GLY C 288 -10.94 20.46 13.29
C GLY C 288 -10.24 20.40 11.93
N THR C 289 -9.33 21.36 11.73
CA THR C 289 -8.73 21.67 10.44
C THR C 289 -7.19 21.64 10.55
N ILE C 290 -6.56 21.02 9.55
CA ILE C 290 -5.14 21.09 9.32
C ILE C 290 -4.87 22.00 8.12
N ASN C 291 -4.44 23.24 8.41
CA ASN C 291 -4.03 24.22 7.41
C ASN C 291 -2.54 24.50 7.63
N SER C 292 -1.68 23.96 6.77
CA SER C 292 -0.25 24.01 7.06
C SER C 292 0.59 24.06 5.79
N PRO C 293 1.67 24.87 5.74
CA PRO C 293 2.65 24.73 4.64
C PRO C 293 3.45 23.42 4.66
N LEU C 294 3.58 22.71 5.80
CA LEU C 294 4.51 21.60 5.85
C LEU C 294 3.98 20.45 4.99
N PRO C 295 4.84 19.53 4.53
CA PRO C 295 4.37 18.37 3.75
C PRO C 295 3.94 17.15 4.54
N PHE C 296 4.24 17.08 5.84
CA PHE C 296 3.79 15.92 6.59
C PHE C 296 2.95 16.33 7.79
N GLN C 297 2.19 15.39 8.34
CA GLN C 297 1.42 15.70 9.56
C GLN C 297 1.38 14.44 10.40
N ASN C 298 1.35 14.67 11.71
CA ASN C 298 1.41 13.63 12.72
C ASN C 298 0.20 13.82 13.65
N ILE C 299 -0.83 14.49 13.13
CA ILE C 299 -1.94 14.90 13.98
C ILE C 299 -2.96 13.75 14.08
N ASP C 300 -3.36 13.22 12.91
CA ASP C 300 -4.46 12.29 12.81
C ASP C 300 -4.40 11.56 11.48
N SER C 301 -4.13 10.26 11.53
CA SER C 301 -4.01 9.46 10.30
C SER C 301 -5.34 9.39 9.55
N ARG C 302 -6.42 9.92 10.11
CA ARG C 302 -7.70 9.73 9.43
C ARG C 302 -8.23 11.07 8.91
N ALA C 303 -7.38 12.09 8.99
CA ALA C 303 -7.67 13.37 8.39
C ALA C 303 -8.25 13.14 7.00
N VAL C 304 -9.17 13.98 6.54
CA VAL C 304 -9.67 13.77 5.20
C VAL C 304 -9.62 15.10 4.49
N GLY C 305 -9.71 15.04 3.17
CA GLY C 305 -9.58 16.24 2.36
C GLY C 305 -8.33 16.13 1.47
N LYS C 306 -7.75 17.28 1.20
CA LYS C 306 -6.44 17.36 0.62
C LYS C 306 -5.42 17.65 1.73
N CYS C 307 -4.57 16.65 2.01
CA CYS C 307 -3.88 16.64 3.29
C CYS C 307 -2.37 16.43 3.15
N PRO C 308 -1.56 17.07 4.02
CA PRO C 308 -0.18 16.63 4.20
C PRO C 308 -0.25 15.11 4.35
N ARG C 309 0.79 14.42 3.92
CA ARG C 309 0.91 12.99 4.14
C ARG C 309 1.14 12.68 5.62
N TYR C 310 0.50 11.62 6.13
CA TYR C 310 0.49 11.37 7.55
C TYR C 310 1.74 10.56 7.88
N VAL C 311 2.45 10.85 8.98
CA VAL C 311 3.63 10.04 9.28
C VAL C 311 3.67 9.74 10.76
N LYS C 312 4.30 8.65 11.19
CA LYS C 312 4.27 8.30 12.58
C LYS C 312 5.19 9.20 13.41
N GLN C 313 6.16 9.89 12.77
CA GLN C 313 7.23 10.58 13.45
C GLN C 313 6.77 11.98 13.84
N SER C 314 7.28 12.52 14.93
CA SER C 314 6.75 13.83 15.30
C SER C 314 7.60 14.97 14.75
N SER C 315 8.85 14.65 14.48
CA SER C 315 9.77 15.63 13.92
C SER C 315 10.65 14.98 12.85
N LEU C 316 10.78 15.64 11.70
CA LEU C 316 11.80 15.25 10.71
C LEU C 316 12.56 16.48 10.25
N PRO C 317 13.56 16.99 11.00
CA PRO C 317 14.25 18.24 10.62
C PRO C 317 14.96 18.23 9.26
N LEU C 318 14.69 19.26 8.44
CA LEU C 318 15.30 19.43 7.12
C LEU C 318 16.41 20.52 7.17
N ALA C 319 17.63 20.15 6.72
CA ALA C 319 18.76 21.09 6.69
C ALA C 319 18.49 22.22 5.70
N LEU C 320 18.63 23.47 6.12
CA LEU C 320 18.57 24.62 5.22
C LEU C 320 19.94 25.31 5.09
N GLY C 321 21.00 24.65 5.53
CA GLY C 321 22.32 25.24 5.58
C GLY C 321 23.37 24.12 5.63
N MET C 322 24.66 24.51 5.52
CA MET C 322 25.77 23.58 5.47
C MET C 322 26.06 23.03 6.86
N LYS C 323 26.93 22.03 6.88
CA LYS C 323 27.44 21.45 8.10
C LYS C 323 28.10 22.54 8.94
N ASN C 324 27.86 22.55 10.25
CA ASN C 324 28.35 23.58 11.15
C ASN C 324 29.69 23.11 11.73
N VAL C 325 30.76 23.89 11.51
CA VAL C 325 32.02 23.53 12.11
C VAL C 325 32.55 24.76 12.81
N PRO C 326 32.47 24.82 14.16
CA PRO C 326 32.91 26.01 14.90
C PRO C 326 34.36 26.37 14.64
N GLU C 327 34.70 27.63 14.91
CA GLU C 327 36.04 28.15 14.69
C GLU C 327 37.01 27.66 15.78
N LYS C 328 38.14 27.06 15.37
CA LYS C 328 39.24 26.60 16.21
C LYS C 328 40.10 27.78 16.72
N ILE C 329 41.07 27.48 17.61
CA ILE C 329 42.16 28.41 17.97
C ILE C 329 43.54 27.89 17.55
N ALA D 5 47.26 35.23 12.86
CA ALA D 5 47.29 34.01 11.95
C ALA D 5 45.87 33.67 11.46
N ILE D 6 45.73 33.43 10.17
CA ILE D 6 44.45 33.19 9.58
C ILE D 6 44.46 31.80 8.96
N ALA D 7 43.25 31.24 8.80
CA ALA D 7 43.11 29.87 8.38
C ALA D 7 41.86 29.73 7.52
N GLY D 8 41.90 28.74 6.60
CA GLY D 8 40.83 28.54 5.66
C GLY D 8 39.85 27.48 6.11
N PHE D 9 39.08 26.94 5.18
CA PHE D 9 37.94 26.08 5.48
C PHE D 9 38.42 24.69 5.83
N ILE D 10 39.64 24.29 5.47
CA ILE D 10 40.00 22.92 5.80
C ILE D 10 40.03 22.81 7.32
N GLU D 11 40.57 23.82 7.98
CA GLU D 11 40.60 23.90 9.43
C GLU D 11 39.17 23.98 10.00
N ASN D 12 38.40 24.99 9.57
CA ASN D 12 37.18 25.24 10.33
C ASN D 12 36.30 26.26 9.62
N GLY D 13 35.28 26.70 10.33
CA GLY D 13 34.44 27.73 9.74
C GLY D 13 34.73 29.06 10.41
N TRP D 14 34.00 30.09 9.98
CA TRP D 14 34.22 31.45 10.42
C TRP D 14 32.96 31.95 11.11
N GLU D 15 32.99 32.03 12.45
CA GLU D 15 31.81 32.60 13.15
C GLU D 15 31.55 34.04 12.80
N GLY D 16 32.60 34.77 12.39
CA GLY D 16 32.49 36.19 12.09
C GLY D 16 31.92 36.49 10.69
N LEU D 17 31.80 35.48 9.79
CA LEU D 17 31.32 35.81 8.45
C LEU D 17 29.79 35.81 8.51
N ILE D 18 29.15 36.98 8.67
CA ILE D 18 27.70 36.92 8.93
C ILE D 18 26.92 37.40 7.70
N ASP D 19 27.63 37.64 6.61
CA ASP D 19 27.24 38.42 5.48
C ASP D 19 27.05 37.51 4.26
N GLY D 20 27.37 36.20 4.41
CA GLY D 20 27.35 35.30 3.29
C GLY D 20 27.74 33.89 3.72
N TRP D 21 27.70 32.94 2.80
CA TRP D 21 28.01 31.56 3.12
C TRP D 21 29.51 31.29 3.00
N TYR D 22 30.10 31.87 1.93
CA TYR D 22 31.53 31.75 1.62
C TYR D 22 32.17 33.13 1.53
N GLY D 23 33.49 33.17 1.72
CA GLY D 23 34.16 34.46 1.74
C GLY D 23 35.68 34.29 1.70
N PHE D 24 36.37 35.42 1.58
CA PHE D 24 37.81 35.54 1.57
C PHE D 24 38.28 36.30 2.81
N ARG D 25 39.30 35.72 3.46
CA ARG D 25 39.96 36.45 4.53
C ARG D 25 41.41 36.66 4.09
N HIS D 26 41.92 37.91 4.15
CA HIS D 26 43.29 38.17 3.75
C HIS D 26 44.13 38.84 4.83
N GLN D 27 45.43 38.81 4.58
CA GLN D 27 46.45 39.50 5.36
C GLN D 27 47.45 40.11 4.39
N ASN D 28 47.77 41.40 4.59
CA ASN D 28 48.79 42.11 3.83
C ASN D 28 49.44 43.20 4.71
N ALA D 29 50.28 44.07 4.15
CA ALA D 29 50.89 45.13 4.98
C ALA D 29 49.83 46.07 5.57
N GLN D 30 48.72 46.28 4.83
CA GLN D 30 47.69 47.23 5.24
C GLN D 30 46.75 46.64 6.29
N GLY D 31 46.85 45.32 6.54
CA GLY D 31 46.04 44.76 7.60
C GLY D 31 45.27 43.50 7.17
N GLN D 32 44.17 43.25 7.86
CA GLN D 32 43.55 41.95 7.78
C GLN D 32 42.07 42.17 7.54
N GLY D 33 41.47 41.47 6.57
CA GLY D 33 40.05 41.68 6.26
C GLY D 33 39.32 40.44 5.76
N THR D 34 37.97 40.46 5.92
CA THR D 34 37.08 39.38 5.51
C THR D 34 35.95 39.94 4.66
N ALA D 35 35.64 39.35 3.52
CA ALA D 35 34.47 39.82 2.77
C ALA D 35 33.72 38.62 2.20
N ALA D 36 32.39 38.66 2.24
CA ALA D 36 31.57 37.58 1.68
C ALA D 36 31.71 37.59 0.17
N ASP D 37 31.66 36.40 -0.43
CA ASP D 37 31.53 36.30 -1.88
C ASP D 37 30.04 36.16 -2.23
N TYR D 38 29.49 37.18 -2.91
CA TYR D 38 28.06 37.27 -3.15
C TYR D 38 27.58 36.12 -4.05
N LYS D 39 28.27 35.92 -5.17
CA LYS D 39 27.82 35.04 -6.24
C LYS D 39 27.70 33.63 -5.70
N SER D 40 28.71 33.14 -5.00
CA SER D 40 28.63 31.75 -4.61
C SER D 40 27.63 31.57 -3.46
N THR D 41 27.48 32.60 -2.63
CA THR D 41 26.46 32.60 -1.60
C THR D 41 25.09 32.38 -2.24
N GLN D 42 24.67 33.28 -3.18
CA GLN D 42 23.38 33.14 -3.85
C GLN D 42 23.25 31.76 -4.50
N ALA D 43 24.29 31.33 -5.19
CA ALA D 43 24.27 30.03 -5.84
C ALA D 43 23.79 28.98 -4.84
N ALA D 44 24.32 29.02 -3.61
CA ALA D 44 24.02 27.99 -2.62
C ALA D 44 22.60 28.16 -2.10
N ILE D 45 22.25 29.42 -1.80
CA ILE D 45 20.96 29.81 -1.28
C ILE D 45 19.88 29.49 -2.30
N ASP D 46 20.22 29.54 -3.59
CA ASP D 46 19.22 29.33 -4.65
C ASP D 46 18.82 27.84 -4.71
N GLN D 47 19.73 26.92 -4.39
CA GLN D 47 19.35 25.51 -4.34
C GLN D 47 18.70 25.16 -2.99
N ILE D 48 18.05 26.14 -2.35
CA ILE D 48 17.44 25.95 -1.06
C ILE D 48 16.04 26.56 -1.07
N THR D 49 15.08 25.64 -1.28
CA THR D 49 13.64 25.79 -1.52
C THR D 49 13.07 24.35 -1.51
N GLY D 50 13.82 23.48 -0.82
CA GLY D 50 13.41 22.11 -0.62
C GLY D 50 11.99 22.05 -0.08
N LYS D 51 11.62 22.99 0.79
CA LYS D 51 10.42 22.80 1.60
C LYS D 51 9.17 22.61 0.73
N LEU D 52 8.98 23.45 -0.30
CA LEU D 52 7.82 23.28 -1.17
C LEU D 52 8.11 22.30 -2.32
N ASN D 53 9.35 21.84 -2.47
CA ASN D 53 9.71 20.78 -3.43
C ASN D 53 9.48 19.43 -2.75
N ARG D 54 9.74 19.38 -1.45
CA ARG D 54 9.31 18.28 -0.60
C ARG D 54 7.78 18.24 -0.55
N LEU D 55 7.15 19.41 -0.73
CA LEU D 55 5.72 19.67 -0.67
C LEU D 55 5.07 19.50 -2.06
N ILE D 56 5.85 19.62 -3.15
CA ILE D 56 5.29 19.60 -4.51
C ILE D 56 4.81 18.18 -4.80
N GLU D 57 5.21 17.22 -3.94
CA GLU D 57 4.59 15.90 -3.92
C GLU D 57 3.29 15.90 -3.13
N LYS D 58 2.99 17.00 -2.42
CA LYS D 58 1.73 17.05 -1.69
C LYS D 58 0.57 17.15 -2.68
N THR D 59 -0.36 16.22 -2.45
CA THR D 59 -1.25 15.61 -3.41
C THR D 59 -2.19 16.61 -4.06
N ASN D 60 -2.44 16.35 -5.34
CA ASN D 60 -3.63 16.77 -6.07
C ASN D 60 -4.85 15.99 -5.52
N LYS D 61 -4.58 14.81 -4.92
CA LYS D 61 -5.57 13.76 -4.73
C LYS D 61 -6.34 13.97 -3.41
N GLN D 62 -7.68 13.91 -3.52
CA GLN D 62 -8.56 14.02 -2.37
C GLN D 62 -8.95 12.63 -1.87
N PHE D 63 -8.84 12.42 -0.56
CA PHE D 63 -9.32 11.20 0.07
C PHE D 63 -10.56 11.43 0.96
N GLU D 64 -11.43 10.41 0.98
CA GLU D 64 -12.67 10.37 1.76
C GLU D 64 -12.54 9.35 2.90
N LEU D 65 -13.44 9.45 3.88
CA LEU D 65 -13.66 8.45 4.91
C LEU D 65 -14.05 7.10 4.32
N ILE D 66 -13.52 6.06 4.96
CA ILE D 66 -13.59 4.67 4.52
C ILE D 66 -14.15 3.88 5.70
N ASP D 67 -14.03 4.48 6.90
CA ASP D 67 -14.59 3.97 8.13
C ASP D 67 -15.22 5.12 8.88
N ASN D 68 -15.61 4.85 10.13
CA ASN D 68 -16.57 5.65 10.88
C ASN D 68 -16.11 5.74 12.32
N GLU D 69 -15.92 6.98 12.76
CA GLU D 69 -15.38 7.31 14.07
C GLU D 69 -16.50 7.34 15.12
N PHE D 70 -17.76 7.48 14.68
CA PHE D 70 -18.94 7.57 15.54
C PHE D 70 -19.68 6.23 15.67
N THR D 71 -19.98 5.59 14.53
CA THR D 71 -20.64 4.29 14.45
C THR D 71 -19.70 3.28 13.77
N GLU D 72 -18.92 2.57 14.60
CA GLU D 72 -17.98 1.56 14.18
C GLU D 72 -18.53 0.70 13.03
N VAL D 73 -17.69 0.47 12.00
CA VAL D 73 -17.96 -0.42 10.88
C VAL D 73 -17.89 -1.86 11.39
N GLU D 74 -18.55 -2.80 10.68
CA GLU D 74 -18.48 -4.23 11.03
C GLU D 74 -17.00 -4.68 11.18
N GLN D 75 -16.76 -5.61 12.12
CA GLN D 75 -15.44 -6.05 12.55
C GLN D 75 -14.49 -6.48 11.40
N GLN D 76 -14.97 -7.33 10.47
CA GLN D 76 -14.05 -7.93 9.50
C GLN D 76 -13.49 -6.85 8.57
N ILE D 77 -14.37 -6.02 8.00
CA ILE D 77 -13.93 -4.98 7.09
C ILE D 77 -13.17 -3.88 7.83
N GLY D 78 -13.54 -3.65 9.10
CA GLY D 78 -12.83 -2.72 9.96
C GLY D 78 -11.39 -3.18 10.19
N ASN D 79 -11.20 -4.51 10.32
CA ASN D 79 -9.85 -5.04 10.48
C ASN D 79 -9.04 -4.84 9.20
N VAL D 80 -9.65 -5.11 8.02
CA VAL D 80 -8.97 -4.98 6.75
C VAL D 80 -8.55 -3.52 6.54
N ILE D 81 -9.52 -2.60 6.73
CA ILE D 81 -9.25 -1.17 6.61
C ILE D 81 -8.09 -0.75 7.49
N ASN D 82 -8.24 -0.98 8.80
CA ASN D 82 -7.24 -0.60 9.81
C ASN D 82 -5.85 -1.13 9.44
N TRP D 83 -5.81 -2.39 9.02
CA TRP D 83 -4.58 -3.05 8.61
C TRP D 83 -3.94 -2.34 7.41
N THR D 84 -4.78 -2.08 6.38
CA THR D 84 -4.34 -1.40 5.18
C THR D 84 -3.79 -0.03 5.57
N ARG D 85 -4.58 0.74 6.34
CA ARG D 85 -4.12 2.05 6.75
C ARG D 85 -2.76 2.00 7.43
N ASP D 86 -2.60 1.16 8.48
CA ASP D 86 -1.33 1.17 9.19
C ASP D 86 -0.19 0.73 8.26
N SER D 87 -0.51 -0.08 7.25
CA SER D 87 0.43 -0.49 6.24
C SER D 87 0.93 0.68 5.37
N LEU D 88 0.00 1.53 4.93
CA LEU D 88 0.33 2.72 4.18
C LEU D 88 1.13 3.67 5.08
N THR D 89 0.79 3.75 6.36
CA THR D 89 1.49 4.61 7.30
C THR D 89 2.95 4.20 7.45
N GLU D 90 3.23 2.90 7.64
CA GLU D 90 4.59 2.41 7.70
C GLU D 90 5.35 2.93 6.46
N ILE D 91 4.74 2.81 5.27
CA ILE D 91 5.37 3.16 4.02
C ILE D 91 5.61 4.67 3.90
N TRP D 92 4.61 5.53 4.16
CA TRP D 92 4.85 6.94 4.05
C TRP D 92 5.84 7.39 5.13
N SER D 93 5.81 6.81 6.30
CA SER D 93 6.73 7.21 7.36
C SER D 93 8.11 6.91 6.84
N TYR D 94 8.24 5.76 6.20
CA TYR D 94 9.55 5.38 5.73
C TYR D 94 9.98 6.34 4.59
N ASN D 95 9.06 6.66 3.68
CA ASN D 95 9.38 7.52 2.57
C ASN D 95 9.79 8.88 3.12
N ALA D 96 9.03 9.43 4.07
CA ALA D 96 9.28 10.77 4.55
C ALA D 96 10.68 10.80 5.16
N GLU D 97 11.07 9.78 5.93
CA GLU D 97 12.31 9.89 6.66
C GLU D 97 13.47 9.78 5.67
N LEU D 98 13.32 8.93 4.65
CA LEU D 98 14.30 8.73 3.60
C LEU D 98 14.41 9.99 2.74
N LEU D 99 13.30 10.65 2.45
CA LEU D 99 13.43 11.80 1.58
C LEU D 99 14.21 12.89 2.33
N VAL D 100 13.91 13.07 3.61
CA VAL D 100 14.50 14.14 4.39
C VAL D 100 15.99 13.83 4.52
N ALA D 101 16.33 12.55 4.68
CA ALA D 101 17.71 12.30 5.02
C ALA D 101 18.53 12.49 3.73
N MET D 102 17.95 12.10 2.57
CA MET D 102 18.60 12.27 1.29
C MET D 102 18.77 13.76 1.01
N GLU D 103 17.74 14.56 1.25
CA GLU D 103 17.86 15.98 1.03
C GLU D 103 18.96 16.52 1.95
N ASN D 104 19.03 16.07 3.20
CA ASN D 104 20.01 16.56 4.14
C ASN D 104 21.41 16.25 3.63
N GLN D 105 21.64 15.03 3.11
CA GLN D 105 22.95 14.67 2.62
C GLN D 105 23.34 15.54 1.43
N HIS D 106 22.38 15.70 0.51
CA HIS D 106 22.62 16.50 -0.67
C HIS D 106 22.99 17.92 -0.23
N THR D 107 22.28 18.49 0.76
CA THR D 107 22.53 19.86 1.14
C THR D 107 23.94 20.03 1.70
N ILE D 108 24.34 19.15 2.60
CA ILE D 108 25.68 19.16 3.18
C ILE D 108 26.75 18.98 2.11
N ASP D 109 26.59 17.99 1.24
CA ASP D 109 27.60 17.66 0.22
C ASP D 109 27.76 18.82 -0.76
N LEU D 110 26.66 19.46 -1.07
CA LEU D 110 26.71 20.44 -2.12
C LEU D 110 27.33 21.72 -1.55
N ALA D 111 27.21 21.94 -0.24
CA ALA D 111 27.81 23.09 0.39
C ALA D 111 29.34 22.95 0.29
N ASP D 112 29.91 21.78 0.64
CA ASP D 112 31.32 21.51 0.53
C ASP D 112 31.78 21.68 -0.92
N SER D 113 30.99 21.10 -1.82
CA SER D 113 31.27 21.18 -3.23
C SER D 113 31.45 22.65 -3.66
N GLU D 114 30.56 23.57 -3.25
CA GLU D 114 30.67 24.93 -3.72
C GLU D 114 31.92 25.62 -3.18
N MET D 115 32.21 25.37 -1.90
CA MET D 115 33.36 25.92 -1.22
C MET D 115 34.61 25.43 -1.97
N ASN D 116 34.57 24.18 -2.40
CA ASN D 116 35.74 23.55 -3.01
C ASN D 116 35.98 24.16 -4.37
N LYS D 117 34.88 24.46 -5.08
CA LYS D 117 34.91 25.04 -6.41
C LYS D 117 35.46 26.46 -6.35
N LEU D 118 35.02 27.25 -5.36
CA LEU D 118 35.59 28.58 -5.21
C LEU D 118 37.10 28.52 -4.99
N TYR D 119 37.52 27.61 -4.09
CA TYR D 119 38.91 27.41 -3.76
C TYR D 119 39.70 27.06 -5.01
N GLU D 120 39.19 26.11 -5.81
CA GLU D 120 39.93 25.66 -6.98
C GLU D 120 40.09 26.81 -7.95
N ARG D 121 39.05 27.67 -8.01
CA ARG D 121 39.03 28.73 -8.99
C ARG D 121 40.12 29.72 -8.60
N VAL D 122 40.20 30.08 -7.32
CA VAL D 122 41.22 31.00 -6.87
C VAL D 122 42.62 30.42 -7.13
N ARG D 123 42.87 29.16 -6.80
CA ARG D 123 44.14 28.52 -7.06
C ARG D 123 44.51 28.68 -8.52
N ARG D 124 43.53 28.51 -9.40
CA ARG D 124 43.92 28.63 -10.81
C ARG D 124 44.15 30.09 -11.18
N GLN D 125 43.51 31.05 -10.52
CA GLN D 125 43.85 32.42 -10.87
C GLN D 125 45.30 32.72 -10.51
N LEU D 126 45.80 32.20 -9.40
CA LEU D 126 47.05 32.61 -8.80
C LEU D 126 48.23 31.95 -9.53
N ARG D 127 47.95 30.91 -10.31
CA ARG D 127 48.98 30.24 -11.10
C ARG D 127 50.23 29.91 -10.27
N GLU D 128 51.40 30.38 -10.69
CA GLU D 128 52.64 30.08 -10.00
C GLU D 128 52.98 31.19 -9.00
N ASN D 129 52.03 32.07 -8.67
CA ASN D 129 52.37 33.23 -7.84
C ASN D 129 52.14 32.91 -6.37
N ALA D 130 51.54 31.74 -6.07
CA ALA D 130 51.15 31.44 -4.69
C ALA D 130 51.30 29.95 -4.40
N GLU D 131 51.34 29.57 -3.13
CA GLU D 131 51.34 28.14 -2.81
C GLU D 131 50.22 27.82 -1.82
N GLU D 132 49.60 26.67 -1.89
CA GLU D 132 48.59 26.30 -0.89
C GLU D 132 49.25 26.00 0.46
N ASP D 133 48.69 26.57 1.56
CA ASP D 133 49.22 26.37 2.90
C ASP D 133 48.70 25.11 3.58
N GLY D 134 47.68 24.48 3.06
CA GLY D 134 47.21 23.23 3.66
C GLY D 134 45.96 23.38 4.53
N THR D 135 45.54 24.63 4.72
CA THR D 135 44.42 24.94 5.58
C THR D 135 43.31 25.63 4.79
N GLY D 136 43.50 25.85 3.49
CA GLY D 136 42.52 26.56 2.69
C GLY D 136 42.96 27.98 2.34
N CYS D 137 44.23 28.34 2.65
CA CYS D 137 44.84 29.60 2.26
C CYS D 137 45.89 29.46 1.16
N PHE D 138 46.15 30.54 0.46
CA PHE D 138 47.28 30.64 -0.45
C PHE D 138 48.33 31.56 0.13
N GLU D 139 49.57 31.09 0.32
CA GLU D 139 50.67 32.04 0.58
C GLU D 139 51.04 32.71 -0.74
N ILE D 140 50.84 34.03 -0.77
CA ILE D 140 51.11 34.80 -1.98
C ILE D 140 52.55 35.28 -1.99
N PHE D 141 53.33 34.96 -3.02
CA PHE D 141 54.77 35.22 -2.95
C PHE D 141 55.11 36.57 -3.59
N HIS D 142 54.20 37.55 -3.47
CA HIS D 142 54.51 38.92 -3.84
C HIS D 142 53.65 39.86 -2.99
N ARG D 143 54.04 41.12 -2.85
CA ARG D 143 53.18 42.13 -2.22
C ARG D 143 51.83 42.17 -2.93
N CYS D 144 50.74 42.12 -2.14
CA CYS D 144 49.38 42.18 -2.66
C CYS D 144 48.61 43.16 -1.76
N ASP D 145 48.62 44.42 -2.19
CA ASP D 145 47.91 45.49 -1.52
C ASP D 145 46.39 45.28 -1.62
N ASP D 146 45.65 46.16 -0.95
CA ASP D 146 44.20 45.98 -0.91
C ASP D 146 43.60 45.85 -2.31
N GLN D 147 44.18 46.51 -3.31
CA GLN D 147 43.49 46.53 -4.60
C GLN D 147 43.73 45.22 -5.33
N CYS D 148 44.90 44.67 -5.10
CA CYS D 148 45.36 43.40 -5.64
C CYS D 148 44.51 42.27 -5.04
N MET D 149 44.28 42.34 -3.69
CA MET D 149 43.38 41.43 -3.00
C MET D 149 41.98 41.47 -3.61
N GLU D 150 41.39 42.67 -3.70
CA GLU D 150 40.12 42.87 -4.39
C GLU D 150 40.09 42.13 -5.73
N SER D 151 41.15 42.29 -6.53
CA SER D 151 41.22 41.69 -7.86
C SER D 151 41.22 40.15 -7.80
N ILE D 152 41.82 39.57 -6.75
CA ILE D 152 41.63 38.15 -6.54
C ILE D 152 40.15 37.84 -6.23
N ARG D 153 39.54 38.57 -5.31
CA ARG D 153 38.13 38.32 -5.00
C ARG D 153 37.25 38.47 -6.25
N ASN D 154 37.41 39.51 -7.08
CA ASN D 154 36.44 39.64 -8.16
C ASN D 154 36.94 39.01 -9.47
N ASN D 155 37.97 38.16 -9.43
CA ASN D 155 38.31 37.34 -10.58
C ASN D 155 38.93 38.18 -11.71
N THR D 156 39.71 39.19 -11.35
CA THR D 156 40.35 40.16 -12.24
C THR D 156 41.87 39.97 -12.28
N TYR D 157 42.44 39.38 -11.21
CA TYR D 157 43.86 39.25 -10.99
C TYR D 157 44.58 38.73 -12.23
N ASN D 158 45.67 39.36 -12.64
CA ASN D 158 46.44 38.98 -13.81
C ASN D 158 47.78 38.45 -13.35
N HIS D 159 47.92 37.12 -13.34
CA HIS D 159 49.07 36.51 -12.71
C HIS D 159 50.36 37.01 -13.37
N THR D 160 50.33 37.29 -14.69
CA THR D 160 51.58 37.57 -15.39
C THR D 160 52.16 38.90 -14.85
N GLU D 161 51.33 39.75 -14.25
CA GLU D 161 51.78 41.02 -13.75
C GLU D 161 52.70 40.83 -12.53
N TYR D 162 52.68 39.69 -11.87
CA TYR D 162 53.44 39.52 -10.66
C TYR D 162 54.30 38.28 -10.78
N ARG D 163 54.22 37.62 -11.93
CA ARG D 163 54.90 36.33 -12.06
C ARG D 163 56.38 36.44 -11.67
N GLN D 164 57.11 37.38 -12.29
CA GLN D 164 58.55 37.48 -12.17
C GLN D 164 58.93 37.67 -10.70
N GLU D 165 58.29 38.62 -9.99
CA GLU D 165 58.53 38.82 -8.57
C GLU D 165 58.22 37.54 -7.79
N ALA D 166 57.11 36.84 -8.17
CA ALA D 166 56.67 35.73 -7.34
C ALA D 166 57.62 34.54 -7.48
N LEU D 167 58.04 34.28 -8.72
CA LEU D 167 58.97 33.20 -9.02
C LEU D 167 60.29 33.38 -8.27
N GLN D 168 60.81 34.60 -8.29
CA GLN D 168 62.02 34.95 -7.56
C GLN D 168 61.82 34.64 -6.08
N ASN D 169 60.68 35.09 -5.53
CA ASN D 169 60.49 34.86 -4.10
C ASN D 169 60.29 33.38 -3.80
N ARG D 170 59.75 32.61 -4.78
CA ARG D 170 59.54 31.20 -4.47
C ARG D 170 60.86 30.41 -4.43
N ILE D 171 61.87 30.79 -5.21
CA ILE D 171 62.97 29.87 -5.52
C ILE D 171 64.27 30.06 -4.70
N GLY E 1 65.87 7.56 -5.71
CA GLY E 1 64.96 8.61 -5.23
C GLY E 1 64.00 8.06 -4.18
N ASP E 2 63.90 8.78 -3.06
CA ASP E 2 62.95 8.52 -2.01
C ASP E 2 61.52 8.84 -2.46
N LYS E 3 60.57 8.04 -1.97
CA LYS E 3 59.20 8.03 -2.46
C LYS E 3 58.22 7.55 -1.40
N ILE E 4 57.02 8.16 -1.36
CA ILE E 4 55.95 7.68 -0.49
C ILE E 4 54.65 7.53 -1.28
N CYS E 5 53.93 6.42 -1.06
CA CYS E 5 52.72 6.11 -1.79
C CYS E 5 51.57 5.99 -0.81
N LEU E 6 50.35 6.37 -1.28
CA LEU E 6 49.13 6.14 -0.52
C LEU E 6 48.36 5.02 -1.17
N GLY E 7 47.72 4.19 -0.35
CA GLY E 7 47.12 2.98 -0.93
C GLY E 7 46.04 2.47 -0.02
N HIS E 8 45.30 1.43 -0.47
CA HIS E 8 44.21 0.95 0.36
C HIS E 8 44.21 -0.56 0.27
N HIS E 9 43.50 -1.22 1.21
CA HIS E 9 43.60 -2.66 1.19
C HIS E 9 42.85 -3.29 0.00
N ALA E 10 43.13 -4.57 -0.21
CA ALA E 10 42.38 -5.39 -1.13
C ALA E 10 42.53 -6.86 -0.70
N VAL E 11 41.65 -7.73 -1.18
CA VAL E 11 41.76 -9.13 -0.90
C VAL E 11 41.75 -9.90 -2.22
N ALA E 12 42.14 -11.17 -2.20
CA ALA E 12 42.21 -12.00 -3.39
C ALA E 12 40.82 -12.07 -4.03
N ASN E 13 39.82 -12.44 -3.20
CA ASN E 13 38.45 -12.57 -3.65
C ASN E 13 37.48 -11.81 -2.74
N GLY E 14 36.69 -10.95 -3.38
CA GLY E 14 35.66 -10.21 -2.66
C GLY E 14 34.24 -10.75 -2.90
N THR E 15 33.25 -10.02 -2.37
CA THR E 15 31.86 -10.40 -2.53
C THR E 15 31.19 -9.43 -3.48
N LYS E 16 30.34 -9.96 -4.37
CA LYS E 16 29.64 -9.09 -5.30
C LYS E 16 28.46 -8.48 -4.57
N VAL E 17 28.15 -7.21 -4.86
CA VAL E 17 27.00 -6.50 -4.33
C VAL E 17 26.47 -5.60 -5.43
N ASN E 18 25.26 -5.07 -5.24
CA ASN E 18 24.75 -4.21 -6.29
C ASN E 18 24.78 -2.75 -5.84
N THR E 19 25.00 -1.86 -6.77
CA THR E 19 24.85 -0.48 -6.39
C THR E 19 23.67 0.09 -7.16
N LEU E 20 23.65 1.42 -7.30
CA LEU E 20 22.69 2.10 -8.15
C LEU E 20 23.11 1.95 -9.61
N THR E 21 24.22 2.60 -10.01
CA THR E 21 24.82 2.36 -11.31
C THR E 21 24.84 0.87 -11.67
N GLU E 22 25.63 0.06 -10.94
CA GLU E 22 26.18 -1.16 -11.51
C GLU E 22 25.75 -2.39 -10.72
N ARG E 23 25.94 -3.58 -11.31
CA ARG E 23 25.55 -4.86 -10.71
C ARG E 23 26.79 -5.74 -10.60
N GLY E 24 26.97 -6.42 -9.46
CA GLY E 24 28.04 -7.40 -9.30
C GLY E 24 29.40 -6.73 -9.02
N VAL E 25 29.37 -5.54 -8.40
CA VAL E 25 30.60 -4.90 -8.00
C VAL E 25 31.14 -5.60 -6.76
N GLU E 26 32.48 -5.84 -6.82
CA GLU E 26 33.23 -6.61 -5.85
C GLU E 26 33.67 -5.70 -4.71
N VAL E 27 33.36 -6.10 -3.49
CA VAL E 27 33.82 -5.27 -2.38
C VAL E 27 34.59 -6.16 -1.40
N VAL E 28 35.38 -5.54 -0.54
CA VAL E 28 36.24 -6.26 0.37
C VAL E 28 35.39 -7.17 1.23
N ASN E 29 34.21 -6.70 1.61
CA ASN E 29 33.40 -7.44 2.56
C ASN E 29 31.94 -7.00 2.48
N ALA E 30 31.04 -7.94 2.80
CA ALA E 30 29.61 -7.73 2.73
C ALA E 30 28.88 -8.58 3.76
N THR E 31 27.61 -8.28 3.97
CA THR E 31 26.81 -9.11 4.87
C THR E 31 25.38 -9.19 4.37
N GLU E 32 24.78 -10.34 4.66
CA GLU E 32 23.42 -10.65 4.24
C GLU E 32 22.44 -9.82 5.05
N THR E 33 21.31 -9.53 4.41
CA THR E 33 20.31 -8.59 4.82
C THR E 33 18.93 -9.28 4.98
N VAL E 34 18.82 -10.49 4.43
CA VAL E 34 17.54 -11.12 4.30
C VAL E 34 17.63 -12.46 5.04
N GLU E 35 16.84 -12.59 6.11
CA GLU E 35 16.78 -13.87 6.82
C GLU E 35 16.02 -14.89 5.98
N ILE E 36 16.53 -16.12 5.90
CA ILE E 36 15.94 -17.14 5.06
C ILE E 36 15.66 -18.39 5.89
N THR E 37 16.08 -18.41 7.16
CA THR E 37 15.85 -19.62 7.94
C THR E 37 15.06 -19.27 9.21
N GLY E 38 14.09 -20.12 9.56
CA GLY E 38 13.34 -19.88 10.78
C GLY E 38 13.65 -20.92 11.85
N ILE E 39 13.14 -20.71 13.06
CA ILE E 39 13.26 -21.74 14.09
C ILE E 39 12.03 -22.63 13.99
N ASP E 40 12.20 -23.95 13.89
CA ASP E 40 11.03 -24.80 13.73
C ASP E 40 10.39 -25.12 15.09
N LYS E 41 10.37 -24.13 15.99
CA LYS E 41 9.70 -24.23 17.29
C LYS E 41 8.83 -22.99 17.47
N VAL E 42 7.84 -23.08 18.37
CA VAL E 42 7.22 -21.86 18.87
C VAL E 42 7.99 -21.45 20.12
N CYS E 43 8.63 -20.27 20.04
CA CYS E 43 9.55 -19.80 21.07
C CYS E 43 8.79 -18.95 22.09
N THR E 44 8.59 -19.52 23.28
CA THR E 44 7.61 -19.00 24.22
C THR E 44 8.25 -18.52 25.51
N LYS E 45 9.58 -18.54 25.59
CA LYS E 45 10.31 -18.09 26.77
C LYS E 45 9.93 -16.64 27.05
N GLY E 46 9.54 -16.37 28.31
CA GLY E 46 9.25 -15.02 28.78
C GLY E 46 7.87 -14.47 28.39
N LYS E 47 6.97 -15.36 27.97
CA LYS E 47 5.58 -15.01 27.68
C LYS E 47 4.66 -16.09 28.23
N LYS E 48 3.37 -15.75 28.38
CA LYS E 48 2.38 -16.74 28.77
C LYS E 48 1.70 -17.27 27.51
N ALA E 49 1.86 -18.58 27.27
CA ALA E 49 1.36 -19.17 26.03
C ALA E 49 0.34 -20.27 26.30
N VAL E 50 -0.67 -20.38 25.44
CA VAL E 50 -1.49 -21.58 25.53
C VAL E 50 -1.54 -22.26 24.17
N ASP E 51 -1.25 -23.56 24.17
CA ASP E 51 -1.44 -24.40 23.02
C ASP E 51 -2.86 -24.97 23.06
N LEU E 52 -3.75 -24.43 22.21
CA LEU E 52 -5.16 -24.80 22.21
C LEU E 52 -5.36 -26.23 21.72
N GLY E 53 -4.29 -26.92 21.30
CA GLY E 53 -4.43 -28.28 20.82
C GLY E 53 -5.57 -28.44 19.82
N SER E 54 -6.33 -29.51 20.02
CA SER E 54 -7.47 -29.84 19.16
C SER E 54 -8.69 -28.94 19.43
N CYS E 55 -8.56 -27.98 20.37
CA CYS E 55 -9.68 -27.10 20.69
C CYS E 55 -9.65 -25.91 19.75
N GLY E 56 -10.61 -25.84 18.83
CA GLY E 56 -10.78 -24.64 18.03
C GLY E 56 -10.99 -23.39 18.89
N ILE E 57 -10.42 -22.26 18.46
CA ILE E 57 -10.42 -21.07 19.28
C ILE E 57 -11.86 -20.55 19.55
N LEU E 58 -12.84 -20.90 18.69
CA LEU E 58 -14.23 -20.52 18.95
C LEU E 58 -14.88 -21.43 20.02
N GLY E 59 -14.47 -22.70 20.04
CA GLY E 59 -14.74 -23.65 21.11
C GLY E 59 -14.51 -23.10 22.52
N THR E 60 -13.50 -22.27 22.70
CA THR E 60 -13.25 -21.76 24.04
C THR E 60 -14.49 -21.03 24.56
N ILE E 61 -15.36 -20.57 23.65
CA ILE E 61 -16.45 -19.69 24.03
C ILE E 61 -17.64 -20.53 24.41
N ILE E 62 -17.91 -21.60 23.65
CA ILE E 62 -19.14 -22.32 23.85
C ILE E 62 -18.91 -23.63 24.58
N GLY E 63 -17.69 -24.14 24.49
CA GLY E 63 -17.23 -25.20 25.37
C GLY E 63 -17.62 -26.62 24.94
N PRO E 64 -17.21 -27.10 23.74
CA PRO E 64 -17.29 -28.53 23.41
C PRO E 64 -16.26 -29.21 24.32
N PRO E 65 -16.36 -30.55 24.53
CA PRO E 65 -15.47 -31.28 25.44
C PRO E 65 -13.97 -30.98 25.27
N GLN E 66 -13.50 -31.05 24.02
CA GLN E 66 -12.09 -30.91 23.72
C GLN E 66 -11.54 -29.56 24.19
N CYS E 67 -12.41 -28.64 24.61
CA CYS E 67 -11.96 -27.32 25.03
C CYS E 67 -12.06 -27.15 26.54
N ASP E 68 -12.31 -28.22 27.31
CA ASP E 68 -12.68 -28.05 28.73
C ASP E 68 -11.63 -27.24 29.51
N LEU E 69 -10.34 -27.45 29.23
CA LEU E 69 -9.31 -26.79 29.99
C LEU E 69 -9.08 -25.35 29.54
N HIS E 70 -9.84 -24.89 28.55
CA HIS E 70 -9.55 -23.62 27.90
C HIS E 70 -10.70 -22.63 28.03
N LEU E 71 -11.61 -22.82 28.98
CA LEU E 71 -12.83 -22.03 28.98
C LEU E 71 -12.55 -20.67 29.61
N GLU E 72 -11.40 -20.54 30.29
CA GLU E 72 -11.11 -19.30 30.99
C GLU E 72 -9.62 -19.00 30.89
N PHE E 73 -9.06 -19.18 29.68
CA PHE E 73 -7.62 -19.18 29.54
C PHE E 73 -7.11 -17.75 29.68
N LYS E 74 -5.84 -17.66 30.08
CA LYS E 74 -5.08 -16.43 30.13
C LYS E 74 -3.84 -16.64 29.25
N ALA E 75 -3.65 -15.80 28.23
CA ALA E 75 -2.56 -16.05 27.29
C ALA E 75 -2.03 -14.76 26.69
N ASP E 76 -0.70 -14.70 26.57
CA ASP E 76 -0.01 -13.64 25.85
C ASP E 76 0.11 -14.04 24.39
N LEU E 77 0.25 -15.35 24.16
CA LEU E 77 0.37 -15.91 22.83
C LEU E 77 -0.59 -17.10 22.72
N ILE E 78 -1.47 -17.10 21.71
CA ILE E 78 -2.42 -18.19 21.53
C ILE E 78 -2.03 -18.98 20.28
N ILE E 79 -1.78 -20.28 20.42
CA ILE E 79 -1.42 -21.13 19.29
C ILE E 79 -2.62 -21.95 18.83
N GLU E 80 -3.32 -21.52 17.76
CA GLU E 80 -4.28 -22.40 17.09
C GLU E 80 -3.53 -23.55 16.42
N ARG E 81 -4.12 -24.73 16.34
CA ARG E 81 -3.55 -25.83 15.58
C ARG E 81 -4.37 -26.13 14.32
N ARG E 82 -3.76 -26.85 13.38
CA ARG E 82 -4.31 -27.17 12.08
C ARG E 82 -5.55 -28.06 12.21
N ASN E 83 -5.56 -28.99 13.17
CA ASN E 83 -6.65 -29.95 13.16
C ASN E 83 -7.91 -29.48 13.90
N SER E 84 -7.80 -28.46 14.78
CA SER E 84 -8.80 -27.93 15.70
C SER E 84 -10.25 -28.09 15.22
N SER E 85 -11.20 -28.21 16.16
CA SER E 85 -12.61 -28.00 15.90
C SER E 85 -13.24 -27.12 16.97
N ASP E 86 -14.13 -26.21 16.53
CA ASP E 86 -14.88 -25.40 17.48
C ASP E 86 -16.06 -26.17 18.03
N ILE E 87 -16.38 -27.34 17.46
CA ILE E 87 -17.68 -27.93 17.70
C ILE E 87 -17.57 -29.38 18.17
N CYS E 88 -18.71 -29.91 18.60
CA CYS E 88 -18.94 -31.34 18.75
C CYS E 88 -20.20 -31.70 17.96
N TYR E 89 -21.33 -31.08 18.29
CA TYR E 89 -22.50 -31.20 17.43
C TYR E 89 -22.27 -30.28 16.22
N PRO E 90 -22.37 -30.78 14.98
CA PRO E 90 -21.92 -30.05 13.78
C PRO E 90 -22.59 -28.69 13.58
N GLY E 91 -21.79 -27.70 13.08
CA GLY E 91 -22.31 -26.37 12.80
C GLY E 91 -21.25 -25.28 12.59
N ARG E 92 -21.74 -24.05 12.35
CA ARG E 92 -20.91 -22.92 11.95
C ARG E 92 -21.26 -21.73 12.80
N PHE E 93 -20.30 -20.80 12.93
CA PHE E 93 -20.59 -19.45 13.38
C PHE E 93 -20.84 -18.53 12.18
N THR E 94 -21.88 -17.68 12.26
CA THR E 94 -21.98 -16.54 11.36
C THR E 94 -20.90 -15.53 11.74
N ASN E 95 -20.24 -14.96 10.72
CA ASN E 95 -19.17 -13.99 10.92
C ASN E 95 -18.03 -14.66 11.69
N GLU E 96 -17.68 -15.90 11.30
CA GLU E 96 -16.79 -16.72 12.10
C GLU E 96 -15.39 -16.10 12.16
N GLU E 97 -14.98 -15.51 11.03
CA GLU E 97 -13.62 -15.01 11.00
C GLU E 97 -13.49 -13.81 11.95
N ALA E 98 -14.51 -12.95 11.94
CA ALA E 98 -14.48 -11.74 12.74
C ALA E 98 -14.18 -12.08 14.21
N LEU E 99 -14.96 -13.03 14.76
CA LEU E 99 -14.82 -13.52 16.12
C LEU E 99 -13.43 -14.12 16.38
N ARG E 100 -12.96 -15.00 15.50
CA ARG E 100 -11.62 -15.54 15.67
C ARG E 100 -10.64 -14.40 15.91
N GLN E 101 -10.86 -13.26 15.24
CA GLN E 101 -9.91 -12.18 15.35
C GLN E 101 -10.07 -11.57 16.75
N ILE E 102 -11.30 -11.58 17.25
CA ILE E 102 -11.59 -10.96 18.53
C ILE E 102 -10.92 -11.76 19.65
N ILE E 103 -11.03 -13.10 19.57
CA ILE E 103 -10.48 -13.96 20.60
C ILE E 103 -8.96 -13.90 20.57
N ARG E 104 -8.38 -13.98 19.35
CA ARG E 104 -6.93 -13.96 19.16
C ARG E 104 -6.23 -12.83 19.93
N GLU E 105 -6.84 -11.64 19.97
CA GLU E 105 -6.22 -10.49 20.65
C GLU E 105 -6.72 -10.34 22.09
N SER E 106 -7.63 -11.22 22.53
CA SER E 106 -8.42 -11.00 23.75
C SER E 106 -7.53 -10.95 24.99
N GLY E 107 -6.43 -11.74 25.00
CA GLY E 107 -5.59 -11.91 26.18
C GLY E 107 -6.13 -13.05 27.05
N GLY E 108 -7.12 -13.77 26.49
CA GLY E 108 -7.84 -14.78 27.22
C GLY E 108 -9.24 -14.29 27.53
N ILE E 109 -10.03 -15.23 28.06
CA ILE E 109 -11.45 -15.01 28.26
C ILE E 109 -11.83 -15.30 29.70
N ASP E 110 -12.88 -14.63 30.14
CA ASP E 110 -13.39 -14.78 31.50
C ASP E 110 -14.90 -14.97 31.36
N LYS E 111 -15.46 -15.92 32.10
CA LYS E 111 -16.87 -16.27 32.00
C LYS E 111 -17.63 -15.88 33.27
N GLU E 112 -18.92 -15.58 33.09
CA GLU E 112 -19.82 -15.12 34.14
C GLU E 112 -21.20 -15.55 33.69
N SER E 113 -21.95 -16.07 34.66
CA SER E 113 -23.29 -16.59 34.43
C SER E 113 -24.22 -15.45 34.01
N MET E 114 -25.25 -15.81 33.24
CA MET E 114 -26.26 -14.84 32.85
C MET E 114 -27.56 -14.96 33.67
N GLY E 115 -27.60 -15.92 34.61
CA GLY E 115 -28.75 -16.12 35.48
C GLY E 115 -30.05 -16.37 34.71
N PHE E 116 -30.00 -17.24 33.69
CA PHE E 116 -31.22 -17.74 33.10
C PHE E 116 -31.65 -18.97 33.89
N ARG E 117 -32.91 -18.96 34.37
CA ARG E 117 -33.51 -20.16 34.93
C ARG E 117 -34.79 -20.48 34.15
N TYR E 118 -35.11 -21.78 34.11
CA TYR E 118 -36.27 -22.29 33.39
C TYR E 118 -37.12 -23.14 34.35
N SER E 119 -38.21 -23.70 33.86
CA SER E 119 -39.02 -24.60 34.69
C SER E 119 -39.94 -25.46 33.86
N GLY E 120 -40.47 -24.90 32.76
CA GLY E 120 -41.44 -25.64 31.97
C GLY E 120 -40.82 -26.85 31.30
N ILE E 121 -39.52 -26.77 31.00
CA ILE E 121 -38.95 -27.52 29.89
C ILE E 121 -37.80 -28.41 30.39
N ARG E 122 -37.25 -29.23 29.48
CA ARG E 122 -35.95 -29.86 29.69
C ARG E 122 -34.84 -28.91 29.21
N THR E 123 -33.81 -28.76 30.02
CA THR E 123 -32.77 -27.80 29.73
C THR E 123 -31.43 -28.50 29.84
N ASP E 124 -31.39 -29.76 29.39
CA ASP E 124 -30.20 -30.57 29.63
C ASP E 124 -30.00 -31.54 28.47
N GLY E 125 -30.56 -31.20 27.31
CA GLY E 125 -30.39 -32.01 26.11
C GLY E 125 -28.93 -32.39 25.91
N ALA E 126 -28.69 -33.62 25.46
CA ALA E 126 -27.35 -34.15 25.32
C ALA E 126 -27.26 -35.00 24.04
N THR E 127 -26.05 -35.03 23.46
CA THR E 127 -25.80 -35.75 22.21
C THR E 127 -24.58 -36.65 22.38
N SER E 128 -24.52 -37.70 21.54
CA SER E 128 -23.38 -38.60 21.48
C SER E 128 -22.17 -37.93 20.80
N ALA E 129 -22.41 -36.82 20.07
CA ALA E 129 -21.34 -36.11 19.39
C ALA E 129 -20.48 -35.31 20.38
N CYS E 130 -21.03 -35.02 21.56
CA CYS E 130 -20.33 -34.31 22.63
C CYS E 130 -20.09 -35.26 23.80
N LYS E 131 -19.30 -36.31 23.58
CA LYS E 131 -18.97 -37.27 24.63
C LYS E 131 -18.03 -36.68 25.67
N ARG E 132 -18.43 -36.73 26.94
CA ARG E 132 -17.56 -36.30 28.03
C ARG E 132 -17.58 -37.32 29.17
N SER E 133 -18.33 -38.41 28.98
CA SER E 133 -18.31 -39.60 29.81
C SER E 133 -19.31 -40.56 29.20
N SER E 134 -20.57 -40.12 29.17
CA SER E 134 -21.62 -40.77 28.41
C SER E 134 -22.02 -39.87 27.24
N SER E 135 -22.79 -38.82 27.54
CA SER E 135 -23.25 -37.87 26.55
C SER E 135 -23.38 -36.54 27.28
N SER E 136 -22.88 -35.45 26.70
CA SER E 136 -23.22 -34.15 27.26
C SER E 136 -23.37 -33.09 26.16
N PHE E 137 -23.08 -31.81 26.49
CA PHE E 137 -23.31 -30.74 25.54
C PHE E 137 -22.22 -29.65 25.55
N TYR E 138 -22.54 -28.51 24.95
CA TYR E 138 -21.68 -27.37 25.06
C TYR E 138 -21.76 -26.88 26.51
N SER E 139 -20.71 -27.23 27.26
CA SER E 139 -20.44 -26.74 28.60
C SER E 139 -21.04 -25.36 28.89
N GLU E 140 -21.03 -24.45 27.92
CA GLU E 140 -21.37 -23.06 28.21
C GLU E 140 -22.79 -22.70 27.75
N MET E 141 -23.49 -23.68 27.17
CA MET E 141 -24.90 -23.45 26.83
C MET E 141 -25.77 -24.62 27.23
N LYS E 142 -27.04 -24.53 26.85
CA LYS E 142 -28.07 -25.44 27.31
C LYS E 142 -29.04 -25.69 26.16
N TRP E 143 -29.23 -26.96 25.83
CA TRP E 143 -30.13 -27.32 24.74
C TRP E 143 -31.58 -27.42 25.25
N LEU E 144 -32.39 -26.39 24.98
CA LEU E 144 -33.75 -26.29 25.50
C LEU E 144 -34.65 -27.17 24.65
N SER E 145 -34.99 -28.35 25.22
CA SER E 145 -35.83 -29.36 24.57
C SER E 145 -37.26 -29.37 25.13
N SER E 146 -38.14 -30.03 24.38
CA SER E 146 -39.53 -30.20 24.75
C SER E 146 -39.61 -31.06 26.01
N SER E 147 -40.48 -30.70 26.94
CA SER E 147 -40.44 -31.26 28.28
C SER E 147 -40.93 -32.71 28.37
N MET E 148 -41.70 -33.14 27.36
CA MET E 148 -42.31 -34.45 27.46
C MET E 148 -41.73 -35.35 26.36
N ASN E 149 -42.23 -35.17 25.13
CA ASN E 149 -41.74 -35.92 23.99
C ASN E 149 -42.28 -35.29 22.72
N ASN E 150 -43.59 -35.11 22.60
CA ASN E 150 -44.11 -34.42 21.43
C ASN E 150 -44.93 -33.20 21.85
N GLN E 151 -44.45 -32.48 22.87
CA GLN E 151 -45.18 -31.35 23.42
C GLN E 151 -44.86 -30.07 22.64
N VAL E 152 -45.89 -29.30 22.26
CA VAL E 152 -45.64 -27.99 21.67
C VAL E 152 -44.90 -27.12 22.69
N PHE E 153 -44.19 -26.09 22.23
CA PHE E 153 -43.16 -25.48 23.04
C PHE E 153 -43.52 -24.05 23.40
N PRO E 154 -43.48 -23.72 24.71
CA PRO E 154 -43.83 -22.39 25.23
C PRO E 154 -43.20 -21.18 24.55
N GLN E 155 -43.93 -20.07 24.56
CA GLN E 155 -43.53 -18.84 23.89
C GLN E 155 -42.72 -17.97 24.86
N LEU E 156 -41.47 -18.39 25.17
CA LEU E 156 -40.64 -17.93 26.28
C LEU E 156 -39.84 -16.66 25.98
N ASN E 157 -39.66 -15.84 27.01
CA ASN E 157 -38.73 -14.71 26.98
C ASN E 157 -37.59 -14.98 27.97
N GLN E 158 -36.42 -14.38 27.68
CA GLN E 158 -35.25 -14.37 28.55
C GLN E 158 -34.54 -13.04 28.37
N THR E 159 -34.06 -12.44 29.45
CA THR E 159 -33.45 -11.13 29.32
C THR E 159 -32.19 -11.10 30.18
N TYR E 160 -31.13 -10.42 29.69
CA TYR E 160 -29.84 -10.31 30.38
C TYR E 160 -29.23 -8.95 30.11
N ARG E 161 -29.02 -8.16 31.18
CA ARG E 161 -28.43 -6.84 31.06
C ARG E 161 -26.95 -6.92 31.39
N ASN E 162 -26.12 -6.31 30.54
CA ASN E 162 -24.67 -6.32 30.73
C ASN E 162 -24.30 -5.44 31.92
N THR E 163 -23.91 -6.11 33.02
CA THR E 163 -23.62 -5.39 34.23
C THR E 163 -22.31 -4.61 34.09
N ARG E 164 -21.29 -5.25 33.48
CA ARG E 164 -19.91 -4.79 33.60
C ARG E 164 -19.72 -3.49 32.82
N LYS E 165 -18.51 -2.93 32.89
CA LYS E 165 -18.17 -1.76 32.09
C LYS E 165 -17.38 -2.16 30.85
N GLU E 166 -17.26 -3.47 30.60
CA GLU E 166 -16.68 -4.02 29.39
C GLU E 166 -17.80 -4.55 28.49
N PRO E 167 -17.56 -4.77 27.17
CA PRO E 167 -18.52 -5.48 26.32
C PRO E 167 -18.62 -6.95 26.71
N ALA E 168 -19.83 -7.51 26.62
CA ALA E 168 -20.06 -8.92 26.87
C ALA E 168 -20.26 -9.69 25.57
N LEU E 169 -19.68 -10.89 25.45
CA LEU E 169 -19.82 -11.68 24.23
C LEU E 169 -20.85 -12.79 24.41
N ILE E 170 -22.01 -12.62 23.77
CA ILE E 170 -23.12 -13.53 23.96
C ILE E 170 -23.28 -14.34 22.69
N VAL E 171 -23.47 -15.67 22.84
CA VAL E 171 -23.66 -16.49 21.65
C VAL E 171 -24.84 -17.43 21.85
N TRP E 172 -25.61 -17.63 20.78
CA TRP E 172 -26.74 -18.53 20.89
C TRP E 172 -26.76 -19.37 19.62
N GLY E 173 -27.53 -20.45 19.66
CA GLY E 173 -27.60 -21.36 18.54
C GLY E 173 -29.03 -21.63 18.11
N VAL E 174 -29.19 -21.96 16.82
CA VAL E 174 -30.44 -22.35 16.18
C VAL E 174 -30.28 -23.79 15.72
N HIS E 175 -31.27 -24.64 16.08
CA HIS E 175 -31.15 -26.07 15.89
C HIS E 175 -31.91 -26.54 14.67
N HIS E 176 -31.14 -26.83 13.60
CA HIS E 176 -31.68 -27.35 12.36
C HIS E 176 -31.73 -28.88 12.43
N SER E 177 -32.90 -29.43 12.79
CA SER E 177 -33.05 -30.87 13.01
C SER E 177 -32.95 -31.66 11.71
N SER E 178 -32.71 -32.98 11.84
CA SER E 178 -32.45 -33.86 10.71
C SER E 178 -33.70 -34.13 9.86
N SER E 179 -34.88 -34.09 10.51
CA SER E 179 -36.18 -34.37 9.92
C SER E 179 -37.21 -33.49 10.60
N LEU E 180 -38.36 -33.26 9.91
CA LEU E 180 -39.45 -32.46 10.47
C LEU E 180 -40.20 -33.29 11.50
N ASP E 181 -39.95 -34.61 11.48
CA ASP E 181 -40.47 -35.48 12.52
C ASP E 181 -39.76 -35.21 13.84
N GLU E 182 -38.43 -35.13 13.76
CA GLU E 182 -37.61 -34.95 14.95
C GLU E 182 -37.77 -33.53 15.49
N GLN E 183 -37.89 -32.54 14.59
CA GLN E 183 -38.11 -31.17 15.02
C GLN E 183 -39.34 -31.12 15.92
N ASN E 184 -40.51 -31.45 15.37
CA ASN E 184 -41.72 -31.33 16.18
C ASN E 184 -41.79 -32.47 17.21
N LYS E 185 -40.91 -33.47 17.10
CA LYS E 185 -40.76 -34.40 18.20
C LYS E 185 -39.98 -33.76 19.36
N LEU E 186 -38.97 -32.94 19.06
CA LEU E 186 -38.15 -32.38 20.12
C LEU E 186 -38.70 -31.03 20.55
N TYR E 187 -39.61 -30.45 19.76
CA TYR E 187 -40.16 -29.16 20.10
C TYR E 187 -41.67 -29.16 19.85
N GLY E 188 -42.24 -28.01 19.47
CA GLY E 188 -43.63 -27.91 19.05
C GLY E 188 -43.84 -28.05 17.54
N THR E 189 -45.09 -28.00 17.09
CA THR E 189 -45.39 -28.33 15.71
C THR E 189 -45.44 -27.08 14.82
N GLY E 190 -46.18 -26.05 15.24
CA GLY E 190 -46.31 -24.83 14.47
C GLY E 190 -44.95 -24.15 14.26
N ASN E 191 -44.80 -23.41 13.15
CA ASN E 191 -43.57 -22.75 12.77
C ASN E 191 -42.92 -22.11 13.98
N LYS E 192 -41.58 -22.17 14.05
CA LYS E 192 -40.85 -21.72 15.22
C LYS E 192 -39.94 -20.54 14.88
N LEU E 193 -39.89 -19.58 15.81
CA LEU E 193 -39.25 -18.30 15.58
C LEU E 193 -38.40 -17.93 16.79
N ILE E 194 -37.27 -17.28 16.52
CA ILE E 194 -36.38 -16.79 17.55
C ILE E 194 -36.08 -15.33 17.24
N THR E 195 -36.44 -14.43 18.18
CA THR E 195 -36.11 -13.03 18.01
C THR E 195 -35.12 -12.63 19.09
N VAL E 196 -34.05 -11.94 18.66
CA VAL E 196 -32.97 -11.55 19.53
C VAL E 196 -32.76 -10.03 19.42
N GLY E 197 -32.98 -9.33 20.54
CA GLY E 197 -32.98 -7.88 20.55
C GLY E 197 -31.93 -7.26 21.46
N SER E 198 -31.11 -6.42 20.86
CA SER E 198 -30.27 -5.50 21.58
C SER E 198 -30.85 -4.09 21.47
N SER E 199 -30.20 -3.11 22.10
CA SER E 199 -30.38 -1.72 21.75
C SER E 199 -30.08 -1.54 20.26
N LYS E 200 -28.89 -2.02 19.85
CA LYS E 200 -28.37 -1.95 18.50
C LYS E 200 -28.88 -3.11 17.65
N TYR E 201 -28.41 -4.33 17.91
CA TYR E 201 -28.80 -5.55 17.19
C TYR E 201 -30.30 -5.79 17.30
N GLN E 202 -30.90 -6.48 16.31
CA GLN E 202 -32.36 -6.62 16.30
C GLN E 202 -32.90 -7.82 15.51
N GLN E 203 -32.03 -8.57 14.80
CA GLN E 203 -32.50 -9.51 13.78
C GLN E 203 -33.09 -10.79 14.37
N SER E 204 -33.65 -11.64 13.49
CA SER E 204 -34.35 -12.85 13.88
C SER E 204 -33.83 -14.03 13.06
N PHE E 205 -34.39 -15.21 13.35
CA PHE E 205 -33.99 -16.50 12.81
C PHE E 205 -35.13 -17.46 13.06
N SER E 206 -35.28 -18.44 12.16
CA SER E 206 -36.19 -19.57 12.31
C SER E 206 -35.53 -20.84 11.78
N PRO E 207 -36.00 -22.06 12.14
CA PRO E 207 -35.27 -23.30 11.87
C PRO E 207 -35.65 -23.97 10.56
N SER E 208 -34.63 -24.45 9.84
CA SER E 208 -34.80 -25.19 8.61
C SER E 208 -34.61 -26.67 8.87
N PRO E 209 -35.69 -27.45 9.12
CA PRO E 209 -35.55 -28.90 9.24
C PRO E 209 -35.23 -29.51 7.87
N GLY E 210 -34.72 -30.74 7.87
CA GLY E 210 -34.25 -31.40 6.66
C GLY E 210 -32.95 -32.14 6.92
N ALA E 211 -32.76 -33.24 6.19
CA ALA E 211 -31.61 -34.11 6.36
C ALA E 211 -30.41 -33.52 5.62
N ARG E 212 -29.27 -33.47 6.34
CA ARG E 212 -27.98 -33.07 5.83
C ARG E 212 -27.01 -34.24 5.98
N PRO E 213 -25.87 -34.25 5.23
CA PRO E 213 -24.85 -35.29 5.37
C PRO E 213 -24.49 -35.41 6.85
N LYS E 214 -24.34 -36.64 7.34
CA LYS E 214 -24.02 -36.84 8.74
C LYS E 214 -22.62 -36.29 9.01
N VAL E 215 -22.48 -35.45 10.05
CA VAL E 215 -21.18 -34.98 10.53
C VAL E 215 -21.08 -35.24 12.03
N ASN E 216 -20.10 -36.07 12.43
CA ASN E 216 -20.05 -36.72 13.73
C ASN E 216 -21.37 -37.47 13.95
N GLY E 217 -21.83 -38.16 12.91
CA GLY E 217 -23.06 -38.93 12.98
C GLY E 217 -24.29 -38.11 13.36
N GLN E 218 -24.29 -36.80 13.05
CA GLN E 218 -25.49 -35.98 13.23
C GLN E 218 -25.86 -35.30 11.90
N ALA E 219 -27.12 -35.51 11.47
CA ALA E 219 -27.66 -34.87 10.28
C ALA E 219 -28.10 -33.43 10.60
N GLY E 220 -28.35 -33.18 11.89
CA GLY E 220 -28.68 -31.84 12.36
C GLY E 220 -27.50 -30.86 12.30
N ARG E 221 -27.83 -29.59 12.51
CA ARG E 221 -26.85 -28.53 12.58
C ARG E 221 -27.25 -27.50 13.63
N ILE E 222 -26.27 -26.73 14.09
CA ILE E 222 -26.54 -25.49 14.79
C ILE E 222 -25.83 -24.32 14.10
N ASP E 223 -26.62 -23.31 13.69
CA ASP E 223 -26.16 -21.96 13.37
C ASP E 223 -25.77 -21.29 14.69
N PHE E 224 -24.51 -20.92 14.83
CA PHE E 224 -24.15 -20.15 16.00
C PHE E 224 -24.09 -18.68 15.61
N HIS E 225 -24.70 -17.84 16.44
CA HIS E 225 -24.81 -16.41 16.19
C HIS E 225 -24.33 -15.67 17.42
N TRP E 226 -23.71 -14.51 17.22
CA TRP E 226 -23.06 -13.84 18.33
C TRP E 226 -23.18 -12.32 18.22
N MET E 227 -23.02 -11.66 19.36
CA MET E 227 -23.18 -10.23 19.44
C MET E 227 -22.21 -9.74 20.52
N LEU E 228 -21.73 -8.50 20.39
CA LEU E 228 -21.07 -7.86 21.52
C LEU E 228 -22.06 -6.88 22.14
N LEU E 229 -22.45 -7.13 23.40
CA LEU E 229 -23.45 -6.32 24.09
C LEU E 229 -22.75 -5.25 24.91
N ASP E 230 -23.07 -3.98 24.61
CA ASP E 230 -22.34 -2.83 25.13
C ASP E 230 -22.59 -2.69 26.63
N PRO E 231 -21.66 -2.07 27.40
CA PRO E 231 -21.94 -1.71 28.78
C PRO E 231 -23.26 -0.94 28.94
N GLY E 232 -24.14 -1.45 29.80
CA GLY E 232 -25.41 -0.81 30.10
C GLY E 232 -26.56 -1.45 29.34
N ASP E 233 -26.27 -1.84 28.08
CA ASP E 233 -27.27 -2.37 27.18
C ASP E 233 -27.78 -3.74 27.63
N THR E 234 -28.94 -4.13 27.10
CA THR E 234 -29.58 -5.38 27.48
C THR E 234 -29.97 -6.13 26.20
N VAL E 235 -30.15 -7.45 26.32
CA VAL E 235 -30.46 -8.30 25.17
C VAL E 235 -31.64 -9.19 25.54
N THR E 236 -32.63 -9.31 24.64
CA THR E 236 -33.81 -10.11 24.88
C THR E 236 -33.93 -11.24 23.86
N PHE E 237 -33.99 -12.46 24.36
CA PHE E 237 -34.24 -13.62 23.54
C PHE E 237 -35.71 -14.02 23.66
N THR E 238 -36.43 -14.03 22.54
CA THR E 238 -37.79 -14.52 22.53
C THR E 238 -37.93 -15.63 21.48
N PHE E 239 -38.41 -16.79 21.93
CA PHE E 239 -38.18 -18.06 21.24
C PHE E 239 -39.22 -19.10 21.67
N ASN E 240 -39.56 -20.05 20.77
CA ASN E 240 -40.64 -21.02 20.95
C ASN E 240 -40.23 -22.42 20.54
N GLY E 241 -38.91 -22.67 20.53
CA GLY E 241 -38.31 -23.95 20.19
C GLY E 241 -36.99 -23.78 19.39
N ALA E 242 -36.34 -24.91 19.15
CA ALA E 242 -35.15 -24.97 18.30
C ALA E 242 -34.05 -24.03 18.81
N PHE E 243 -34.05 -23.73 20.12
CA PHE E 243 -33.17 -22.71 20.67
C PHE E 243 -32.09 -23.33 21.55
N ILE E 244 -30.82 -23.03 21.23
CA ILE E 244 -29.72 -23.43 22.08
C ILE E 244 -29.31 -22.20 22.84
N ALA E 245 -29.46 -22.23 24.17
CA ALA E 245 -29.40 -21.01 24.93
C ALA E 245 -28.01 -20.76 25.51
N PRO E 246 -27.58 -19.49 25.64
CA PRO E 246 -26.32 -19.23 26.35
C PRO E 246 -26.56 -19.45 27.84
N ASP E 247 -25.54 -19.92 28.54
CA ASP E 247 -25.54 -20.00 29.99
C ASP E 247 -24.57 -18.97 30.58
N ARG E 248 -23.35 -18.92 30.05
CA ARG E 248 -22.41 -17.92 30.51
C ARG E 248 -22.03 -16.99 29.38
N ALA E 249 -21.87 -15.71 29.73
CA ALA E 249 -21.42 -14.69 28.81
C ALA E 249 -19.89 -14.70 28.82
N THR E 250 -19.29 -14.16 27.75
CA THR E 250 -17.85 -14.06 27.71
C THR E 250 -17.40 -12.62 27.83
N PHE E 251 -16.33 -12.43 28.62
CA PHE E 251 -15.62 -11.17 28.64
C PHE E 251 -14.16 -11.41 28.27
N LEU E 252 -13.53 -10.35 27.73
CA LEU E 252 -12.18 -10.40 27.20
C LEU E 252 -11.28 -9.79 28.24
N ARG E 253 -10.24 -10.53 28.63
CA ARG E 253 -9.42 -10.06 29.73
C ARG E 253 -8.77 -8.74 29.32
N SER E 254 -8.76 -8.43 28.01
CA SER E 254 -8.08 -7.24 27.53
C SER E 254 -8.79 -5.96 27.98
N ASN E 255 -10.08 -6.04 28.33
CA ASN E 255 -10.84 -4.88 28.75
C ASN E 255 -11.09 -4.84 30.26
N ALA E 256 -10.41 -5.68 31.04
CA ALA E 256 -10.68 -5.75 32.47
C ALA E 256 -9.97 -4.61 33.19
N PRO E 257 -10.47 -4.20 34.40
CA PRO E 257 -9.83 -3.16 35.21
C PRO E 257 -8.59 -3.67 35.93
N SER E 258 -7.51 -2.85 35.91
CA SER E 258 -6.24 -3.20 36.52
C SER E 258 -6.47 -3.92 37.85
N GLY E 259 -6.24 -5.23 37.80
CA GLY E 259 -6.61 -6.23 38.80
C GLY E 259 -6.24 -7.59 38.23
N ILE E 260 -6.62 -8.70 38.89
CA ILE E 260 -6.27 -10.00 38.33
C ILE E 260 -7.26 -10.39 37.23
N GLU E 261 -6.77 -11.19 36.27
CA GLU E 261 -7.49 -11.49 35.05
C GLU E 261 -7.46 -10.28 34.11
N TYR E 262 -6.26 -9.71 33.88
CA TYR E 262 -6.12 -8.59 32.96
C TYR E 262 -5.45 -9.04 31.65
N ASN E 263 -4.18 -9.42 31.74
CA ASN E 263 -3.37 -9.78 30.59
C ASN E 263 -2.97 -8.56 29.73
N GLY E 264 -3.92 -8.05 28.92
CA GLY E 264 -3.55 -7.12 27.87
C GLY E 264 -3.51 -7.83 26.53
N LYS E 265 -3.66 -7.06 25.44
CA LYS E 265 -3.81 -7.65 24.12
C LYS E 265 -2.79 -8.78 23.94
N SER E 266 -3.28 -9.91 23.43
CA SER E 266 -2.46 -11.05 23.11
C SER E 266 -2.22 -11.08 21.60
N LEU E 267 -1.42 -12.05 21.17
CA LEU E 267 -1.13 -12.26 19.77
C LEU E 267 -1.55 -13.68 19.43
N GLY E 268 -2.51 -13.83 18.51
CA GLY E 268 -2.93 -15.14 18.06
C GLY E 268 -2.12 -15.58 16.84
N ILE E 269 -1.58 -16.81 16.86
CA ILE E 269 -0.86 -17.31 15.69
C ILE E 269 -1.46 -18.66 15.34
N GLN E 270 -1.14 -19.19 14.15
CA GLN E 270 -1.57 -20.51 13.74
C GLN E 270 -0.33 -21.31 13.34
N SER E 271 -0.11 -22.50 13.91
CA SER E 271 1.22 -23.09 13.82
C SER E 271 1.23 -24.61 13.93
N ASP E 272 2.25 -25.20 13.29
CA ASP E 272 2.41 -26.64 13.12
C ASP E 272 3.47 -27.19 14.08
N ALA E 273 4.33 -26.28 14.59
CA ALA E 273 5.54 -26.61 15.30
C ALA E 273 5.31 -26.91 16.78
N GLN E 274 6.18 -27.72 17.39
CA GLN E 274 6.23 -27.92 18.83
C GLN E 274 6.56 -26.61 19.55
N ILE E 275 6.09 -26.51 20.79
CA ILE E 275 6.37 -25.38 21.67
C ILE E 275 7.76 -25.59 22.26
N ASP E 276 8.48 -24.50 22.56
CA ASP E 276 9.78 -24.57 23.23
C ASP E 276 9.92 -23.38 24.18
N GLU E 277 9.88 -23.69 25.49
CA GLU E 277 9.85 -22.69 26.55
C GLU E 277 11.24 -22.09 26.69
N SER E 278 12.12 -22.59 25.83
CA SER E 278 13.56 -22.52 25.99
C SER E 278 14.16 -21.57 24.96
N CYS E 279 13.36 -21.05 24.02
CA CYS E 279 13.84 -20.03 23.10
C CYS E 279 12.89 -18.83 23.08
N GLU E 280 13.37 -17.68 22.59
CA GLU E 280 12.56 -16.48 22.55
C GLU E 280 12.16 -16.21 21.10
N GLY E 281 11.17 -15.32 20.92
CA GLY E 281 10.76 -14.78 19.63
C GLY E 281 9.57 -13.85 19.82
N GLU E 282 9.37 -12.90 18.91
CA GLU E 282 8.22 -12.01 18.86
C GLU E 282 7.60 -12.12 17.46
N CYS E 283 8.08 -13.05 16.64
CA CYS E 283 7.61 -13.14 15.26
C CYS E 283 7.35 -14.62 14.99
N PHE E 284 6.15 -14.92 14.48
CA PHE E 284 5.75 -16.29 14.29
C PHE E 284 5.10 -16.50 12.92
N TYR E 285 5.11 -17.77 12.50
CA TYR E 285 4.42 -18.19 11.30
C TYR E 285 4.11 -19.69 11.45
N SER E 286 3.53 -20.28 10.39
CA SER E 286 3.08 -21.64 10.51
C SER E 286 4.22 -22.61 10.82
N GLY E 287 5.40 -22.36 10.23
CA GLY E 287 6.60 -23.16 10.46
C GLY E 287 7.26 -22.92 11.82
N GLY E 288 6.84 -21.88 12.55
CA GLY E 288 7.40 -21.64 13.88
C GLY E 288 7.69 -20.15 14.09
N THR E 289 8.97 -19.85 14.39
CA THR E 289 9.43 -18.57 14.90
C THR E 289 10.54 -18.01 14.00
N ILE E 290 10.46 -16.70 13.74
CA ILE E 290 11.55 -15.94 13.15
C ILE E 290 12.17 -15.06 14.24
N ASN E 291 13.35 -15.47 14.74
CA ASN E 291 14.18 -14.64 15.59
C ASN E 291 15.46 -14.31 14.84
N SER E 292 15.59 -13.05 14.36
CA SER E 292 16.74 -12.73 13.53
C SER E 292 17.21 -11.28 13.71
N PRO E 293 18.53 -11.02 13.70
CA PRO E 293 19.02 -9.65 13.64
C PRO E 293 18.77 -8.94 12.31
N LEU E 294 18.56 -9.66 11.20
CA LEU E 294 18.55 -8.97 9.92
C LEU E 294 17.30 -8.12 9.80
N PRO E 295 17.24 -7.11 8.91
CA PRO E 295 16.01 -6.33 8.74
C PRO E 295 14.95 -6.86 7.78
N PHE E 296 15.28 -7.84 6.95
CA PHE E 296 14.26 -8.37 6.06
C PHE E 296 14.12 -9.88 6.21
N GLN E 297 13.02 -10.45 5.69
CA GLN E 297 12.82 -11.89 5.74
C GLN E 297 12.06 -12.30 4.50
N ASN E 298 12.34 -13.54 4.04
CA ASN E 298 11.83 -14.10 2.80
C ASN E 298 11.18 -15.44 3.15
N ILE E 299 10.84 -15.63 4.42
CA ILE E 299 10.39 -16.94 4.87
C ILE E 299 8.89 -17.11 4.63
N ASP E 300 8.11 -16.12 5.06
CA ASP E 300 6.65 -16.20 5.04
C ASP E 300 6.03 -14.81 5.10
N SER E 301 5.35 -14.41 4.04
CA SER E 301 4.73 -13.08 3.99
C SER E 301 3.60 -12.95 5.02
N ARG E 302 3.26 -14.01 5.73
CA ARG E 302 2.12 -13.90 6.63
C ARG E 302 2.59 -14.04 8.08
N ALA E 303 3.89 -14.02 8.27
CA ALA E 303 4.46 -14.00 9.61
C ALA E 303 3.70 -12.95 10.44
N VAL E 304 3.53 -13.19 11.74
CA VAL E 304 2.80 -12.20 12.50
C VAL E 304 3.63 -11.89 13.72
N GLY E 305 3.30 -10.74 14.33
CA GLY E 305 4.04 -10.24 15.49
C GLY E 305 4.91 -9.02 15.12
N LYS E 306 6.08 -8.94 15.75
CA LYS E 306 7.06 -7.90 15.47
C LYS E 306 8.18 -8.51 14.61
N CYS E 307 8.19 -8.13 13.35
CA CYS E 307 8.86 -8.93 12.35
C CYS E 307 9.76 -8.07 11.45
N PRO E 308 10.90 -8.65 11.02
CA PRO E 308 11.59 -8.13 9.83
C PRO E 308 10.52 -7.90 8.79
N ARG E 309 10.67 -6.88 7.94
CA ARG E 309 9.78 -6.72 6.80
C ARG E 309 9.99 -7.85 5.78
N TYR E 310 8.88 -8.30 5.17
CA TYR E 310 8.93 -9.39 4.24
C TYR E 310 9.34 -8.87 2.87
N VAL E 311 10.19 -9.60 2.14
CA VAL E 311 10.54 -9.15 0.80
C VAL E 311 10.57 -10.36 -0.13
N LYS E 312 10.37 -10.15 -1.42
CA LYS E 312 10.23 -11.30 -2.31
C LYS E 312 11.62 -11.87 -2.63
N GLN E 313 12.71 -11.11 -2.38
CA GLN E 313 14.04 -11.47 -2.81
C GLN E 313 14.67 -12.38 -1.76
N SER E 314 15.56 -13.27 -2.20
CA SER E 314 16.13 -14.19 -1.22
C SER E 314 17.40 -13.65 -0.58
N SER E 315 18.07 -12.74 -1.29
CA SER E 315 19.30 -12.19 -0.81
C SER E 315 19.41 -10.73 -1.27
N LEU E 316 19.82 -9.84 -0.35
CA LEU E 316 20.16 -8.48 -0.72
C LEU E 316 21.50 -8.06 -0.09
N PRO E 317 22.67 -8.44 -0.66
CA PRO E 317 23.95 -8.21 0.03
C PRO E 317 24.31 -6.76 0.30
N LEU E 318 24.76 -6.47 1.53
CA LEU E 318 25.11 -5.12 1.97
C LEU E 318 26.63 -4.97 2.08
N ALA E 319 27.22 -3.99 1.39
CA ALA E 319 28.68 -3.80 1.43
C ALA E 319 29.08 -3.34 2.83
N LEU E 320 30.11 -3.99 3.42
CA LEU E 320 30.71 -3.52 4.65
C LEU E 320 32.14 -3.02 4.42
N GLY E 321 32.52 -2.73 3.17
CA GLY E 321 33.88 -2.31 2.88
C GLY E 321 33.99 -1.81 1.43
N MET E 322 35.18 -1.37 1.01
CA MET E 322 35.37 -0.61 -0.22
C MET E 322 35.37 -1.52 -1.43
N LYS E 323 35.34 -0.93 -2.60
CA LYS E 323 35.45 -1.65 -3.86
C LYS E 323 36.79 -2.43 -3.85
N ASN E 324 36.75 -3.70 -4.29
CA ASN E 324 37.92 -4.57 -4.32
C ASN E 324 38.65 -4.42 -5.65
N VAL E 325 39.91 -3.96 -5.60
CA VAL E 325 40.68 -3.85 -6.83
C VAL E 325 42.00 -4.56 -6.58
N PRO E 326 42.21 -5.76 -7.16
CA PRO E 326 43.45 -6.51 -6.95
C PRO E 326 44.71 -5.74 -7.30
N GLU E 327 45.82 -6.21 -6.73
CA GLU E 327 47.15 -5.66 -6.98
C GLU E 327 47.65 -6.06 -8.38
N LYS E 328 48.07 -5.06 -9.17
CA LYS E 328 48.64 -5.23 -10.51
C LYS E 328 50.11 -5.66 -10.44
N ILE E 329 50.74 -5.95 -11.60
CA ILE E 329 52.18 -6.18 -11.72
C ILE E 329 52.83 -5.17 -12.68
N ALA F 5 59.45 -1.89 -7.57
CA ALA F 5 58.88 -0.50 -7.72
C ALA F 5 57.56 -0.45 -6.96
N ILE F 6 57.21 0.71 -6.39
CA ILE F 6 55.98 0.77 -5.64
C ILE F 6 54.98 1.69 -6.36
N ALA F 7 53.70 1.46 -6.09
CA ALA F 7 52.63 2.16 -6.78
C ALA F 7 51.50 2.42 -5.78
N GLY F 8 50.75 3.52 -6.02
CA GLY F 8 49.72 3.95 -5.09
C GLY F 8 48.34 3.44 -5.49
N PHE F 9 47.30 4.14 -5.04
CA PHE F 9 45.94 3.66 -5.19
C PHE F 9 45.40 3.90 -6.59
N ILE F 10 46.01 4.80 -7.37
CA ILE F 10 45.41 5.03 -8.67
C ILE F 10 45.55 3.75 -9.48
N GLU F 11 46.72 3.10 -9.38
CA GLU F 11 46.96 1.81 -10.00
C GLU F 11 46.02 0.72 -9.43
N ASN F 12 46.07 0.52 -8.10
CA ASN F 12 45.40 -0.68 -7.62
C ASN F 12 45.30 -0.69 -6.09
N GLY F 13 44.85 -1.82 -5.59
CA GLY F 13 44.83 -1.96 -4.13
C GLY F 13 46.07 -2.75 -3.66
N TRP F 14 46.24 -2.84 -2.34
CA TRP F 14 47.33 -3.57 -1.71
C TRP F 14 46.81 -4.79 -0.97
N GLU F 15 46.94 -5.98 -1.56
CA GLU F 15 46.58 -7.24 -0.90
C GLU F 15 47.27 -7.42 0.46
N GLY F 16 48.49 -6.89 0.57
CA GLY F 16 49.33 -7.05 1.74
C GLY F 16 48.97 -6.17 2.93
N LEU F 17 48.20 -5.09 2.72
CA LEU F 17 47.83 -4.21 3.84
C LEU F 17 46.70 -4.90 4.62
N ILE F 18 47.03 -5.58 5.73
CA ILE F 18 46.01 -6.36 6.43
C ILE F 18 45.62 -5.68 7.74
N ASP F 19 46.11 -4.48 7.92
CA ASP F 19 46.21 -3.82 9.20
C ASP F 19 45.26 -2.61 9.23
N GLY F 20 44.68 -2.30 8.07
CA GLY F 20 43.95 -1.05 7.98
C GLY F 20 43.31 -0.94 6.61
N TRP F 21 42.53 0.12 6.44
CA TRP F 21 41.87 0.37 5.17
C TRP F 21 42.79 1.11 4.20
N TYR F 22 43.54 2.08 4.77
CA TYR F 22 44.47 2.96 4.08
C TYR F 22 45.83 2.93 4.75
N GLY F 23 46.86 3.28 3.99
CA GLY F 23 48.21 3.21 4.51
C GLY F 23 49.18 3.91 3.56
N PHE F 24 50.41 4.00 4.05
CA PHE F 24 51.58 4.54 3.37
C PHE F 24 52.56 3.42 3.08
N ARG F 25 53.05 3.39 1.84
CA ARG F 25 54.16 2.56 1.48
C ARG F 25 55.29 3.47 1.05
N HIS F 26 56.51 3.31 1.61
CA HIS F 26 57.64 4.15 1.22
C HIS F 26 58.85 3.34 0.77
N GLN F 27 59.77 4.05 0.12
CA GLN F 27 61.08 3.58 -0.26
C GLN F 27 62.08 4.69 0.05
N ASN F 28 63.24 4.31 0.65
CA ASN F 28 64.37 5.20 0.90
C ASN F 28 65.67 4.39 0.96
N ALA F 29 66.80 4.98 1.41
CA ALA F 29 68.04 4.22 1.47
C ALA F 29 67.93 3.02 2.43
N GLN F 30 67.14 3.16 3.50
CA GLN F 30 67.07 2.16 4.56
C GLN F 30 66.01 1.11 4.26
N GLY F 31 65.41 1.16 3.05
CA GLY F 31 64.53 0.08 2.63
C GLY F 31 63.09 0.52 2.36
N GLN F 32 62.21 -0.44 2.43
CA GLN F 32 60.88 -0.27 1.91
C GLN F 32 59.90 -0.67 3.01
N GLY F 33 58.90 0.16 3.31
CA GLY F 33 57.95 -0.17 4.37
C GLY F 33 56.49 0.23 4.07
N THR F 34 55.55 -0.50 4.71
CA THR F 34 54.13 -0.20 4.63
C THR F 34 53.59 -0.06 6.05
N ALA F 35 52.82 0.99 6.35
CA ALA F 35 52.18 1.07 7.65
C ALA F 35 50.75 1.55 7.47
N ALA F 36 49.79 0.93 8.19
CA ALA F 36 48.42 1.41 8.14
C ALA F 36 48.32 2.82 8.72
N ASP F 37 47.42 3.64 8.19
CA ASP F 37 47.04 4.88 8.83
C ASP F 37 45.79 4.63 9.66
N TYR F 38 45.95 4.70 10.98
CA TYR F 38 44.91 4.29 11.90
C TYR F 38 43.69 5.22 11.81
N LYS F 39 43.94 6.53 11.85
CA LYS F 39 42.89 7.53 11.97
C LYS F 39 41.92 7.39 10.81
N SER F 40 42.44 7.34 9.57
CA SER F 40 41.51 7.35 8.47
C SER F 40 40.79 6.01 8.33
N THR F 41 41.47 4.92 8.74
CA THR F 41 40.85 3.61 8.82
C THR F 41 39.62 3.68 9.70
N GLN F 42 39.77 4.09 10.97
CA GLN F 42 38.64 4.17 11.90
C GLN F 42 37.54 5.06 11.32
N ALA F 43 37.95 6.22 10.80
CA ALA F 43 36.98 7.12 10.20
C ALA F 43 36.04 6.35 9.25
N ALA F 44 36.63 5.48 8.40
CA ALA F 44 35.85 4.77 7.41
C ALA F 44 35.00 3.68 8.07
N ILE F 45 35.63 2.92 8.98
CA ILE F 45 35.03 1.84 9.71
C ILE F 45 33.88 2.37 10.56
N ASP F 46 33.98 3.63 11.02
CA ASP F 46 32.97 4.19 11.91
C ASP F 46 31.67 4.47 11.13
N GLN F 47 31.75 4.77 9.83
CA GLN F 47 30.53 4.94 9.03
C GLN F 47 30.02 3.58 8.54
N ILE F 48 30.29 2.50 9.29
CA ILE F 48 29.83 1.17 8.96
C ILE F 48 29.28 0.50 10.22
N THR F 49 27.94 0.54 10.25
CA THR F 49 26.97 0.09 11.26
C THR F 49 25.60 0.14 10.59
N GLY F 50 25.64 0.08 9.24
CA GLY F 50 24.47 0.10 8.41
C GLY F 50 23.49 -0.97 8.89
N LYS F 51 24.00 -2.13 9.36
CA LYS F 51 23.11 -3.27 9.55
C LYS F 51 21.94 -2.97 10.49
N LEU F 52 22.22 -2.35 11.64
CA LEU F 52 21.16 -2.00 12.56
C LEU F 52 20.55 -0.63 12.26
N ASN F 53 21.12 0.12 11.31
CA ASN F 53 20.54 1.37 10.83
C ASN F 53 19.56 1.04 9.70
N ARG F 54 19.87 0.01 8.94
CA ARG F 54 18.93 -0.63 8.03
C ARG F 54 17.80 -1.27 8.85
N LEU F 55 18.13 -1.68 10.08
CA LEU F 55 17.26 -2.35 11.04
C LEU F 55 16.49 -1.35 11.91
N ILE F 56 16.99 -0.11 12.06
CA ILE F 56 16.37 0.89 12.94
C ILE F 56 15.03 1.30 12.34
N GLU F 57 14.78 0.93 11.08
CA GLU F 57 13.46 1.00 10.47
C GLU F 57 12.64 -0.24 10.80
N LYS F 58 13.26 -1.25 11.43
CA LYS F 58 12.49 -2.42 11.81
C LYS F 58 11.56 -2.05 12.95
N THR F 59 10.29 -2.41 12.70
CA THR F 59 9.08 -1.76 13.18
C THR F 59 8.95 -1.86 14.69
N ASN F 60 8.41 -0.78 15.26
CA ASN F 60 7.73 -0.77 16.54
C ASN F 60 6.39 -1.51 16.39
N LYS F 61 5.87 -1.53 15.14
CA LYS F 61 4.48 -1.82 14.86
C LYS F 61 4.24 -3.33 14.72
N GLN F 62 3.23 -3.79 15.45
CA GLN F 62 2.85 -5.19 15.45
C GLN F 62 1.67 -5.38 14.49
N PHE F 63 1.78 -6.43 13.65
CA PHE F 63 0.67 -6.84 12.80
C PHE F 63 0.06 -8.17 13.24
N GLU F 64 -1.27 -8.26 13.05
CA GLU F 64 -2.10 -9.42 13.35
C GLU F 64 -2.56 -10.06 12.04
N LEU F 65 -3.05 -11.30 12.16
CA LEU F 65 -3.68 -12.01 11.07
C LEU F 65 -4.96 -11.31 10.66
N ILE F 66 -5.19 -11.35 9.34
CA ILE F 66 -6.25 -10.63 8.67
C ILE F 66 -7.01 -11.67 7.86
N ASP F 67 -6.34 -12.80 7.63
CA ASP F 67 -6.93 -13.97 7.00
C ASP F 67 -6.53 -15.22 7.77
N ASN F 68 -6.78 -16.38 7.17
CA ASN F 68 -6.82 -17.66 7.85
C ASN F 68 -6.22 -18.70 6.93
N GLU F 69 -5.19 -19.39 7.45
CA GLU F 69 -4.44 -20.41 6.73
C GLU F 69 -5.14 -21.77 6.84
N PHE F 70 -5.99 -21.94 7.87
CA PHE F 70 -6.65 -23.21 8.21
C PHE F 70 -8.10 -23.29 7.70
N THR F 71 -8.87 -22.22 7.96
CA THR F 71 -10.24 -22.04 7.48
C THR F 71 -10.29 -20.82 6.56
N GLU F 72 -10.09 -21.03 5.26
CA GLU F 72 -10.09 -19.97 4.26
C GLU F 72 -11.25 -18.99 4.49
N VAL F 73 -10.96 -17.70 4.38
CA VAL F 73 -11.94 -16.62 4.48
C VAL F 73 -12.79 -16.63 3.20
N GLU F 74 -13.99 -16.03 3.26
CA GLU F 74 -14.87 -15.83 2.11
C GLU F 74 -14.08 -15.26 0.92
N GLN F 75 -14.41 -15.73 -0.31
CA GLN F 75 -13.63 -15.51 -1.54
C GLN F 75 -13.38 -14.02 -1.82
N GLN F 76 -14.42 -13.18 -1.74
CA GLN F 76 -14.27 -11.83 -2.25
C GLN F 76 -13.32 -11.02 -1.38
N ILE F 77 -13.51 -11.08 -0.05
CA ILE F 77 -12.63 -10.36 0.85
C ILE F 77 -11.23 -11.01 0.88
N GLY F 78 -11.15 -12.31 0.66
CA GLY F 78 -9.89 -13.01 0.58
C GLY F 78 -9.12 -12.54 -0.65
N ASN F 79 -9.84 -12.21 -1.75
CA ASN F 79 -9.15 -11.69 -2.92
C ASN F 79 -8.63 -10.29 -2.63
N VAL F 80 -9.41 -9.45 -1.94
CA VAL F 80 -9.01 -8.09 -1.62
C VAL F 80 -7.79 -8.12 -0.71
N ILE F 81 -7.86 -8.92 0.38
CA ILE F 81 -6.76 -9.05 1.31
C ILE F 81 -5.48 -9.45 0.57
N ASN F 82 -5.56 -10.60 -0.12
CA ASN F 82 -4.44 -11.17 -0.86
C ASN F 82 -3.80 -10.13 -1.79
N TRP F 83 -4.65 -9.41 -2.52
CA TRP F 83 -4.23 -8.41 -3.46
C TRP F 83 -3.51 -7.28 -2.74
N THR F 84 -4.10 -6.76 -1.65
CA THR F 84 -3.50 -5.75 -0.83
C THR F 84 -2.13 -6.20 -0.33
N ARG F 85 -2.08 -7.38 0.28
CA ARG F 85 -0.80 -7.91 0.76
C ARG F 85 0.26 -7.96 -0.36
N ASP F 86 -0.05 -8.57 -1.51
CA ASP F 86 0.95 -8.70 -2.55
C ASP F 86 1.39 -7.32 -3.01
N SER F 87 0.46 -6.35 -2.94
CA SER F 87 0.75 -4.98 -3.31
C SER F 87 1.78 -4.33 -2.39
N LEU F 88 1.58 -4.52 -1.07
CA LEU F 88 2.54 -4.04 -0.09
C LEU F 88 3.88 -4.78 -0.28
N THR F 89 3.85 -6.07 -0.62
CA THR F 89 5.06 -6.82 -0.85
C THR F 89 5.88 -6.26 -2.01
N GLU F 90 5.24 -5.97 -3.15
CA GLU F 90 5.92 -5.32 -4.25
C GLU F 90 6.67 -4.09 -3.74
N ILE F 91 5.96 -3.27 -2.94
CA ILE F 91 6.47 -2.01 -2.46
C ILE F 91 7.67 -2.20 -1.51
N TRP F 92 7.55 -3.06 -0.49
CA TRP F 92 8.66 -3.25 0.42
C TRP F 92 9.84 -3.88 -0.31
N SER F 93 9.58 -4.80 -1.23
CA SER F 93 10.66 -5.46 -1.94
C SER F 93 11.41 -4.37 -2.68
N TYR F 94 10.65 -3.43 -3.25
CA TYR F 94 11.30 -2.40 -4.04
C TYR F 94 12.09 -1.48 -3.09
N ASN F 95 11.52 -1.12 -1.95
CA ASN F 95 12.20 -0.26 -1.00
C ASN F 95 13.47 -0.94 -0.53
N ALA F 96 13.40 -2.23 -0.16
CA ALA F 96 14.55 -2.93 0.36
C ALA F 96 15.67 -2.91 -0.68
N GLU F 97 15.36 -3.11 -1.95
CA GLU F 97 16.43 -3.29 -2.90
C GLU F 97 17.11 -1.93 -3.14
N LEU F 98 16.30 -0.87 -3.16
CA LEU F 98 16.74 0.51 -3.32
C LEU F 98 17.56 0.92 -2.10
N LEU F 99 17.14 0.55 -0.89
CA LEU F 99 17.87 1.01 0.26
C LEU F 99 19.27 0.40 0.26
N VAL F 100 19.34 -0.90 -0.04
CA VAL F 100 20.59 -1.63 -0.01
C VAL F 100 21.50 -1.03 -1.07
N ALA F 101 20.93 -0.72 -2.24
CA ALA F 101 21.80 -0.36 -3.33
C ALA F 101 22.36 1.03 -3.02
N MET F 102 21.54 1.92 -2.44
CA MET F 102 21.97 3.26 -2.10
C MET F 102 23.05 3.20 -1.01
N GLU F 103 22.83 2.36 0.01
CA GLU F 103 23.87 2.21 1.01
C GLU F 103 25.16 1.73 0.33
N ASN F 104 25.07 0.78 -0.60
CA ASN F 104 26.23 0.21 -1.24
C ASN F 104 26.97 1.30 -2.02
N GLN F 105 26.25 2.18 -2.73
CA GLN F 105 26.88 3.23 -3.50
C GLN F 105 27.61 4.19 -2.56
N HIS F 106 26.94 4.57 -1.49
CA HIS F 106 27.49 5.50 -0.55
C HIS F 106 28.76 4.88 0.02
N THR F 107 28.75 3.58 0.37
CA THR F 107 29.90 2.96 1.03
C THR F 107 31.10 2.96 0.10
N ILE F 108 30.91 2.59 -1.15
CA ILE F 108 31.96 2.61 -2.14
C ILE F 108 32.51 4.01 -2.37
N ASP F 109 31.60 4.99 -2.56
CA ASP F 109 31.99 6.35 -2.89
C ASP F 109 32.77 6.97 -1.72
N LEU F 110 32.36 6.61 -0.52
CA LEU F 110 32.91 7.29 0.62
C LEU F 110 34.31 6.72 0.91
N ALA F 111 34.54 5.46 0.52
CA ALA F 111 35.83 4.85 0.68
C ALA F 111 36.83 5.56 -0.23
N ASP F 112 36.49 5.78 -1.50
CA ASP F 112 37.31 6.53 -2.43
C ASP F 112 37.59 7.94 -1.90
N SER F 113 36.51 8.55 -1.42
CA SER F 113 36.58 9.87 -0.86
C SER F 113 37.64 9.98 0.23
N GLU F 114 37.65 9.01 1.16
CA GLU F 114 38.60 9.10 2.26
C GLU F 114 40.05 8.96 1.78
N MET F 115 40.25 8.02 0.85
CA MET F 115 41.55 7.72 0.28
C MET F 115 42.06 8.99 -0.39
N ASN F 116 41.12 9.70 -1.04
CA ASN F 116 41.48 10.86 -1.81
C ASN F 116 41.93 11.98 -0.87
N LYS F 117 41.23 12.10 0.25
CA LYS F 117 41.46 13.11 1.26
C LYS F 117 42.81 12.86 1.94
N LEU F 118 43.17 11.59 2.21
CA LEU F 118 44.46 11.33 2.84
C LEU F 118 45.56 11.80 1.88
N TYR F 119 45.38 11.44 0.60
CA TYR F 119 46.32 11.75 -0.45
C TYR F 119 46.47 13.26 -0.56
N GLU F 120 45.37 13.99 -0.55
CA GLU F 120 45.43 15.45 -0.68
C GLU F 120 46.17 16.08 0.49
N ARG F 121 46.01 15.47 1.65
CA ARG F 121 46.58 16.03 2.85
C ARG F 121 48.09 15.85 2.75
N VAL F 122 48.55 14.66 2.32
CA VAL F 122 49.97 14.45 2.20
C VAL F 122 50.57 15.41 1.15
N ARG F 123 49.92 15.54 -0.01
CA ARG F 123 50.38 16.44 -1.04
C ARG F 123 50.61 17.82 -0.44
N ARG F 124 49.68 18.24 0.41
CA ARG F 124 49.84 19.59 0.93
C ARG F 124 50.92 19.64 1.98
N GLN F 125 51.20 18.55 2.72
CA GLN F 125 52.34 18.61 3.63
C GLN F 125 53.64 18.81 2.84
N LEU F 126 53.77 18.15 1.67
CA LEU F 126 55.06 18.04 0.99
C LEU F 126 55.38 19.33 0.24
N ARG F 127 54.37 20.17 0.01
CA ARG F 127 54.61 21.47 -0.63
C ARG F 127 55.46 21.32 -1.88
N GLU F 128 56.57 22.07 -2.00
CA GLU F 128 57.36 22.03 -3.20
C GLU F 128 58.48 20.97 -3.09
N ASN F 129 58.38 20.05 -2.14
CA ASN F 129 59.50 19.15 -1.88
C ASN F 129 59.32 17.86 -2.67
N ALA F 130 58.18 17.69 -3.36
CA ALA F 130 57.87 16.40 -4.00
C ALA F 130 57.00 16.60 -5.23
N GLU F 131 56.90 15.58 -6.09
CA GLU F 131 56.03 15.68 -7.26
C GLU F 131 55.13 14.44 -7.32
N GLU F 132 53.89 14.58 -7.75
CA GLU F 132 53.05 13.39 -7.85
C GLU F 132 53.45 12.57 -9.06
N ASP F 133 53.60 11.23 -8.90
CA ASP F 133 54.03 10.36 -9.99
C ASP F 133 52.85 9.90 -10.87
N GLY F 134 51.59 10.08 -10.41
CA GLY F 134 50.48 9.71 -11.27
C GLY F 134 49.91 8.31 -11.00
N THR F 135 50.47 7.65 -10.00
CA THR F 135 50.00 6.36 -9.55
C THR F 135 49.54 6.48 -8.09
N GLY F 136 49.67 7.63 -7.46
CA GLY F 136 49.29 7.76 -6.05
C GLY F 136 50.52 7.85 -5.12
N CYS F 137 51.72 8.00 -5.70
CA CYS F 137 52.97 8.25 -4.99
C CYS F 137 53.49 9.67 -5.16
N PHE F 138 54.30 10.11 -4.18
CA PHE F 138 55.07 11.34 -4.31
C PHE F 138 56.54 10.99 -4.54
N GLU F 139 57.16 11.47 -5.63
CA GLU F 139 58.62 11.41 -5.69
C GLU F 139 59.15 12.55 -4.81
N ILE F 140 59.86 12.18 -3.75
CA ILE F 140 60.40 13.13 -2.80
C ILE F 140 61.80 13.57 -3.25
N PHE F 141 62.02 14.87 -3.45
CA PHE F 141 63.28 15.28 -4.06
C PHE F 141 64.31 15.66 -2.99
N HIS F 142 64.33 14.97 -1.85
CA HIS F 142 65.41 15.06 -0.89
C HIS F 142 65.54 13.75 -0.15
N ARG F 143 66.67 13.45 0.47
CA ARG F 143 66.76 12.26 1.30
C ARG F 143 65.69 12.29 2.40
N CYS F 144 64.96 11.19 2.58
CA CYS F 144 63.91 11.11 3.60
C CYS F 144 64.10 9.77 4.33
N ASP F 145 64.86 9.86 5.43
CA ASP F 145 65.22 8.70 6.24
C ASP F 145 63.96 8.20 6.97
N ASP F 146 64.11 7.10 7.70
CA ASP F 146 62.94 6.53 8.32
C ASP F 146 62.20 7.55 9.17
N GLN F 147 62.92 8.48 9.80
CA GLN F 147 62.25 9.30 10.79
C GLN F 147 61.47 10.40 10.08
N CYS F 148 62.01 10.83 8.94
CA CYS F 148 61.41 11.81 8.06
C CYS F 148 60.11 11.23 7.46
N MET F 149 60.18 9.96 7.00
CA MET F 149 59.00 9.21 6.58
C MET F 149 57.93 9.19 7.67
N GLU F 150 58.29 8.72 8.88
CA GLU F 150 57.38 8.71 10.02
C GLU F 150 56.68 10.07 10.16
N SER F 151 57.45 11.17 10.03
CA SER F 151 56.93 12.51 10.19
C SER F 151 55.91 12.86 9.07
N ILE F 152 56.09 12.32 7.87
CA ILE F 152 55.06 12.42 6.86
C ILE F 152 53.82 11.64 7.32
N ARG F 153 53.99 10.39 7.76
CA ARG F 153 52.82 9.62 8.19
C ARG F 153 52.09 10.31 9.34
N ASN F 154 52.77 10.85 10.35
CA ASN F 154 51.99 11.35 11.48
C ASN F 154 51.77 12.86 11.36
N ASN F 155 51.95 13.45 10.18
CA ASN F 155 51.55 14.83 9.93
C ASN F 155 52.39 15.84 10.73
N THR F 156 53.69 15.55 10.86
CA THR F 156 54.68 16.35 11.58
C THR F 156 55.65 17.05 10.63
N TYR F 157 55.83 16.52 9.41
CA TYR F 157 56.86 16.94 8.47
C TYR F 157 56.87 18.47 8.31
N ASN F 158 58.05 19.08 8.36
CA ASN F 158 58.17 20.53 8.19
C ASN F 158 58.87 20.82 6.86
N HIS F 159 58.08 21.20 5.83
CA HIS F 159 58.59 21.26 4.48
C HIS F 159 59.77 22.23 4.41
N THR F 160 59.75 23.31 5.23
CA THR F 160 60.77 24.34 5.05
C THR F 160 62.15 23.77 5.38
N GLU F 161 62.18 22.69 6.19
CA GLU F 161 63.46 22.11 6.59
C GLU F 161 64.17 21.45 5.40
N TYR F 162 63.46 21.14 4.31
CA TYR F 162 64.09 20.44 3.20
C TYR F 162 63.87 21.21 1.92
N ARG F 163 63.19 22.35 2.01
CA ARG F 163 62.80 23.05 0.80
C ARG F 163 64.02 23.32 -0.11
N GLN F 164 65.09 23.94 0.43
CA GLN F 164 66.21 24.41 -0.39
C GLN F 164 66.85 23.23 -1.11
N GLU F 165 67.11 22.12 -0.39
CA GLU F 165 67.59 20.88 -1.00
C GLU F 165 66.65 20.39 -2.10
N ALA F 166 65.34 20.46 -1.85
CA ALA F 166 64.37 19.82 -2.75
C ALA F 166 64.24 20.62 -4.05
N LEU F 167 64.18 21.96 -3.89
CA LEU F 167 64.07 22.86 -5.03
C LEU F 167 65.28 22.67 -5.94
N GLN F 168 66.50 22.58 -5.37
CA GLN F 168 67.72 22.38 -6.13
C GLN F 168 67.59 21.09 -6.91
N ASN F 169 67.16 20.01 -6.23
CA ASN F 169 67.10 18.74 -6.93
C ASN F 169 66.01 18.77 -7.98
N ARG F 170 64.95 19.59 -7.79
CA ARG F 170 63.90 19.56 -8.82
C ARG F 170 64.35 20.26 -10.11
N ILE F 171 65.21 21.29 -10.02
CA ILE F 171 65.36 22.23 -11.11
C ILE F 171 66.55 21.97 -12.06
#